data_9BNK
#
_entry.id   9BNK
#
_cell.length_a   1.00
_cell.length_b   1.00
_cell.length_c   1.00
_cell.angle_alpha   90.00
_cell.angle_beta   90.00
_cell.angle_gamma   90.00
#
_symmetry.space_group_name_H-M   'P 1'
#
loop_
_entity.id
_entity.type
_entity.pdbx_description
1 polymer 'V031-a.01 heavy chain'
2 polymer 'V031-a.01 light chain'
3 polymer 'Human immunodeficiency virus 1 envelope glycoprotein Gp120'
4 polymer 'Envelope glycoprotein Gp41'
5 branched 2-acetamido-2-deoxy-beta-D-glucopyranose-(1-4)-2-acetamido-2-deoxy-beta-D-glucopyranose
6 branched alpha-D-mannopyranose-(1-2)-alpha-D-mannopyranose-(1-3)-[alpha-D-mannopyranose-(1-6)]beta-D-mannopyranose-(1-4)-2-acetamido-2-deoxy-beta-D-glucopyranose-(1-4)-2-acetamido-2-deoxy-beta-D-glucopyranose
7 branched alpha-D-mannopyranose-(1-3)-beta-D-mannopyranose-(1-4)-2-acetamido-2-deoxy-beta-D-glucopyranose-(1-4)-2-acetamido-2-deoxy-beta-D-glucopyranose
8 branched beta-D-mannopyranose-(1-4)-2-acetamido-2-deoxy-beta-D-glucopyranose-(1-4)-2-acetamido-2-deoxy-beta-D-glucopyranose
9 branched alpha-D-mannopyranose-(1-3)-[alpha-D-mannopyranose-(1-6)]beta-D-mannopyranose-(1-4)-2-acetamido-2-deoxy-beta-D-glucopyranose-(1-4)-2-acetamido-2-deoxy-beta-D-glucopyranose
10 non-polymer 2-acetamido-2-deoxy-beta-D-glucopyranose
#
loop_
_entity_poly.entity_id
_entity_poly.type
_entity_poly.pdbx_seq_one_letter_code
_entity_poly.pdbx_strand_id
1 'polypeptide(L)'
;LVTLKESGPALVTPTQTLTLTCTLSGFSLTTTGMRVNWIRQAPGKALEWLARIDYNEARFYSSSLKTRLSISTDASKNQV
VLRMTNMAPVDTGTYYCARSQQHYYEDA(TYS)TFDWYYFHSRDNGLDSWGQGVVVTVSSASTKGPSVFPLAPSSRSTSE
STAALGCLVKDYFPEPVTVSWNSGSLTSGVHTFPAVLQSSGLYSLSSVVTVPSSSLGTQTYVCNVNHKPSNTKVDKRVEI
KTCGGGLEVLFQ
;
H
2 'polypeptide(L)'
;DIVMTQTPLSLPVTPGEPASISCRSSQSLLDSDGYTHLSWYLQKPGQSPQLLISLVSNRASGVPDRFSGSGSGTDFTLKL
NRVEAEDVGLYYCMQGLQTPYTFGQGTKVEIKRTVAAPSVFIFPPSEDQVKSGTVSVVCLLNNFYPREASVKWKVDGALK
TGNSQESVTEQDSKDNTYSLSSTLTLSSTEYQSHKVYACEVTHQGLSSPVTKSFNRGEC
;
L
3 'polypeptide(L)'
;ENLWVTVYYGVPVWKDAETTLFCASDAKAYETEKHNVWATHACVPTDPNPQEIHLENVTEEFNMWKNNMVEQMHTDIISL
WDQSLKPCVKLTPLCVTLQCTNVTNNITDDMRGELKNCSFNMTTELRDKKQKVYSLFYRLDVVQINENQGNRSNNSNKEY
RLINCNTSACTQACPKVSFEPIPIHYCAPAGFAILKCKDKKFNGTGPCPSVSTVQCTHGIKPVVSTQLLLNGSLAEEEVM
IRSENITNNAKNILVQFNTPVQINCTRPNNNTRKSIRIGPGQAFYATGDIIGDIRQAHCNVSKATWNETLGKVVKQLRKH
FGNNTIIRFANSSGGDLEVTTHSFNCGGEFFYCNTSGLFNSTWISNTSVQGSNSTGSNDSITLPCRIKQIINMWQRIGQC
MYAPPIQGVIRCVSNITGLILTRDGGSTNSTTETFRPGGGDMRDNWRSELYKYKVVKIEPLGVAPTRCKRRVV
;
G,E,F
4 'polypeptide(L)'
;VFLGFLGAAGSTMGAASMTLTVQARNLLSGIVQQQSNLLRAIEAQQHLLKLTVWGIKQLQARVLAVERYLRDQQLLGIWG
CSGKLICCTNVPWNSSWSNRNLSEIWDNMTWLQWDKEISNYTQIIYGLLEESQNQQEKNEQDLLALD
;
B,C,A
#
loop_
_chem_comp.id
_chem_comp.type
_chem_comp.name
_chem_comp.formula
BMA D-saccharide, beta linking beta-D-mannopyranose 'C6 H12 O6'
MAN D-saccharide, alpha linking alpha-D-mannopyranose 'C6 H12 O6'
NAG D-saccharide, beta linking 2-acetamido-2-deoxy-beta-D-glucopyranose 'C8 H15 N O6'
#
# COMPACT_ATOMS: atom_id res chain seq x y z
N LEU A 1 -41.14 -23.24 -37.29
CA LEU A 1 -41.08 -23.89 -35.99
C LEU A 1 -40.14 -25.08 -36.03
N VAL A 2 -39.64 -25.50 -34.86
CA VAL A 2 -38.72 -26.63 -34.80
C VAL A 2 -39.48 -27.93 -35.01
N THR A 3 -39.04 -28.71 -35.99
CA THR A 3 -39.64 -30.00 -36.30
C THR A 3 -38.53 -31.03 -36.46
N LEU A 4 -38.85 -32.28 -36.10
CA LEU A 4 -37.91 -33.38 -36.19
C LEU A 4 -38.57 -34.54 -36.91
N LYS A 5 -37.79 -35.22 -37.76
CA LYS A 5 -38.30 -36.35 -38.54
C LYS A 5 -37.27 -37.46 -38.45
N GLU A 6 -37.75 -38.70 -38.32
CA GLU A 6 -36.91 -39.89 -38.24
C GLU A 6 -37.15 -40.77 -39.45
N SER A 7 -36.15 -41.57 -39.80
CA SER A 7 -36.25 -42.46 -40.93
C SER A 7 -35.37 -43.68 -40.68
N GLY A 8 -35.77 -44.81 -41.27
CA GLY A 8 -35.05 -46.05 -41.13
C GLY A 8 -35.82 -47.21 -41.71
N PRO A 9 -35.24 -48.41 -41.66
CA PRO A 9 -35.94 -49.60 -42.20
C PRO A 9 -37.07 -50.04 -41.28
N ALA A 10 -38.25 -50.25 -41.86
CA ALA A 10 -39.40 -50.66 -41.06
C ALA A 10 -39.29 -52.13 -40.65
N LEU A 11 -38.86 -53.00 -41.55
CA LEU A 11 -38.70 -54.42 -41.28
C LEU A 11 -37.21 -54.73 -41.22
N VAL A 12 -36.74 -55.15 -40.06
CA VAL A 12 -35.34 -55.49 -39.83
C VAL A 12 -35.23 -56.95 -39.43
N THR A 13 -34.34 -57.67 -40.10
CA THR A 13 -34.12 -59.08 -39.80
C THR A 13 -33.40 -59.22 -38.45
N PRO A 14 -33.56 -60.36 -37.77
CA PRO A 14 -32.87 -60.55 -36.48
C PRO A 14 -31.36 -60.59 -36.65
N THR A 15 -30.66 -60.16 -35.59
CA THR A 15 -29.20 -60.07 -35.47
C THR A 15 -28.59 -59.15 -36.53
N GLN A 16 -29.33 -58.17 -37.01
CA GLN A 16 -28.85 -57.23 -38.02
C GLN A 16 -28.73 -55.85 -37.39
N THR A 17 -27.72 -55.09 -37.82
CA THR A 17 -27.52 -53.76 -37.28
C THR A 17 -28.60 -52.80 -37.78
N LEU A 18 -29.27 -52.13 -36.85
CA LEU A 18 -30.33 -51.18 -37.18
C LEU A 18 -29.82 -49.76 -37.07
N THR A 19 -30.04 -48.98 -38.14
CA THR A 19 -29.64 -47.59 -38.16
C THR A 19 -30.90 -46.74 -38.26
N LEU A 20 -30.85 -45.55 -37.66
CA LEU A 20 -31.97 -44.62 -37.64
C LEU A 20 -31.44 -43.23 -37.92
N THR A 21 -32.00 -42.57 -38.94
CA THR A 21 -31.59 -41.24 -39.34
C THR A 21 -32.61 -40.22 -38.90
N CYS A 22 -32.16 -39.22 -38.15
CA CYS A 22 -32.99 -38.14 -37.64
C CYS A 22 -32.62 -36.84 -38.33
N THR A 23 -33.60 -36.16 -38.91
CA THR A 23 -33.39 -34.90 -39.61
C THR A 23 -33.86 -33.76 -38.74
N LEU A 24 -32.98 -32.79 -38.51
CA LEU A 24 -33.30 -31.63 -37.68
C LEU A 24 -33.73 -30.46 -38.55
N SER A 25 -34.85 -29.84 -38.18
CA SER A 25 -35.38 -28.69 -38.91
C SER A 25 -35.73 -27.59 -37.93
N GLY A 26 -35.37 -26.36 -38.30
CA GLY A 26 -35.63 -25.20 -37.46
C GLY A 26 -34.58 -24.92 -36.42
N PHE A 27 -33.60 -25.80 -36.26
CA PHE A 27 -32.52 -25.63 -35.29
C PHE A 27 -31.34 -26.47 -35.73
N SER A 28 -30.21 -26.27 -35.06
CA SER A 28 -29.00 -27.00 -35.36
C SER A 28 -28.37 -27.49 -34.07
N LEU A 29 -27.65 -28.61 -34.16
CA LEU A 29 -26.98 -29.18 -32.99
C LEU A 29 -25.73 -28.40 -32.61
N THR A 30 -25.27 -27.48 -33.47
CA THR A 30 -24.08 -26.69 -33.19
C THR A 30 -24.33 -25.57 -32.19
N THR A 31 -25.58 -25.37 -31.76
CA THR A 31 -25.91 -24.33 -30.79
C THR A 31 -25.28 -24.71 -29.45
N THR A 32 -25.00 -23.69 -28.62
CA THR A 32 -24.35 -23.89 -27.33
C THR A 32 -25.14 -24.71 -26.32
N GLY A 33 -26.42 -25.02 -26.55
CA GLY A 33 -27.14 -25.79 -25.56
C GLY A 33 -28.04 -26.88 -26.09
N MET A 34 -28.10 -27.05 -27.41
CA MET A 34 -28.95 -28.07 -28.00
C MET A 34 -28.40 -29.48 -27.79
N ARG A 35 -29.32 -30.44 -27.75
CA ARG A 35 -29.01 -31.85 -27.61
C ARG A 35 -30.23 -32.65 -28.08
N VAL A 36 -29.97 -33.78 -28.75
CA VAL A 36 -31.02 -34.62 -29.30
C VAL A 36 -31.00 -35.97 -28.60
N ASN A 37 -32.16 -36.39 -28.10
CA ASN A 37 -32.33 -37.65 -27.39
C ASN A 37 -32.91 -38.72 -28.34
N TRP A 38 -33.07 -39.92 -27.79
CA TRP A 38 -33.62 -41.06 -28.53
C TRP A 38 -34.40 -41.92 -27.55
N ILE A 39 -35.72 -41.96 -27.71
CA ILE A 39 -36.59 -42.73 -26.84
C ILE A 39 -37.42 -43.68 -27.69
N ARG A 40 -37.43 -44.96 -27.32
CA ARG A 40 -38.19 -45.98 -28.03
C ARG A 40 -39.41 -46.36 -27.20
N GLN A 41 -40.43 -46.90 -27.85
CA GLN A 41 -41.65 -47.30 -27.17
C GLN A 41 -42.17 -48.61 -27.75
N ALA A 42 -42.29 -49.62 -26.90
CA ALA A 42 -42.80 -50.91 -27.32
C ALA A 42 -44.32 -50.83 -27.46
N PRO A 43 -44.93 -51.71 -28.29
CA PRO A 43 -46.40 -51.67 -28.44
C PRO A 43 -47.15 -52.00 -27.16
N GLY A 44 -47.86 -51.01 -26.62
CA GLY A 44 -48.62 -51.20 -25.40
C GLY A 44 -47.78 -51.24 -24.15
N LYS A 45 -46.63 -50.58 -24.17
CA LYS A 45 -45.74 -50.55 -23.01
C LYS A 45 -45.24 -49.13 -22.78
N ALA A 46 -44.43 -48.97 -21.74
CA ALA A 46 -43.89 -47.67 -21.38
C ALA A 46 -42.72 -47.27 -22.27
N LEU A 47 -42.38 -45.99 -22.21
CA LEU A 47 -41.28 -45.44 -22.99
C LEU A 47 -39.94 -45.86 -22.38
N GLU A 48 -38.89 -45.80 -23.19
CA GLU A 48 -37.56 -46.18 -22.74
C GLU A 48 -36.53 -45.29 -23.43
N TRP A 49 -35.82 -44.50 -22.64
CA TRP A 49 -34.79 -43.61 -23.16
C TRP A 49 -33.58 -44.44 -23.58
N LEU A 50 -33.15 -44.31 -24.83
CA LEU A 50 -32.04 -45.09 -25.33
C LEU A 50 -30.70 -44.35 -25.24
N ALA A 51 -30.57 -43.23 -25.93
CA ALA A 51 -29.31 -42.49 -25.92
C ALA A 51 -29.56 -41.04 -26.30
N ARG A 52 -28.53 -40.21 -26.11
CA ARG A 52 -28.59 -38.80 -26.44
C ARG A 52 -27.17 -38.31 -26.73
N ILE A 53 -27.09 -37.21 -27.48
CA ILE A 53 -25.83 -36.60 -27.85
C ILE A 53 -25.93 -35.10 -27.60
N ASP A 54 -24.90 -34.52 -27.00
CA ASP A 54 -24.90 -33.10 -26.70
C ASP A 54 -24.25 -32.31 -27.83
N TYR A 55 -24.08 -31.01 -27.59
CA TYR A 55 -23.48 -30.12 -28.57
C TYR A 55 -21.97 -30.30 -28.65
N ASN A 56 -21.32 -30.64 -27.53
CA ASN A 56 -19.88 -30.84 -27.48
C ASN A 56 -19.49 -32.29 -27.71
N GLU A 57 -20.27 -33.02 -28.52
CA GLU A 57 -20.08 -34.43 -28.87
C GLU A 57 -20.09 -35.34 -27.65
N ALA A 58 -20.80 -34.96 -26.59
CA ALA A 58 -20.91 -35.77 -25.39
C ALA A 58 -22.01 -36.80 -25.61
N ARG A 59 -21.63 -38.07 -25.68
CA ARG A 59 -22.58 -39.15 -25.92
C ARG A 59 -22.93 -39.84 -24.61
N PHE A 60 -24.22 -40.03 -24.38
CA PHE A 60 -24.75 -40.69 -23.19
C PHE A 60 -25.63 -41.84 -23.65
N TYR A 61 -25.46 -43.00 -23.02
CA TYR A 61 -26.25 -44.18 -23.37
C TYR A 61 -26.85 -44.79 -22.11
N SER A 62 -27.72 -45.78 -22.31
CA SER A 62 -28.33 -46.46 -21.19
C SER A 62 -27.36 -47.48 -20.60
N SER A 63 -27.58 -47.82 -19.33
CA SER A 63 -26.69 -48.77 -18.66
C SER A 63 -26.86 -50.19 -19.17
N SER A 64 -28.10 -50.61 -19.43
CA SER A 64 -28.32 -51.97 -19.90
C SER A 64 -27.97 -52.15 -21.38
N LEU A 65 -28.14 -51.10 -22.17
CA LEU A 65 -27.87 -51.15 -23.61
C LEU A 65 -26.68 -50.31 -24.03
N LYS A 66 -25.63 -50.25 -23.22
CA LYS A 66 -24.46 -49.46 -23.57
C LYS A 66 -23.63 -50.13 -24.67
N THR A 67 -23.48 -51.46 -24.59
CA THR A 67 -22.69 -52.19 -25.57
C THR A 67 -23.38 -52.36 -26.92
N ARG A 68 -24.67 -52.04 -27.03
CA ARG A 68 -25.38 -52.19 -28.29
C ARG A 68 -25.70 -50.87 -28.99
N LEU A 69 -25.76 -49.77 -28.26
CA LEU A 69 -26.08 -48.48 -28.87
C LEU A 69 -24.81 -47.75 -29.31
N SER A 70 -24.98 -46.92 -30.34
CA SER A 70 -23.89 -46.12 -30.90
C SER A 70 -24.52 -44.92 -31.60
N ILE A 71 -24.33 -43.73 -31.04
CA ILE A 71 -24.90 -42.51 -31.60
C ILE A 71 -23.78 -41.66 -32.20
N SER A 72 -24.13 -40.93 -33.26
CA SER A 72 -23.18 -40.07 -33.96
C SER A 72 -23.96 -38.99 -34.70
N THR A 73 -23.24 -37.91 -35.06
CA THR A 73 -23.85 -36.81 -35.77
C THR A 73 -22.78 -36.05 -36.55
N ASP A 74 -23.25 -35.21 -37.47
CA ASP A 74 -22.38 -34.38 -38.31
C ASP A 74 -23.03 -33.01 -38.45
N ALA A 75 -22.21 -31.97 -38.61
CA ALA A 75 -22.74 -30.62 -38.76
C ALA A 75 -22.91 -30.23 -40.22
N SER A 76 -22.55 -31.12 -41.14
CA SER A 76 -22.66 -30.80 -42.56
C SER A 76 -24.12 -30.81 -43.00
N LYS A 77 -24.76 -31.96 -42.96
CA LYS A 77 -26.15 -32.07 -43.37
C LYS A 77 -27.13 -31.91 -42.21
N ASN A 78 -26.63 -31.68 -40.99
CA ASN A 78 -27.43 -31.50 -39.78
C ASN A 78 -28.34 -32.70 -39.52
N GLN A 79 -27.72 -33.85 -39.26
CA GLN A 79 -28.46 -35.08 -39.04
C GLN A 79 -27.81 -35.87 -37.91
N VAL A 80 -28.64 -36.64 -37.21
CA VAL A 80 -28.21 -37.49 -36.10
C VAL A 80 -28.52 -38.92 -36.48
N VAL A 81 -27.52 -39.80 -36.36
CA VAL A 81 -27.65 -41.21 -36.71
C VAL A 81 -27.38 -42.06 -35.48
N LEU A 82 -28.33 -42.93 -35.15
CA LEU A 82 -28.23 -43.84 -34.02
C LEU A 82 -28.08 -45.26 -34.56
N ARG A 83 -27.05 -45.96 -34.10
CA ARG A 83 -26.78 -47.33 -34.52
C ARG A 83 -27.08 -48.30 -33.40
N MET A 84 -27.77 -49.39 -33.74
CA MET A 84 -28.16 -50.42 -32.79
C MET A 84 -27.74 -51.77 -33.36
N THR A 85 -26.82 -52.45 -32.67
CA THR A 85 -26.33 -53.74 -33.11
C THR A 85 -27.00 -54.88 -32.36
N ASN A 86 -27.06 -56.05 -33.02
CA ASN A 86 -27.66 -57.29 -32.49
C ASN A 86 -29.12 -57.07 -32.08
N MET A 87 -29.96 -56.80 -33.07
CA MET A 87 -31.37 -56.58 -32.80
C MET A 87 -32.08 -57.88 -32.48
N ALA A 88 -32.86 -57.86 -31.42
CA ALA A 88 -33.66 -58.93 -30.88
C ALA A 88 -35.12 -58.74 -31.29
N PRO A 89 -35.92 -59.83 -31.38
CA PRO A 89 -37.33 -59.65 -31.76
C PRO A 89 -38.16 -58.92 -30.71
N VAL A 90 -37.67 -58.85 -29.47
CA VAL A 90 -38.38 -58.15 -28.41
C VAL A 90 -38.18 -56.65 -28.49
N ASP A 91 -37.25 -56.19 -29.34
CA ASP A 91 -36.97 -54.78 -29.53
C ASP A 91 -37.91 -54.10 -30.51
N THR A 92 -38.93 -54.82 -30.98
CA THR A 92 -39.89 -54.24 -31.91
C THR A 92 -40.73 -53.18 -31.22
N GLY A 93 -40.84 -52.02 -31.85
CA GLY A 93 -41.61 -50.93 -31.29
C GLY A 93 -41.36 -49.63 -32.03
N THR A 94 -42.04 -48.59 -31.58
CA THR A 94 -41.89 -47.27 -32.18
C THR A 94 -40.68 -46.56 -31.59
N TYR A 95 -39.83 -46.03 -32.46
CA TYR A 95 -38.62 -45.33 -32.04
C TYR A 95 -38.79 -43.85 -32.33
N TYR A 96 -38.81 -43.05 -31.27
CA TYR A 96 -38.96 -41.60 -31.37
C TYR A 96 -37.62 -40.90 -31.14
N CYS A 97 -37.63 -39.59 -31.32
CA CYS A 97 -36.48 -38.74 -31.11
C CYS A 97 -37.00 -37.49 -30.41
N ALA A 98 -36.15 -36.83 -29.64
CA ALA A 98 -36.58 -35.64 -28.92
C ALA A 98 -35.51 -34.56 -28.93
N ARG A 99 -35.93 -33.37 -28.48
CA ARG A 99 -35.07 -32.20 -28.41
C ARG A 99 -35.13 -31.63 -27.01
N SER A 100 -33.96 -31.29 -26.46
CA SER A 100 -33.84 -30.70 -25.14
C SER A 100 -32.76 -29.63 -25.21
N GLN A 101 -32.79 -28.71 -24.25
CA GLN A 101 -31.80 -27.65 -24.25
C GLN A 101 -31.48 -27.20 -22.84
N GLN A 102 -30.24 -26.71 -22.66
CA GLN A 102 -29.77 -26.24 -21.37
C GLN A 102 -30.32 -24.86 -21.00
N HIS A 103 -30.98 -24.18 -21.95
CA HIS A 103 -31.58 -22.85 -21.78
C HIS A 103 -30.53 -21.81 -21.36
N TYR A 104 -29.61 -21.57 -22.28
CA TYR A 104 -28.56 -20.59 -22.05
C TYR A 104 -29.10 -19.18 -22.18
N TYR A 105 -28.76 -18.32 -21.23
CA TYR A 105 -29.20 -16.93 -21.21
C TYR A 105 -27.99 -16.01 -21.35
N GLU A 106 -28.22 -14.83 -21.93
CA GLU A 106 -27.17 -13.85 -22.13
C GLU A 106 -27.24 -12.78 -21.06
N ASP A 107 -26.09 -12.45 -20.47
CA ASP A 107 -26.01 -11.43 -19.43
C ASP A 107 -26.11 -10.05 -20.07
N ALA A 108 -26.55 -9.08 -19.28
CA ALA A 108 -26.70 -7.72 -19.76
C ALA A 108 -25.44 -6.89 -19.55
N TYS A 109 -24.78 -7.08 -18.42
CA TYS A 109 -23.54 -6.36 -18.10
CB TYS A 109 -23.14 -6.54 -16.64
CG TYS A 109 -21.86 -5.87 -16.26
CD1 TYS A 109 -20.71 -6.63 -16.03
CD2 TYS A 109 -21.76 -4.49 -16.14
CE1 TYS A 109 -19.51 -6.03 -15.68
CE2 TYS A 109 -20.56 -3.87 -15.80
CZ TYS A 109 -19.43 -4.65 -15.57
OH TYS A 109 -18.25 -4.06 -15.22
S TYS A 109 -17.55 -3.02 -16.33
O1 TYS A 109 -18.18 -1.72 -16.09
O2 TYS A 109 -17.86 -3.60 -17.63
O3 TYS A 109 -16.15 -3.11 -15.93
C TYS A 109 -22.46 -6.86 -19.03
O TYS A 109 -22.09 -6.20 -20.00
N THR A 110 -21.97 -8.07 -18.74
CA THR A 110 -20.96 -8.69 -19.59
C THR A 110 -21.77 -9.38 -20.67
N PHE A 111 -21.15 -9.74 -21.79
CA PHE A 111 -21.86 -10.40 -22.87
C PHE A 111 -21.61 -11.91 -22.89
N ASP A 112 -21.45 -12.50 -21.71
CA ASP A 112 -21.22 -13.94 -21.58
C ASP A 112 -22.55 -14.67 -21.49
N TRP A 113 -22.63 -15.81 -22.16
CA TRP A 113 -23.84 -16.63 -22.15
C TRP A 113 -23.74 -17.58 -20.96
N TYR A 114 -24.62 -17.37 -19.97
CA TYR A 114 -24.63 -18.18 -18.77
C TYR A 114 -25.79 -19.17 -18.78
N TYR A 115 -25.90 -19.92 -17.69
CA TYR A 115 -26.94 -20.91 -17.50
C TYR A 115 -27.18 -21.07 -16.00
N PHE A 116 -28.35 -21.61 -15.66
CA PHE A 116 -28.68 -21.81 -14.25
C PHE A 116 -28.39 -23.24 -13.82
N HIS A 117 -28.64 -24.21 -14.70
CA HIS A 117 -28.39 -25.62 -14.42
C HIS A 117 -27.89 -26.26 -15.70
N SER A 118 -27.17 -27.37 -15.54
CA SER A 118 -26.57 -28.10 -16.65
C SER A 118 -27.32 -29.38 -16.99
N ARG A 119 -28.64 -29.37 -16.97
CA ARG A 119 -29.40 -30.57 -17.28
C ARG A 119 -30.32 -30.36 -18.49
N ASP A 120 -31.16 -31.38 -18.72
CA ASP A 120 -32.07 -31.41 -19.87
C ASP A 120 -33.09 -30.28 -19.87
N ASN A 121 -33.66 -29.96 -18.70
CA ASN A 121 -34.69 -28.94 -18.53
C ASN A 121 -35.93 -29.24 -19.37
N GLY A 122 -36.36 -30.49 -19.41
CA GLY A 122 -37.52 -30.88 -20.17
C GLY A 122 -37.21 -31.10 -21.64
N LEU A 123 -37.94 -32.04 -22.25
CA LEU A 123 -37.78 -32.37 -23.67
C LEU A 123 -38.84 -31.56 -24.43
N ASP A 124 -38.41 -30.46 -25.02
CA ASP A 124 -39.27 -29.52 -25.75
C ASP A 124 -40.05 -30.12 -26.91
N SER A 125 -39.35 -30.57 -27.95
CA SER A 125 -40.01 -31.12 -29.13
C SER A 125 -39.73 -32.61 -29.25
N TRP A 126 -40.63 -33.29 -29.96
CA TRP A 126 -40.55 -34.73 -30.19
C TRP A 126 -40.76 -35.00 -31.67
N GLY A 127 -40.15 -36.07 -32.16
CA GLY A 127 -40.29 -36.45 -33.56
C GLY A 127 -41.54 -37.26 -33.80
N GLN A 128 -41.81 -37.52 -35.09
CA GLN A 128 -42.99 -38.30 -35.45
C GLN A 128 -42.83 -39.76 -35.05
N GLY A 129 -41.64 -40.31 -35.19
CA GLY A 129 -41.37 -41.69 -34.83
C GLY A 129 -41.67 -42.65 -35.96
N VAL A 130 -40.83 -43.69 -36.05
CA VAL A 130 -40.96 -44.72 -37.06
C VAL A 130 -41.24 -46.04 -36.35
N VAL A 131 -41.87 -46.97 -37.07
CA VAL A 131 -42.21 -48.28 -36.52
C VAL A 131 -41.18 -49.28 -37.03
N VAL A 132 -40.41 -49.85 -36.12
CA VAL A 132 -39.38 -50.83 -36.46
C VAL A 132 -39.87 -52.20 -36.00
N THR A 133 -40.03 -53.11 -36.95
CA THR A 133 -40.50 -54.46 -36.68
C THR A 133 -39.34 -55.42 -36.87
N VAL A 134 -39.09 -56.26 -35.87
CA VAL A 134 -38.00 -57.24 -35.90
C VAL A 134 -38.65 -58.61 -36.02
N SER A 135 -38.65 -59.16 -37.23
CA SER A 135 -39.23 -60.47 -37.48
C SER A 135 -38.58 -61.06 -38.73
N SER A 136 -38.73 -62.38 -38.88
CA SER A 136 -38.17 -63.08 -40.02
C SER A 136 -39.19 -63.15 -41.17
N ASP B 1 -29.77 -47.21 -11.97
CA ASP B 1 -30.83 -46.39 -12.53
C ASP B 1 -31.89 -46.07 -11.48
N ILE B 2 -32.54 -44.93 -11.61
CA ILE B 2 -33.57 -44.51 -10.67
C ILE B 2 -34.90 -45.08 -11.12
N VAL B 3 -35.45 -45.99 -10.33
CA VAL B 3 -36.74 -46.62 -10.64
C VAL B 3 -37.86 -45.63 -10.35
N MET B 4 -38.76 -45.46 -11.32
CA MET B 4 -39.88 -44.55 -11.21
C MET B 4 -41.17 -45.34 -11.05
N THR B 5 -41.98 -44.97 -10.06
CA THR B 5 -43.25 -45.63 -9.78
C THR B 5 -44.38 -44.64 -10.01
N GLN B 6 -45.40 -45.08 -10.74
CA GLN B 6 -46.55 -44.25 -11.05
C GLN B 6 -47.83 -44.95 -10.61
N THR B 7 -48.61 -44.25 -9.78
CA THR B 7 -49.87 -44.74 -9.26
C THR B 7 -50.94 -43.72 -9.62
N PRO B 8 -52.12 -44.14 -10.09
CA PRO B 8 -52.54 -45.53 -10.34
C PRO B 8 -52.22 -45.96 -11.77
N LEU B 9 -52.50 -47.22 -12.13
CA LEU B 9 -52.22 -47.67 -13.49
C LEU B 9 -53.23 -47.10 -14.48
N SER B 10 -54.50 -47.02 -14.07
CA SER B 10 -55.57 -46.48 -14.90
C SER B 10 -56.35 -45.47 -14.08
N LEU B 11 -56.78 -44.39 -14.72
CA LEU B 11 -57.53 -43.32 -14.06
C LEU B 11 -58.80 -43.00 -14.82
N PRO B 12 -59.86 -43.78 -14.62
CA PRO B 12 -61.12 -43.50 -15.32
C PRO B 12 -61.91 -42.41 -14.60
N VAL B 13 -62.06 -41.26 -15.26
CA VAL B 13 -62.78 -40.13 -14.70
C VAL B 13 -63.73 -39.54 -15.72
N THR B 14 -64.76 -38.86 -15.20
CA THR B 14 -65.80 -38.19 -15.97
C THR B 14 -65.31 -36.81 -16.39
N PRO B 15 -65.85 -36.26 -17.49
CA PRO B 15 -65.41 -34.93 -17.93
C PRO B 15 -65.83 -33.84 -16.94
N GLY B 16 -64.90 -32.92 -16.67
CA GLY B 16 -65.13 -31.84 -15.73
C GLY B 16 -64.77 -32.15 -14.30
N GLU B 17 -64.40 -33.39 -13.98
CA GLU B 17 -63.99 -33.90 -12.68
C GLU B 17 -62.48 -33.81 -12.51
N PRO B 18 -62.00 -33.31 -11.38
CA PRO B 18 -60.55 -33.21 -11.17
C PRO B 18 -59.91 -34.57 -11.00
N ALA B 19 -58.63 -34.65 -11.39
CA ALA B 19 -57.86 -35.88 -11.29
C ALA B 19 -56.43 -35.55 -10.93
N SER B 20 -55.76 -36.51 -10.28
CA SER B 20 -54.38 -36.34 -9.86
C SER B 20 -53.62 -37.62 -10.08
N ILE B 21 -52.39 -37.52 -10.60
CA ILE B 21 -51.52 -38.65 -10.87
C ILE B 21 -50.30 -38.55 -9.96
N SER B 22 -50.11 -39.55 -9.11
CA SER B 22 -48.99 -39.56 -8.19
C SER B 22 -47.76 -40.16 -8.85
N CYS B 23 -46.60 -39.82 -8.28
CA CYS B 23 -45.32 -40.31 -8.80
C CYS B 23 -44.30 -40.30 -7.68
N ARG B 24 -43.36 -41.25 -7.75
CA ARG B 24 -42.32 -41.38 -6.75
C ARG B 24 -41.01 -41.72 -7.43
N SER B 25 -39.92 -41.60 -6.67
CA SER B 25 -38.58 -41.89 -7.15
C SER B 25 -37.81 -42.63 -6.07
N SER B 26 -36.77 -43.36 -6.49
CA SER B 26 -35.94 -44.09 -5.53
C SER B 26 -35.10 -43.15 -4.69
N GLN B 27 -34.57 -42.10 -5.31
CA GLN B 27 -33.75 -41.11 -4.62
C GLN B 27 -34.28 -39.72 -4.95
N SER B 28 -33.78 -38.74 -4.21
CA SER B 28 -34.20 -37.36 -4.41
C SER B 28 -33.65 -36.82 -5.72
N LEU B 29 -34.50 -36.11 -6.46
CA LEU B 29 -34.11 -35.52 -7.74
C LEU B 29 -33.63 -34.08 -7.61
N LEU B 30 -33.29 -33.65 -6.39
CA LEU B 30 -32.83 -32.29 -6.19
C LEU B 30 -31.37 -32.15 -6.63
N ASP B 31 -31.13 -31.23 -7.57
CA ASP B 31 -29.80 -30.97 -8.07
C ASP B 31 -29.03 -30.14 -7.04
N SER B 32 -27.71 -30.10 -7.19
CA SER B 32 -26.86 -29.34 -6.27
C SER B 32 -27.11 -27.83 -6.36
N ASP B 33 -27.70 -27.35 -7.45
CA ASP B 33 -27.99 -25.94 -7.63
C ASP B 33 -29.35 -25.54 -7.08
N GLY B 34 -30.11 -26.48 -6.53
CA GLY B 34 -31.42 -26.18 -5.98
C GLY B 34 -32.59 -26.37 -6.91
N TYR B 35 -32.40 -27.06 -8.03
CA TYR B 35 -33.46 -27.30 -9.00
C TYR B 35 -33.89 -28.77 -8.94
N THR B 36 -35.21 -29.00 -8.92
CA THR B 36 -35.74 -30.35 -8.90
C THR B 36 -36.11 -30.69 -10.34
N HIS B 37 -35.46 -31.71 -10.89
CA HIS B 37 -35.67 -32.10 -12.28
C HIS B 37 -36.67 -33.24 -12.40
N LEU B 38 -37.83 -32.94 -12.98
CA LEU B 38 -38.90 -33.90 -13.22
C LEU B 38 -39.86 -33.32 -14.26
N SER B 39 -40.23 -34.10 -15.26
CA SER B 39 -41.12 -33.64 -16.31
C SER B 39 -42.24 -34.64 -16.55
N TRP B 40 -43.36 -34.13 -17.05
CA TRP B 40 -44.55 -34.92 -17.36
C TRP B 40 -44.80 -34.87 -18.86
N TYR B 41 -45.20 -36.01 -19.42
CA TYR B 41 -45.47 -36.13 -20.84
C TYR B 41 -46.82 -36.81 -21.09
N LEU B 42 -47.53 -36.32 -22.11
CA LEU B 42 -48.82 -36.85 -22.50
C LEU B 42 -48.71 -37.42 -23.90
N GLN B 43 -49.16 -38.66 -24.07
CA GLN B 43 -49.12 -39.34 -25.36
C GLN B 43 -50.55 -39.62 -25.79
N LYS B 44 -51.04 -38.82 -26.74
CA LYS B 44 -52.38 -38.99 -27.26
C LYS B 44 -52.46 -40.28 -28.08
N PRO B 45 -53.64 -40.89 -28.19
CA PRO B 45 -53.76 -42.13 -28.98
C PRO B 45 -53.50 -41.87 -30.45
N GLY B 46 -52.43 -42.48 -30.95
CA GLY B 46 -52.03 -42.31 -32.34
C GLY B 46 -51.13 -41.13 -32.60
N GLN B 47 -50.64 -40.47 -31.55
CA GLN B 47 -49.75 -39.32 -31.70
C GLN B 47 -48.54 -39.50 -30.80
N SER B 48 -47.47 -38.78 -31.15
CA SER B 48 -46.23 -38.81 -30.41
C SER B 48 -46.38 -38.07 -29.08
N PRO B 49 -45.60 -38.45 -28.06
CA PRO B 49 -45.71 -37.77 -26.77
C PRO B 49 -45.26 -36.31 -26.84
N GLN B 50 -45.85 -35.49 -25.97
CA GLN B 50 -45.53 -34.07 -25.92
C GLN B 50 -45.29 -33.67 -24.48
N LEU B 51 -44.48 -32.63 -24.30
CA LEU B 51 -44.15 -32.15 -22.96
C LEU B 51 -45.31 -31.35 -22.37
N LEU B 52 -45.59 -31.60 -21.09
CA LEU B 52 -46.66 -30.90 -20.38
C LEU B 52 -46.09 -29.96 -19.33
N ILE B 53 -45.35 -30.49 -18.37
CA ILE B 53 -44.74 -29.73 -17.28
C ILE B 53 -43.25 -30.06 -17.26
N SER B 54 -42.44 -29.06 -16.90
CA SER B 54 -41.00 -29.23 -16.80
C SER B 54 -40.57 -28.63 -15.47
N LEU B 55 -39.54 -29.24 -14.86
CA LEU B 55 -38.99 -28.82 -13.57
C LEU B 55 -40.07 -28.75 -12.48
N VAL B 56 -40.92 -29.80 -12.47
CA VAL B 56 -42.04 -30.02 -11.53
C VAL B 56 -43.17 -29.00 -11.66
N SER B 57 -42.86 -27.70 -11.65
CA SER B 57 -43.92 -26.69 -11.71
C SER B 57 -43.94 -25.80 -12.95
N ASN B 58 -42.85 -25.68 -13.69
CA ASN B 58 -42.86 -24.79 -14.87
C ASN B 58 -43.66 -25.42 -16.00
N ARG B 59 -44.72 -24.74 -16.42
CA ARG B 59 -45.58 -25.21 -17.49
C ARG B 59 -44.92 -24.99 -18.85
N ALA B 60 -45.26 -25.85 -19.81
CA ALA B 60 -44.72 -25.77 -21.15
C ALA B 60 -45.45 -24.69 -21.96
N SER B 61 -44.81 -24.26 -23.04
CA SER B 61 -45.40 -23.24 -23.89
C SER B 61 -46.48 -23.85 -24.78
N GLY B 62 -47.66 -23.22 -24.79
CA GLY B 62 -48.78 -23.68 -25.60
C GLY B 62 -49.61 -24.78 -24.96
N VAL B 63 -49.24 -25.25 -23.79
CA VAL B 63 -49.99 -26.31 -23.09
C VAL B 63 -51.15 -25.62 -22.39
N PRO B 64 -52.27 -26.31 -22.11
CA PRO B 64 -53.38 -25.65 -21.42
C PRO B 64 -53.05 -25.28 -19.98
N ASP B 65 -53.81 -24.31 -19.47
CA ASP B 65 -53.63 -23.80 -18.12
C ASP B 65 -54.09 -24.82 -17.07
N ARG B 66 -55.01 -25.72 -17.43
CA ARG B 66 -55.51 -26.73 -16.49
C ARG B 66 -54.43 -27.68 -15.98
N PHE B 67 -53.37 -27.90 -16.76
CA PHE B 67 -52.31 -28.79 -16.32
C PHE B 67 -51.44 -28.10 -15.28
N SER B 68 -51.17 -28.80 -14.18
CA SER B 68 -50.34 -28.24 -13.12
C SER B 68 -49.62 -29.38 -12.41
N GLY B 69 -48.50 -29.04 -11.79
CA GLY B 69 -47.71 -30.04 -11.07
C GLY B 69 -47.10 -29.44 -9.83
N SER B 70 -46.81 -30.32 -8.87
CA SER B 70 -46.22 -29.90 -7.61
C SER B 70 -45.49 -31.09 -7.00
N GLY B 71 -44.82 -30.84 -5.88
CA GLY B 71 -44.08 -31.85 -5.17
C GLY B 71 -42.59 -31.53 -5.10
N SER B 72 -41.92 -32.23 -4.21
CA SER B 72 -40.48 -32.05 -4.00
C SER B 72 -39.92 -33.31 -3.38
N GLY B 73 -38.60 -33.45 -3.49
CA GLY B 73 -37.92 -34.61 -2.93
C GLY B 73 -38.14 -35.87 -3.73
N THR B 74 -38.87 -36.82 -3.15
CA THR B 74 -39.17 -38.10 -3.80
C THR B 74 -40.65 -38.31 -4.05
N ASP B 75 -41.48 -37.27 -3.89
CA ASP B 75 -42.91 -37.39 -4.10
C ASP B 75 -43.37 -36.25 -5.01
N PHE B 76 -44.04 -36.63 -6.11
CA PHE B 76 -44.49 -35.62 -7.11
C PHE B 76 -45.89 -36.00 -7.59
N THR B 77 -46.82 -35.04 -7.56
CA THR B 77 -48.20 -35.25 -7.99
C THR B 77 -48.51 -34.31 -9.14
N LEU B 78 -49.24 -34.81 -10.13
CA LEU B 78 -49.66 -34.03 -11.29
C LEU B 78 -51.15 -33.76 -11.12
N LYS B 79 -51.48 -32.59 -10.60
CA LYS B 79 -52.86 -32.21 -10.34
C LYS B 79 -53.50 -31.60 -11.59
N LEU B 80 -54.65 -32.14 -11.98
CA LEU B 80 -55.42 -31.66 -13.12
C LEU B 80 -56.72 -31.11 -12.56
N ASN B 81 -56.94 -29.80 -12.77
CA ASN B 81 -58.16 -29.17 -12.26
C ASN B 81 -59.41 -29.68 -12.95
N ARG B 82 -59.42 -29.67 -14.28
CA ARG B 82 -60.58 -30.13 -15.04
C ARG B 82 -60.11 -31.09 -16.12
N VAL B 83 -60.80 -32.22 -16.24
CA VAL B 83 -60.47 -33.23 -17.24
C VAL B 83 -61.42 -33.04 -18.41
N GLU B 84 -60.87 -32.82 -19.60
CA GLU B 84 -61.67 -32.61 -20.79
C GLU B 84 -61.80 -33.90 -21.59
N ALA B 85 -62.59 -33.84 -22.66
CA ALA B 85 -62.79 -35.01 -23.52
C ALA B 85 -61.59 -35.25 -24.42
N GLU B 86 -60.69 -34.28 -24.56
CA GLU B 86 -59.49 -34.40 -25.38
C GLU B 86 -58.27 -34.79 -24.56
N ASP B 87 -58.32 -34.62 -23.24
CA ASP B 87 -57.22 -34.96 -22.34
C ASP B 87 -57.02 -36.46 -22.15
N VAL B 88 -57.80 -37.31 -22.82
CA VAL B 88 -57.64 -38.75 -22.66
C VAL B 88 -56.37 -39.21 -23.36
N GLY B 89 -55.61 -40.07 -22.68
CA GLY B 89 -54.37 -40.57 -23.24
C GLY B 89 -53.52 -41.20 -22.15
N LEU B 90 -52.24 -41.36 -22.48
CA LEU B 90 -51.26 -41.94 -21.58
C LEU B 90 -50.39 -40.83 -21.03
N TYR B 91 -50.24 -40.79 -19.70
CA TYR B 91 -49.44 -39.78 -19.02
C TYR B 91 -48.17 -40.44 -18.51
N TYR B 92 -47.02 -39.87 -18.85
CA TYR B 92 -45.73 -40.41 -18.45
C TYR B 92 -44.92 -39.39 -17.68
N CYS B 93 -44.12 -39.87 -16.74
CA CYS B 93 -43.23 -39.06 -15.91
C CYS B 93 -41.79 -39.33 -16.33
N MET B 94 -40.90 -38.40 -15.98
CA MET B 94 -39.51 -38.55 -16.37
C MET B 94 -38.62 -37.78 -15.41
N GLN B 95 -37.46 -38.35 -15.09
CA GLN B 95 -36.48 -37.72 -14.22
C GLN B 95 -35.31 -37.27 -15.08
N GLY B 96 -34.84 -36.05 -14.84
CA GLY B 96 -33.74 -35.52 -15.61
C GLY B 96 -32.52 -35.26 -14.76
N LEU B 97 -32.45 -35.91 -13.59
CA LEU B 97 -31.33 -35.72 -12.69
C LEU B 97 -30.04 -36.31 -13.25
N GLN B 98 -30.10 -37.56 -13.74
CA GLN B 98 -28.91 -38.19 -14.27
C GLN B 98 -29.29 -39.24 -15.30
N THR B 99 -28.33 -39.58 -16.16
CA THR B 99 -28.48 -40.57 -17.20
C THR B 99 -28.21 -41.97 -16.65
N PRO B 100 -28.96 -42.99 -17.09
CA PRO B 100 -30.06 -42.97 -18.06
C PRO B 100 -31.39 -42.53 -17.46
N TYR B 101 -32.21 -41.85 -18.26
CA TYR B 101 -33.51 -41.38 -17.78
C TYR B 101 -34.50 -42.53 -17.84
N THR B 102 -35.29 -42.67 -16.79
CA THR B 102 -36.28 -43.74 -16.69
C THR B 102 -37.68 -43.15 -16.64
N PHE B 103 -38.59 -43.74 -17.41
CA PHE B 103 -39.98 -43.32 -17.48
C PHE B 103 -40.83 -44.17 -16.54
N GLY B 104 -42.02 -43.66 -16.24
CA GLY B 104 -42.94 -44.39 -15.39
C GLY B 104 -43.71 -45.42 -16.18
N GLN B 105 -44.56 -46.17 -15.47
CA GLN B 105 -45.36 -47.19 -16.15
C GLN B 105 -46.52 -46.60 -16.94
N GLY B 106 -46.85 -45.32 -16.74
CA GLY B 106 -47.93 -44.71 -17.47
C GLY B 106 -49.24 -44.73 -16.71
N THR B 107 -50.13 -43.80 -17.09
CA THR B 107 -51.45 -43.66 -16.47
C THR B 107 -52.45 -43.42 -17.60
N LYS B 108 -53.18 -44.48 -17.97
CA LYS B 108 -54.18 -44.35 -19.02
C LYS B 108 -55.40 -43.61 -18.49
N VAL B 109 -55.84 -42.61 -19.25
CA VAL B 109 -57.00 -41.80 -18.89
C VAL B 109 -58.10 -42.09 -19.89
N GLU B 110 -59.24 -42.56 -19.39
CA GLU B 110 -60.38 -42.90 -20.23
C GLU B 110 -61.63 -42.32 -19.59
N ILE B 111 -62.54 -41.81 -20.44
CA ILE B 111 -63.79 -41.23 -19.96
C ILE B 111 -64.67 -42.29 -19.34
N LYS B 112 -65.44 -41.88 -18.34
CA LYS B 112 -66.34 -42.78 -17.63
C LYS B 112 -67.70 -42.89 -18.33
N GLU C 1 26.19 44.79 40.62
CA GLU C 1 25.57 45.92 39.95
C GLU C 1 25.51 45.70 38.44
N ASN C 2 26.24 44.70 37.97
CA ASN C 2 26.27 44.36 36.56
C ASN C 2 25.43 43.11 36.29
N LEU C 3 24.79 43.10 35.12
CA LEU C 3 23.95 41.99 34.71
C LEU C 3 24.42 41.47 33.37
N TRP C 4 24.43 40.15 33.21
CA TRP C 4 24.86 39.52 31.97
C TRP C 4 23.84 38.43 31.61
N VAL C 5 23.41 38.42 30.34
CA VAL C 5 22.42 37.44 29.90
C VAL C 5 23.06 36.05 29.81
N THR C 6 22.38 35.07 30.40
CA THR C 6 22.85 33.69 30.39
C THR C 6 21.81 32.83 29.70
N VAL C 7 22.26 31.69 29.19
CA VAL C 7 21.39 30.75 28.48
C VAL C 7 21.15 29.54 29.35
N TYR C 8 19.87 29.20 29.52
CA TYR C 8 19.45 28.05 30.32
C TYR C 8 18.76 27.05 29.40
N TYR C 9 19.15 25.78 29.51
CA TYR C 9 18.58 24.72 28.69
C TYR C 9 17.68 23.83 29.54
N GLY C 10 16.54 23.45 28.97
CA GLY C 10 15.61 22.60 29.68
C GLY C 10 14.68 23.35 30.62
N VAL C 11 14.33 24.59 30.31
CA VAL C 11 13.46 25.39 31.15
C VAL C 11 12.02 24.90 31.01
N PRO C 12 11.18 25.07 32.03
CA PRO C 12 9.78 24.62 31.90
C PRO C 12 8.90 25.68 31.25
N VAL C 13 9.11 25.88 29.95
CA VAL C 13 8.38 26.85 29.16
C VAL C 13 7.72 26.12 27.99
N TRP C 14 6.41 26.33 27.82
CA TRP C 14 5.70 25.67 26.74
C TRP C 14 4.91 26.69 25.93
N LYS C 15 4.66 26.35 24.67
CA LYS C 15 3.91 27.18 23.75
C LYS C 15 2.92 26.30 23.01
N ASP C 16 1.79 26.88 22.61
CA ASP C 16 0.78 26.13 21.89
C ASP C 16 1.23 25.87 20.46
N ALA C 17 1.03 24.63 20.00
CA ALA C 17 1.43 24.24 18.65
C ALA C 17 0.55 23.08 18.18
N GLU C 18 0.78 22.67 16.95
CA GLU C 18 0.06 21.58 16.31
C GLU C 18 1.03 20.48 15.91
N THR C 19 0.69 19.24 16.24
CA THR C 19 1.53 18.10 15.91
C THR C 19 0.68 16.85 15.83
N THR C 20 1.27 15.79 15.30
CA THR C 20 0.59 14.51 15.14
C THR C 20 0.80 13.69 16.40
N LEU C 21 -0.30 13.24 17.02
CA LEU C 21 -0.25 12.45 18.23
C LEU C 21 -0.03 10.98 17.91
N PHE C 22 0.55 10.25 18.86
CA PHE C 22 0.81 8.82 18.67
C PHE C 22 -0.47 8.01 18.89
N CYS C 23 -0.26 6.70 18.95
CA CYS C 23 -1.32 5.73 19.20
C CYS C 23 -0.90 4.90 20.40
N ALA C 24 -1.85 4.60 21.28
CA ALA C 24 -1.55 3.80 22.45
C ALA C 24 -2.80 3.04 22.87
N SER C 25 -2.65 1.75 23.12
CA SER C 25 -3.74 0.88 23.52
C SER C 25 -3.16 -0.29 24.29
N ASP C 26 -4.04 -1.02 24.98
CA ASP C 26 -3.60 -2.16 25.77
C ASP C 26 -3.19 -3.31 24.85
N ALA C 27 -2.44 -4.26 25.39
CA ALA C 27 -1.98 -5.40 24.61
C ALA C 27 -3.01 -6.53 24.57
N LYS C 28 -4.23 -6.25 24.99
CA LYS C 28 -5.32 -7.24 25.00
C LYS C 28 -5.73 -7.64 23.60
N LYS C 34 -11.09 -11.01 15.97
CA LYS C 34 -9.64 -10.92 16.10
C LYS C 34 -9.13 -9.55 15.69
N HIS C 35 -9.59 -9.08 14.53
CA HIS C 35 -9.18 -7.78 14.01
C HIS C 35 -10.10 -6.68 14.55
N ASN C 36 -9.81 -5.44 14.16
CA ASN C 36 -10.58 -4.29 14.59
C ASN C 36 -10.59 -3.23 13.49
N VAL C 37 -11.72 -2.53 13.37
CA VAL C 37 -11.84 -1.47 12.38
C VAL C 37 -10.99 -0.27 12.79
N TRP C 38 -10.74 -0.13 14.10
CA TRP C 38 -9.93 0.94 14.66
C TRP C 38 -8.48 0.47 14.68
N ALA C 39 -7.64 1.12 15.49
CA ALA C 39 -6.22 0.80 15.64
C ALA C 39 -6.00 -0.69 15.93
N THR C 40 -5.34 -1.35 14.99
CA THR C 40 -5.07 -2.79 15.06
C THR C 40 -3.88 -3.08 15.96
N HIS C 41 -3.35 -4.30 15.86
CA HIS C 41 -2.22 -4.76 16.65
C HIS C 41 -0.93 -4.02 16.31
N ALA C 42 -0.86 -3.34 15.17
CA ALA C 42 0.33 -2.60 14.78
C ALA C 42 0.52 -1.33 15.60
N CYS C 43 -0.48 -0.93 16.37
CA CYS C 43 -0.37 0.28 17.19
C CYS C 43 0.62 0.07 18.33
N VAL C 44 1.26 1.15 18.76
CA VAL C 44 2.25 1.10 19.84
C VAL C 44 1.54 0.82 21.16
N PRO C 45 1.98 -0.17 21.94
CA PRO C 45 1.33 -0.45 23.22
C PRO C 45 1.59 0.64 24.25
N THR C 46 0.63 0.81 25.16
CA THR C 46 0.73 1.83 26.19
C THR C 46 1.40 1.28 27.45
N ASP C 47 1.88 2.19 28.29
CA ASP C 47 2.53 1.83 29.53
C ASP C 47 1.49 1.47 30.58
N PRO C 48 1.78 0.48 31.44
CA PRO C 48 0.81 0.11 32.48
C PRO C 48 0.69 1.12 33.61
N ASN C 49 1.67 2.00 33.79
CA ASN C 49 1.65 3.02 34.85
C ASN C 49 1.96 4.37 34.24
N PRO C 50 0.95 5.07 33.71
CA PRO C 50 1.20 6.40 33.12
C PRO C 50 1.53 7.42 34.19
N GLN C 51 2.52 8.25 33.90
CA GLN C 51 2.95 9.28 34.84
C GLN C 51 2.08 10.53 34.71
N GLU C 52 1.62 11.02 35.85
CA GLU C 52 0.78 12.22 35.93
C GLU C 52 1.42 13.15 36.95
N ILE C 53 1.99 14.26 36.49
CA ILE C 53 2.65 15.23 37.36
C ILE C 53 1.74 16.43 37.52
N HIS C 54 1.34 16.72 38.76
CA HIS C 54 0.49 17.86 39.04
C HIS C 54 1.33 19.13 39.04
N LEU C 55 0.81 20.18 38.43
CA LEU C 55 1.50 21.46 38.33
C LEU C 55 0.69 22.54 39.05
N GLU C 56 1.33 23.21 40.00
CA GLU C 56 0.71 24.29 40.76
C GLU C 56 1.17 25.63 40.20
N ASN C 57 0.57 26.71 40.70
CA ASN C 57 0.84 28.10 40.34
C ASN C 57 0.71 28.41 38.85
N VAL C 58 0.03 27.57 38.07
CA VAL C 58 -0.11 27.78 36.63
C VAL C 58 -1.57 27.71 36.25
N THR C 59 -2.02 28.71 35.49
CA THR C 59 -3.39 28.81 35.02
C THR C 59 -3.37 28.81 33.49
N GLU C 60 -3.42 27.63 32.89
CA GLU C 60 -3.41 27.50 31.43
C GLU C 60 -4.77 27.84 30.87
N GLU C 61 -4.78 28.52 29.72
CA GLU C 61 -6.02 28.94 29.06
C GLU C 61 -6.48 27.85 28.09
N PHE C 62 -7.22 26.89 28.63
CA PHE C 62 -7.75 25.82 27.79
C PHE C 62 -8.91 26.36 26.97
N ASN C 63 -9.06 25.81 25.76
CA ASN C 63 -10.14 26.26 24.88
C ASN C 63 -10.49 25.13 23.92
N MET C 64 -11.69 24.57 24.06
CA MET C 64 -12.05 23.53 23.12
C MET C 64 -12.65 24.17 21.88
N TRP C 65 -13.12 23.32 20.94
CA TRP C 65 -13.70 23.69 19.64
C TRP C 65 -12.70 24.37 18.71
N LYS C 66 -11.44 24.52 19.16
CA LYS C 66 -10.40 25.17 18.37
C LYS C 66 -9.13 24.33 18.40
N ASN C 67 -9.04 23.42 19.37
CA ASN C 67 -7.87 22.56 19.48
C ASN C 67 -7.81 21.58 18.32
N ASN C 68 -6.59 21.22 17.92
CA ASN C 68 -6.39 20.31 16.81
C ASN C 68 -6.50 18.84 17.21
N MET C 69 -6.74 18.54 18.49
CA MET C 69 -6.87 17.15 18.92
C MET C 69 -8.10 16.50 18.31
N VAL C 70 -9.24 17.19 18.33
CA VAL C 70 -10.47 16.63 17.77
C VAL C 70 -10.38 16.53 16.26
N GLU C 71 -9.73 17.49 15.61
CA GLU C 71 -9.59 17.44 14.15
C GLU C 71 -8.66 16.30 13.74
N GLN C 72 -7.57 16.12 14.50
CA GLN C 72 -6.64 15.04 14.20
C GLN C 72 -7.29 13.69 14.45
N MET C 73 -8.12 13.59 15.49
CA MET C 73 -8.83 12.36 15.77
C MET C 73 -9.84 12.05 14.68
N HIS C 74 -10.54 13.09 14.18
CA HIS C 74 -11.50 12.89 13.10
C HIS C 74 -10.80 12.42 11.84
N THR C 75 -9.67 13.04 11.51
CA THR C 75 -8.91 12.67 10.31
C THR C 75 -8.37 11.25 10.40
N ASP C 76 -7.75 10.88 11.52
CA ASP C 76 -7.21 9.52 11.59
C ASP C 76 -8.32 8.47 11.74
N ILE C 77 -9.48 8.84 12.30
CA ILE C 77 -10.57 7.87 12.39
C ILE C 77 -11.13 7.61 11.00
N ILE C 78 -11.24 8.67 10.18
CA ILE C 78 -11.70 8.53 8.80
C ILE C 78 -10.71 7.68 8.02
N SER C 79 -9.41 7.92 8.23
CA SER C 79 -8.37 7.15 7.56
C SER C 79 -8.41 5.68 7.97
N LEU C 80 -8.64 5.40 9.25
CA LEU C 80 -8.71 4.03 9.73
C LEU C 80 -9.92 3.31 9.14
N TRP C 81 -11.06 4.01 9.06
CA TRP C 81 -12.27 3.42 8.50
C TRP C 81 -12.08 3.08 7.03
N ASP C 82 -11.49 4.01 6.26
CA ASP C 82 -11.26 3.77 4.84
C ASP C 82 -10.22 2.68 4.63
N GLN C 83 -9.18 2.64 5.48
CA GLN C 83 -8.15 1.61 5.36
C GLN C 83 -8.70 0.23 5.70
N SER C 84 -9.62 0.17 6.66
CA SER C 84 -10.22 -1.11 7.02
C SER C 84 -11.18 -1.58 5.94
N LEU C 85 -11.88 -0.65 5.29
CA LEU C 85 -12.80 -1.04 4.23
C LEU C 85 -12.13 -1.25 2.88
N LYS C 86 -10.86 -0.87 2.75
CA LYS C 86 -10.14 -1.05 1.48
C LYS C 86 -9.95 -2.51 1.04
N PRO C 87 -9.46 -3.45 1.86
CA PRO C 87 -9.29 -4.81 1.34
C PRO C 87 -10.55 -5.65 1.31
N CYS C 88 -11.68 -5.13 1.79
CA CYS C 88 -12.92 -5.90 1.78
C CYS C 88 -13.52 -5.98 0.37
N VAL C 89 -14.45 -6.90 0.21
CA VAL C 89 -15.10 -7.14 -1.08
C VAL C 89 -16.11 -6.04 -1.38
N LYS C 90 -16.02 -5.49 -2.59
CA LYS C 90 -16.92 -4.46 -3.06
C LYS C 90 -18.22 -5.09 -3.52
N LEU C 91 -19.34 -4.42 -3.25
CA LEU C 91 -20.65 -4.93 -3.65
C LEU C 91 -21.14 -4.33 -4.96
N THR C 92 -20.24 -4.04 -5.89
CA THR C 92 -20.67 -3.49 -7.17
C THR C 92 -21.54 -4.42 -8.05
N PRO C 93 -21.43 -5.76 -8.05
CA PRO C 93 -22.35 -6.53 -8.92
C PRO C 93 -23.74 -6.69 -8.35
N LEU C 94 -24.02 -6.15 -7.15
CA LEU C 94 -25.34 -6.26 -6.55
C LEU C 94 -26.38 -5.35 -7.17
N CYS C 95 -25.98 -4.43 -8.07
CA CYS C 95 -26.91 -3.53 -8.73
C CYS C 95 -27.69 -4.28 -9.81
N VAL C 96 -28.69 -5.02 -9.36
CA VAL C 96 -29.57 -5.80 -10.22
C VAL C 96 -31.00 -5.57 -9.76
N THR C 97 -31.96 -5.82 -10.63
CA THR C 97 -33.36 -5.65 -10.26
C THR C 97 -33.80 -6.75 -9.31
N LEU C 98 -34.35 -6.35 -8.17
CA LEU C 98 -34.81 -7.29 -7.15
C LEU C 98 -36.33 -7.32 -7.14
N GLN C 99 -36.90 -8.51 -7.21
CA GLN C 99 -38.35 -8.69 -7.18
C GLN C 99 -38.74 -8.91 -5.73
N CYS C 100 -38.86 -7.82 -4.98
CA CYS C 100 -39.20 -7.86 -3.57
C CYS C 100 -40.70 -8.03 -3.34
N THR C 101 -41.02 -8.47 -2.12
CA THR C 101 -42.39 -8.67 -1.70
C THR C 101 -42.43 -8.51 -0.18
N ASN C 102 -43.63 -8.22 0.34
CA ASN C 102 -43.78 -8.04 1.78
C ASN C 102 -43.68 -9.36 2.50
N VAL C 103 -43.20 -9.30 3.74
CA VAL C 103 -43.06 -10.48 4.60
C VAL C 103 -44.25 -10.55 5.53
N THR C 104 -44.87 -11.73 5.60
CA THR C 104 -46.03 -11.94 6.45
C THR C 104 -45.88 -13.08 7.45
N ASN C 105 -44.74 -13.76 7.49
CA ASN C 105 -44.54 -14.86 8.43
C ASN C 105 -44.36 -14.29 9.83
N ASN C 106 -45.38 -14.45 10.67
CA ASN C 106 -45.41 -13.98 12.06
C ASN C 106 -45.16 -12.47 12.15
N ILE C 107 -45.76 -11.73 11.23
CA ILE C 107 -45.61 -10.28 11.19
C ILE C 107 -46.40 -9.65 12.33
N THR C 108 -46.06 -8.40 12.65
CA THR C 108 -46.72 -7.66 13.71
C THR C 108 -47.36 -6.40 13.13
N ASP C 109 -48.04 -5.65 13.99
CA ASP C 109 -48.71 -4.43 13.55
C ASP C 109 -47.74 -3.28 13.30
N ASP C 110 -46.55 -3.31 13.90
CA ASP C 110 -45.58 -2.22 13.70
C ASP C 110 -44.49 -2.56 12.70
N MET C 111 -44.21 -3.84 12.46
CA MET C 111 -43.17 -4.24 11.52
C MET C 111 -43.73 -4.54 10.14
N ARG C 112 -44.95 -4.10 9.84
CA ARG C 112 -45.54 -4.36 8.53
C ARG C 112 -44.88 -3.50 7.46
N GLY C 113 -44.27 -4.15 6.48
CA GLY C 113 -43.60 -3.47 5.40
C GLY C 113 -42.21 -3.00 5.69
N GLU C 114 -41.67 -3.27 6.89
CA GLU C 114 -40.32 -2.84 7.22
C GLU C 114 -39.27 -3.71 6.53
N LEU C 115 -39.56 -4.99 6.35
CA LEU C 115 -38.65 -5.92 5.70
C LEU C 115 -39.23 -6.37 4.37
N LYS C 116 -38.37 -6.51 3.37
CA LYS C 116 -38.77 -6.92 2.03
C LYS C 116 -38.04 -8.21 1.65
N ASN C 117 -38.80 -9.20 1.20
CA ASN C 117 -38.22 -10.50 0.77
C ASN C 117 -37.90 -10.43 -0.71
N CYS C 118 -36.67 -10.04 -1.02
CA CYS C 118 -36.22 -9.84 -2.39
C CYS C 118 -35.48 -11.03 -2.94
N SER C 119 -35.74 -11.33 -4.22
CA SER C 119 -35.11 -12.42 -4.94
C SER C 119 -34.46 -11.82 -6.18
N PHE C 120 -33.27 -12.32 -6.52
CA PHE C 120 -32.56 -11.77 -7.67
C PHE C 120 -31.62 -12.81 -8.26
N ASN C 121 -31.18 -12.53 -9.49
CA ASN C 121 -30.24 -13.40 -10.20
C ASN C 121 -28.83 -12.91 -9.89
N MET C 122 -28.05 -13.75 -9.21
CA MET C 122 -26.69 -13.40 -8.85
C MET C 122 -25.70 -14.33 -9.54
N THR C 123 -24.53 -13.78 -9.85
CA THR C 123 -23.48 -14.55 -10.49
C THR C 123 -22.79 -15.43 -9.47
N THR C 124 -22.46 -16.66 -9.86
CA THR C 124 -21.78 -17.59 -8.98
C THR C 124 -20.27 -17.48 -9.20
N GLU C 125 -19.51 -18.45 -8.70
CA GLU C 125 -18.06 -18.46 -8.85
C GLU C 125 -17.63 -18.54 -10.31
N LEU C 126 -18.42 -19.22 -11.15
CA LEU C 126 -18.10 -19.34 -12.56
C LEU C 126 -18.60 -18.11 -13.31
N ARG C 127 -17.86 -17.72 -14.34
CA ARG C 127 -18.23 -16.54 -15.13
C ARG C 127 -19.42 -16.81 -16.05
N ASP C 128 -19.59 -18.05 -16.49
CA ASP C 128 -20.69 -18.40 -17.39
C ASP C 128 -21.81 -19.15 -16.67
N LYS C 129 -22.12 -18.77 -15.43
CA LYS C 129 -23.17 -19.42 -14.67
C LYS C 129 -23.70 -18.43 -13.65
N LYS C 130 -25.02 -18.49 -13.40
CA LYS C 130 -25.68 -17.62 -12.44
C LYS C 130 -26.58 -18.47 -11.55
N GLN C 131 -27.00 -17.87 -10.43
CA GLN C 131 -27.86 -18.53 -9.47
C GLN C 131 -29.01 -17.62 -9.08
N LYS C 132 -30.14 -18.22 -8.71
CA LYS C 132 -31.32 -17.48 -8.29
C LYS C 132 -31.37 -17.54 -6.77
N VAL C 133 -30.85 -16.49 -6.13
CA VAL C 133 -30.81 -16.42 -4.68
C VAL C 133 -31.85 -15.41 -4.20
N TYR C 134 -32.04 -15.38 -2.88
CA TYR C 134 -32.99 -14.50 -2.24
C TYR C 134 -32.39 -13.98 -0.95
N SER C 135 -32.86 -12.81 -0.52
CA SER C 135 -32.38 -12.19 0.71
C SER C 135 -33.43 -11.23 1.23
N LEU C 136 -33.40 -10.99 2.54
CA LEU C 136 -34.33 -10.07 3.18
C LEU C 136 -33.65 -8.71 3.33
N PHE C 137 -34.22 -7.70 2.70
CA PHE C 137 -33.70 -6.34 2.76
C PHE C 137 -34.68 -5.43 3.47
N TYR C 138 -34.16 -4.52 4.27
CA TYR C 138 -35.02 -3.58 4.99
C TYR C 138 -35.58 -2.56 4.01
N ARG C 139 -36.74 -2.00 4.36
CA ARG C 139 -37.40 -1.02 3.50
C ARG C 139 -36.60 0.27 3.37
N LEU C 140 -35.75 0.58 4.35
CA LEU C 140 -34.98 1.82 4.31
C LEU C 140 -33.80 1.78 3.34
N ASP C 141 -33.44 0.62 2.79
CA ASP C 141 -32.31 0.55 1.87
C ASP C 141 -32.72 0.07 0.48
N VAL C 142 -34.01 0.07 0.17
CA VAL C 142 -34.50 -0.35 -1.14
C VAL C 142 -35.50 0.70 -1.63
N VAL C 143 -35.54 0.90 -2.95
CA VAL C 143 -36.44 1.86 -3.57
C VAL C 143 -37.02 1.23 -4.82
N GLN C 144 -38.25 1.64 -5.15
CA GLN C 144 -38.91 1.12 -6.33
C GLN C 144 -38.29 1.70 -7.60
N ILE C 145 -38.45 0.97 -8.71
CA ILE C 145 -37.92 1.39 -9.99
C ILE C 145 -38.97 2.11 -10.82
N ASN C 146 -40.14 1.50 -10.98
CA ASN C 146 -41.21 2.09 -11.76
C ASN C 146 -42.35 2.59 -10.86
N LYS C 158 -43.20 -4.34 -7.95
CA LYS C 158 -42.51 -5.48 -7.35
C LYS C 158 -41.01 -5.39 -7.56
N GLU C 159 -40.59 -4.69 -8.62
CA GLU C 159 -39.18 -4.53 -8.92
C GLU C 159 -38.59 -3.40 -8.08
N TYR C 160 -37.55 -3.71 -7.32
CA TYR C 160 -36.87 -2.76 -6.47
C TYR C 160 -35.39 -2.72 -6.80
N ARG C 161 -34.70 -1.76 -6.21
CA ARG C 161 -33.27 -1.58 -6.39
C ARG C 161 -32.70 -0.99 -5.11
N LEU C 162 -31.38 -1.15 -4.95
CA LEU C 162 -30.73 -0.63 -3.76
C LEU C 162 -30.68 0.89 -3.78
N ILE C 163 -30.67 1.49 -2.59
CA ILE C 163 -30.64 2.95 -2.48
C ILE C 163 -29.29 3.49 -2.95
N ASN C 164 -28.23 2.70 -2.81
CA ASN C 164 -26.89 3.11 -3.22
C ASN C 164 -26.57 2.73 -4.66
N CYS C 165 -27.54 2.22 -5.40
CA CYS C 165 -27.29 1.80 -6.79
C CYS C 165 -27.06 3.00 -7.70
N ASN C 166 -27.80 4.10 -7.50
CA ASN C 166 -27.62 5.28 -8.33
C ASN C 166 -26.52 6.20 -7.81
N THR C 167 -25.84 5.80 -6.74
CA THR C 167 -24.74 6.54 -6.15
C THR C 167 -23.55 5.57 -6.12
N SER C 168 -22.50 5.93 -5.38
CA SER C 168 -21.31 5.11 -5.29
C SER C 168 -21.61 3.73 -4.68
N ALA C 169 -20.95 2.71 -5.21
CA ALA C 169 -21.13 1.36 -4.73
C ALA C 169 -20.55 1.19 -3.33
N CYS C 170 -21.25 0.42 -2.50
CA CYS C 170 -20.83 0.17 -1.14
C CYS C 170 -19.91 -1.03 -1.05
N THR C 171 -19.05 -1.01 -0.04
CA THR C 171 -18.10 -2.09 0.21
C THR C 171 -18.63 -2.86 1.42
N GLN C 172 -18.84 -4.16 1.25
CA GLN C 172 -19.33 -4.98 2.35
C GLN C 172 -18.25 -5.12 3.42
N ALA C 173 -18.61 -4.81 4.66
CA ALA C 173 -17.66 -4.91 5.76
C ALA C 173 -17.28 -6.36 6.01
N CYS C 174 -15.98 -6.60 6.20
CA CYS C 174 -15.49 -7.95 6.45
C CYS C 174 -15.94 -8.43 7.82
N PRO C 175 -16.43 -9.66 7.93
CA PRO C 175 -16.89 -10.15 9.25
C PRO C 175 -15.76 -10.39 10.23
N LYS C 176 -14.51 -10.48 9.77
CA LYS C 176 -13.38 -10.70 10.67
C LYS C 176 -13.15 -9.49 11.56
N VAL C 177 -13.26 -8.28 10.99
CA VAL C 177 -13.07 -7.07 11.79
C VAL C 177 -14.34 -6.80 12.58
N SER C 178 -14.22 -6.01 13.64
CA SER C 178 -15.36 -5.68 14.49
C SER C 178 -15.42 -4.18 14.71
N PHE C 179 -16.64 -3.69 14.93
CA PHE C 179 -16.89 -2.27 15.17
C PHE C 179 -16.90 -1.93 16.65
N GLU C 180 -16.30 -2.76 17.49
CA GLU C 180 -16.26 -2.49 18.92
C GLU C 180 -15.33 -1.32 19.20
N PRO C 181 -15.80 -0.27 19.87
CA PRO C 181 -14.94 0.90 20.15
C PRO C 181 -13.89 0.66 21.24
N ILE C 182 -12.78 0.06 20.83
CA ILE C 182 -11.67 -0.21 21.76
C ILE C 182 -11.01 1.10 22.13
N PRO C 183 -10.87 1.43 23.41
CA PRO C 183 -10.26 2.72 23.79
C PRO C 183 -8.81 2.84 23.36
N ILE C 184 -8.47 4.03 22.87
CA ILE C 184 -7.13 4.35 22.40
C ILE C 184 -6.64 5.57 23.16
N HIS C 185 -5.32 5.74 23.20
CA HIS C 185 -4.69 6.86 23.89
C HIS C 185 -3.81 7.61 22.89
N TYR C 186 -3.89 8.93 22.90
CA TYR C 186 -3.12 9.79 22.00
C TYR C 186 -1.91 10.32 22.74
N CYS C 187 -0.75 9.67 22.55
CA CYS C 187 0.48 10.06 23.20
C CYS C 187 1.15 11.18 22.41
N ALA C 188 1.75 12.13 23.13
CA ALA C 188 2.43 13.23 22.50
C ALA C 188 3.87 12.83 22.17
N PRO C 189 4.43 13.35 21.08
CA PRO C 189 5.81 13.00 20.73
C PRO C 189 6.80 13.72 21.63
N ALA C 190 8.09 13.47 21.36
CA ALA C 190 9.15 14.10 22.13
C ALA C 190 9.18 15.61 21.86
N GLY C 191 9.38 16.39 22.91
CA GLY C 191 9.40 17.81 22.80
C GLY C 191 8.04 18.46 22.97
N PHE C 192 6.99 17.66 23.08
CA PHE C 192 5.61 18.11 23.25
C PHE C 192 5.06 17.52 24.55
N ALA C 193 3.92 18.04 24.99
CA ALA C 193 3.32 17.54 26.21
C ALA C 193 1.81 17.72 26.15
N ILE C 194 1.11 16.95 26.98
CA ILE C 194 -0.35 16.99 27.07
C ILE C 194 -0.70 17.49 28.46
N LEU C 195 -1.47 18.57 28.51
CA LEU C 195 -1.89 19.18 29.77
C LEU C 195 -3.34 18.83 30.04
N LYS C 196 -3.62 18.29 31.23
CA LYS C 196 -4.95 17.90 31.62
C LYS C 196 -5.46 18.85 32.70
N CYS C 197 -6.64 19.44 32.47
CA CYS C 197 -7.25 20.37 33.42
C CYS C 197 -7.95 19.56 34.50
N LYS C 198 -7.49 19.70 35.74
CA LYS C 198 -8.06 18.97 36.87
C LYS C 198 -9.25 19.68 37.51
N ASP C 199 -9.65 20.84 37.00
CA ASP C 199 -10.78 21.56 37.57
C ASP C 199 -12.09 20.82 37.27
N LYS C 200 -12.87 20.60 38.33
CA LYS C 200 -14.14 19.89 38.19
C LYS C 200 -15.23 20.78 37.60
N LYS C 201 -15.23 22.07 37.93
CA LYS C 201 -16.23 23.02 37.44
C LYS C 201 -15.73 23.79 36.22
N PHE C 202 -14.86 23.18 35.43
CA PHE C 202 -14.32 23.84 34.24
C PHE C 202 -15.26 23.64 33.06
N ASN C 203 -15.64 24.75 32.42
CA ASN C 203 -16.52 24.70 31.26
C ASN C 203 -15.67 24.62 30.00
N GLY C 204 -16.26 24.92 28.83
CA GLY C 204 -15.53 24.82 27.58
C GLY C 204 -14.36 25.78 27.44
N THR C 205 -14.57 27.05 27.77
CA THR C 205 -13.53 28.06 27.64
C THR C 205 -13.30 28.75 28.98
N GLY C 206 -12.02 28.97 29.30
CA GLY C 206 -11.64 29.64 30.53
C GLY C 206 -10.30 29.15 31.04
N PRO C 207 -9.66 29.96 31.89
CA PRO C 207 -8.37 29.57 32.44
C PRO C 207 -8.55 28.53 33.54
N CYS C 208 -7.95 27.36 33.34
CA CYS C 208 -8.07 26.29 34.33
C CYS C 208 -7.07 26.53 35.46
N PRO C 209 -7.53 26.68 36.70
CA PRO C 209 -6.60 26.92 37.82
C PRO C 209 -5.84 25.68 38.29
N SER C 210 -6.23 24.49 37.85
CA SER C 210 -5.55 23.26 38.26
C SER C 210 -5.26 22.44 37.01
N VAL C 211 -4.08 22.65 36.42
CA VAL C 211 -3.66 21.94 35.22
C VAL C 211 -2.52 21.00 35.57
N SER C 212 -2.65 19.75 35.18
CA SER C 212 -1.64 18.72 35.44
C SER C 212 -1.23 18.10 34.13
N THR C 213 0.08 18.00 33.91
CA THR C 213 0.59 17.40 32.68
C THR C 213 0.48 15.88 32.75
N VAL C 214 0.52 15.25 31.58
CA VAL C 214 0.43 13.81 31.48
C VAL C 214 1.15 13.38 30.20
N GLN C 215 1.75 12.18 30.23
CA GLN C 215 2.46 11.69 29.06
C GLN C 215 1.48 11.27 27.97
N CYS C 216 0.42 10.55 28.34
CA CYS C 216 -0.58 10.09 27.41
C CYS C 216 -1.96 10.22 28.04
N THR C 217 -2.95 10.59 27.23
CA THR C 217 -4.32 10.75 27.72
C THR C 217 -4.94 9.39 28.05
N HIS C 218 -6.10 9.46 28.71
CA HIS C 218 -6.82 8.24 29.09
C HIS C 218 -7.50 7.62 27.88
N GLY C 219 -8.16 6.49 28.12
CA GLY C 219 -8.86 5.76 27.08
C GLY C 219 -10.04 6.48 26.45
N ILE C 220 -9.88 6.87 25.19
CA ILE C 220 -10.92 7.55 24.44
C ILE C 220 -11.57 6.52 23.51
N LYS C 221 -12.80 6.15 23.82
CA LYS C 221 -13.52 5.17 23.00
C LYS C 221 -13.96 5.85 21.71
N PRO C 222 -13.61 5.31 20.52
CA PRO C 222 -13.99 5.92 19.24
C PRO C 222 -15.41 5.58 18.80
N VAL C 223 -16.35 5.69 19.74
CA VAL C 223 -17.75 5.41 19.44
C VAL C 223 -18.36 6.62 18.74
N VAL C 224 -19.13 6.37 17.69
CA VAL C 224 -19.75 7.43 16.92
C VAL C 224 -21.26 7.36 17.13
N SER C 225 -21.84 8.51 17.47
CA SER C 225 -23.27 8.62 17.70
C SER C 225 -23.71 10.00 17.22
N THR C 226 -25.03 10.22 17.17
CA THR C 226 -25.55 11.49 16.69
C THR C 226 -26.31 12.32 17.71
N GLN C 227 -26.99 11.71 18.70
CA GLN C 227 -27.74 12.54 19.63
C GLN C 227 -27.40 12.29 21.10
N LEU C 228 -26.96 11.09 21.44
CA LEU C 228 -26.61 10.76 22.82
C LEU C 228 -25.16 10.30 22.87
N LEU C 229 -24.43 10.76 23.88
CA LEU C 229 -23.03 10.38 24.05
C LEU C 229 -22.98 9.03 24.74
N LEU C 230 -22.83 7.97 23.96
CA LEU C 230 -22.80 6.61 24.47
C LEU C 230 -21.41 6.23 24.96
N ASN C 231 -21.36 5.58 26.13
CA ASN C 231 -20.12 5.10 26.76
C ASN C 231 -19.07 6.20 26.93
N GLY C 232 -19.52 7.41 27.25
CA GLY C 232 -18.63 8.53 27.42
C GLY C 232 -18.12 8.66 28.84
N SER C 233 -17.40 9.77 29.08
CA SER C 233 -16.85 10.05 30.39
C SER C 233 -17.85 10.84 31.21
N LEU C 234 -17.98 10.48 32.48
CA LEU C 234 -18.90 11.15 33.39
C LEU C 234 -18.25 12.35 34.06
N ALA C 235 -19.09 13.29 34.47
CA ALA C 235 -18.59 14.48 35.14
C ALA C 235 -18.15 14.13 36.55
N GLU C 236 -17.22 14.92 37.08
CA GLU C 236 -16.70 14.63 38.42
C GLU C 236 -17.68 15.01 39.52
N GLU C 237 -18.36 16.14 39.41
CA GLU C 237 -19.25 16.44 40.53
C GLU C 237 -20.68 16.82 40.15
N GLU C 238 -20.90 17.44 38.98
CA GLU C 238 -22.24 17.84 38.60
C GLU C 238 -22.28 18.00 37.08
N VAL C 239 -23.49 17.96 36.53
CA VAL C 239 -23.71 18.10 35.09
C VAL C 239 -23.18 19.45 34.60
N MET C 240 -22.33 19.40 33.58
CA MET C 240 -21.72 20.59 33.00
C MET C 240 -22.23 20.78 31.58
N ILE C 241 -22.51 22.03 31.22
CA ILE C 241 -23.00 22.41 29.90
C ILE C 241 -21.99 23.33 29.26
N ARG C 242 -21.49 22.93 28.09
CA ARG C 242 -20.49 23.69 27.35
C ARG C 242 -21.01 24.05 25.97
N SER C 243 -20.75 25.29 25.57
CA SER C 243 -21.15 25.83 24.27
C SER C 243 -20.26 27.01 23.94
N GLU C 244 -19.98 27.21 22.64
CA GLU C 244 -19.14 28.32 22.21
C GLU C 244 -19.81 29.65 22.51
N ASN C 245 -21.12 29.72 22.28
CA ASN C 245 -21.92 30.92 22.52
C ASN C 245 -23.21 30.45 23.16
N ILE C 246 -23.37 30.71 24.46
CA ILE C 246 -24.58 30.28 25.16
C ILE C 246 -25.77 31.13 24.75
N THR C 247 -25.52 32.30 24.14
CA THR C 247 -26.59 33.17 23.69
C THR C 247 -27.02 32.88 22.26
N ASN C 248 -26.21 32.14 21.50
CA ASN C 248 -26.55 31.81 20.13
C ASN C 248 -27.42 30.55 20.08
N ASN C 249 -28.35 30.53 19.14
CA ASN C 249 -29.24 29.38 19.00
C ASN C 249 -28.51 28.21 18.35
N ALA C 250 -27.47 28.51 17.57
CA ALA C 250 -26.66 27.52 16.89
C ALA C 250 -25.48 27.14 17.79
N LYS C 251 -24.45 26.51 17.19
CA LYS C 251 -23.15 26.03 17.71
C LYS C 251 -23.21 24.71 18.46
N ASN C 252 -24.35 24.01 18.44
CA ASN C 252 -24.53 22.66 19.03
C ASN C 252 -24.16 22.61 20.52
N ILE C 253 -25.03 23.22 21.34
CA ILE C 253 -24.82 23.21 22.79
C ILE C 253 -24.94 21.79 23.32
N LEU C 254 -23.87 21.31 23.95
CA LEU C 254 -23.82 19.94 24.48
C LEU C 254 -23.68 19.95 25.99
N VAL C 255 -24.13 18.85 26.61
CA VAL C 255 -24.09 18.66 28.05
C VAL C 255 -23.31 17.37 28.36
N GLN C 256 -23.01 17.20 29.65
CA GLN C 256 -22.30 16.04 30.15
C GLN C 256 -23.00 15.59 31.43
N PHE C 257 -23.22 14.28 31.56
CA PHE C 257 -23.91 13.73 32.71
C PHE C 257 -22.94 13.31 33.81
N ASN C 258 -23.26 13.70 35.05
CA ASN C 258 -22.43 13.32 36.19
C ASN C 258 -22.68 11.87 36.59
N THR C 259 -23.86 11.35 36.29
CA THR C 259 -24.25 9.98 36.58
C THR C 259 -24.84 9.38 35.31
N PRO C 260 -24.57 8.11 35.02
CA PRO C 260 -25.09 7.50 33.81
C PRO C 260 -26.41 6.75 34.02
N VAL C 261 -27.17 6.67 32.94
CA VAL C 261 -28.45 5.96 32.94
C VAL C 261 -28.27 4.76 32.02
N GLN C 262 -28.92 3.65 32.33
CA GLN C 262 -28.78 2.47 31.51
C GLN C 262 -29.80 2.44 30.39
N ILE C 263 -29.34 2.03 29.21
CA ILE C 263 -30.18 1.91 28.03
C ILE C 263 -29.99 0.50 27.47
N ASN C 264 -31.08 -0.20 27.25
CA ASN C 264 -31.04 -1.57 26.76
C ASN C 264 -31.60 -1.65 25.33
N CYS C 265 -30.70 -1.63 24.36
CA CYS C 265 -31.07 -1.72 22.96
C CYS C 265 -30.92 -3.16 22.50
N THR C 266 -31.94 -3.68 21.80
CA THR C 266 -31.87 -5.05 21.36
C THR C 266 -32.65 -5.25 20.08
N ARG C 267 -32.32 -6.35 19.40
CA ARG C 267 -32.96 -6.78 18.16
C ARG C 267 -33.53 -8.15 18.48
N PRO C 268 -34.81 -8.24 18.84
CA PRO C 268 -35.40 -9.54 19.21
C PRO C 268 -35.54 -10.53 18.07
N ASN C 269 -35.34 -10.11 16.82
CA ASN C 269 -35.46 -11.03 15.70
C ASN C 269 -34.24 -11.96 15.66
N ASN C 270 -34.49 -13.26 15.71
CA ASN C 270 -33.42 -14.27 15.67
C ASN C 270 -32.99 -14.45 14.21
N ASN C 271 -32.22 -13.48 13.74
CA ASN C 271 -31.75 -13.44 12.37
C ASN C 271 -30.66 -14.49 12.14
N THR C 272 -30.50 -14.87 10.87
CA THR C 272 -29.50 -15.83 10.44
C THR C 272 -28.71 -15.23 9.29
N ARG C 273 -27.50 -15.73 9.07
CA ARG C 273 -26.62 -15.24 8.01
C ARG C 273 -26.30 -16.37 7.04
N LYS C 274 -26.55 -16.12 5.76
CA LYS C 274 -26.28 -17.09 4.70
C LYS C 274 -25.21 -16.51 3.78
N SER C 275 -24.33 -17.37 3.30
CA SER C 275 -23.25 -16.96 2.42
C SER C 275 -23.60 -17.24 0.96
N ILE C 276 -23.47 -16.23 0.11
CA ILE C 276 -23.75 -16.33 -1.31
C ILE C 276 -22.46 -16.03 -2.06
N ARG C 277 -22.04 -16.97 -2.91
CA ARG C 277 -20.81 -16.81 -3.69
C ARG C 277 -21.08 -15.81 -4.82
N ILE C 278 -20.82 -14.54 -4.53
CA ILE C 278 -21.03 -13.47 -5.51
C ILE C 278 -20.02 -13.57 -6.65
N GLY C 279 -18.78 -13.96 -6.34
CA GLY C 279 -17.76 -14.09 -7.35
C GLY C 279 -16.72 -15.13 -6.95
N PRO C 280 -15.66 -15.24 -7.74
CA PRO C 280 -14.61 -16.22 -7.40
C PRO C 280 -13.78 -15.72 -6.23
N GLY C 281 -13.98 -16.34 -5.07
CA GLY C 281 -13.27 -15.94 -3.87
C GLY C 281 -13.96 -14.86 -3.06
N GLN C 282 -15.11 -14.37 -3.53
CA GLN C 282 -15.87 -13.34 -2.85
C GLN C 282 -17.20 -13.93 -2.40
N ALA C 283 -17.60 -13.62 -1.17
CA ALA C 283 -18.84 -14.12 -0.60
C ALA C 283 -19.69 -12.95 -0.12
N PHE C 284 -20.97 -12.95 -0.50
CA PHE C 284 -21.91 -11.92 -0.11
C PHE C 284 -22.80 -12.49 0.99
N TYR C 285 -22.59 -12.05 2.22
CA TYR C 285 -23.35 -12.51 3.36
C TYR C 285 -24.71 -11.82 3.34
N ALA C 286 -25.75 -12.59 3.00
CA ALA C 286 -27.11 -12.09 2.91
C ALA C 286 -27.92 -12.48 4.14
N THR C 287 -29.22 -12.23 4.09
CA THR C 287 -30.15 -12.52 5.17
C THR C 287 -31.09 -13.65 4.77
N GLY C 288 -31.15 -14.70 5.59
CA GLY C 288 -32.01 -15.83 5.34
C GLY C 288 -33.32 -15.72 6.12
N ASP C 289 -34.04 -16.84 6.16
CA ASP C 289 -35.31 -16.91 6.86
C ASP C 289 -35.07 -16.83 8.37
N ILE C 290 -35.62 -15.80 9.01
CA ILE C 290 -35.44 -15.65 10.46
C ILE C 290 -36.20 -16.74 11.20
N ILE C 291 -35.68 -17.11 12.36
CA ILE C 291 -36.28 -18.16 13.18
C ILE C 291 -37.15 -17.52 14.25
N GLY C 292 -38.41 -17.94 14.31
CA GLY C 292 -39.32 -17.40 15.29
C GLY C 292 -40.12 -16.23 14.76
N ASP C 293 -40.78 -15.54 15.69
CA ASP C 293 -41.60 -14.39 15.34
C ASP C 293 -40.74 -13.16 15.09
N ILE C 294 -41.34 -12.17 14.43
CA ILE C 294 -40.67 -10.91 14.12
C ILE C 294 -41.12 -9.87 15.12
N ARG C 295 -40.29 -8.86 15.34
CA ARG C 295 -40.57 -7.77 16.27
C ARG C 295 -39.67 -6.59 15.94
N GLN C 296 -40.13 -5.39 16.30
CA GLN C 296 -39.36 -4.19 16.03
C GLN C 296 -38.29 -3.99 17.09
N ALA C 297 -37.11 -3.54 16.66
CA ALA C 297 -36.01 -3.28 17.58
C ALA C 297 -36.34 -2.06 18.43
N HIS C 298 -35.90 -2.09 19.68
CA HIS C 298 -36.19 -0.98 20.58
C HIS C 298 -35.10 -0.83 21.63
N CYS C 299 -35.10 0.33 22.28
CA CYS C 299 -34.17 0.68 23.34
C CYS C 299 -34.99 1.02 24.57
N ASN C 300 -34.65 0.42 25.71
CA ASN C 300 -35.38 0.66 26.95
C ASN C 300 -34.58 1.55 27.89
N VAL C 301 -35.22 2.63 28.34
CA VAL C 301 -34.62 3.59 29.27
C VAL C 301 -35.63 3.78 30.40
N SER C 302 -35.17 3.65 31.65
CA SER C 302 -36.04 3.81 32.80
C SER C 302 -36.53 5.25 32.89
N LYS C 303 -37.84 5.40 33.13
CA LYS C 303 -38.45 6.73 33.19
C LYS C 303 -38.01 7.51 34.42
N ALA C 304 -37.82 6.83 35.55
CA ALA C 304 -37.43 7.52 36.79
C ALA C 304 -36.05 8.15 36.71
N THR C 305 -35.02 7.38 36.34
CA THR C 305 -33.68 7.94 36.29
C THR C 305 -33.52 8.93 35.14
N TRP C 306 -34.25 8.71 34.03
CA TRP C 306 -34.15 9.66 32.93
C TRP C 306 -34.84 10.97 33.30
N ASN C 307 -35.94 10.88 34.06
CA ASN C 307 -36.63 12.08 34.50
C ASN C 307 -35.77 12.84 35.50
N GLU C 308 -35.05 12.11 36.36
CA GLU C 308 -34.17 12.76 37.33
C GLU C 308 -33.00 13.45 36.61
N THR C 309 -32.44 12.79 35.59
CA THR C 309 -31.36 13.39 34.82
C THR C 309 -31.84 14.61 34.06
N LEU C 310 -33.06 14.55 33.53
CA LEU C 310 -33.63 15.69 32.83
C LEU C 310 -33.90 16.82 33.81
N GLY C 311 -34.23 16.48 35.06
CA GLY C 311 -34.42 17.48 36.10
C GLY C 311 -33.12 18.15 36.49
N LYS C 312 -32.00 17.42 36.35
CA LYS C 312 -30.71 18.02 36.63
C LYS C 312 -30.29 18.92 35.47
N VAL C 313 -30.67 18.53 34.25
CA VAL C 313 -30.33 19.29 33.05
C VAL C 313 -31.02 20.67 33.06
N VAL C 314 -32.31 20.72 33.41
CA VAL C 314 -33.01 22.00 33.45
C VAL C 314 -32.44 22.89 34.56
N LYS C 315 -32.02 22.27 35.68
CA LYS C 315 -31.43 23.02 36.78
C LYS C 315 -30.10 23.62 36.35
N GLN C 316 -29.32 22.88 35.56
CA GLN C 316 -28.05 23.39 35.07
C GLN C 316 -28.23 24.36 33.90
N LEU C 317 -29.40 24.36 33.27
CA LEU C 317 -29.66 25.27 32.16
C LEU C 317 -30.23 26.59 32.66
N ARG C 318 -30.92 26.56 33.80
CA ARG C 318 -31.52 27.78 34.34
C ARG C 318 -30.48 28.76 34.85
N LYS C 319 -29.28 28.29 35.22
CA LYS C 319 -28.26 29.24 35.67
C LYS C 319 -27.67 30.00 34.49
N HIS C 320 -27.80 29.46 33.28
CA HIS C 320 -27.29 30.11 32.08
C HIS C 320 -28.37 30.91 31.38
N PHE C 321 -29.64 30.52 31.51
CA PHE C 321 -30.74 31.21 30.86
C PHE C 321 -31.62 32.00 31.83
N GLY C 322 -31.18 32.17 33.08
CA GLY C 322 -31.95 32.91 34.06
C GLY C 322 -33.00 32.07 34.75
N ASN C 323 -33.33 32.47 35.98
CA ASN C 323 -34.33 31.77 36.77
C ASN C 323 -35.72 32.12 36.27
N ASN C 324 -36.72 31.38 36.81
CA ASN C 324 -38.16 31.48 36.52
C ASN C 324 -38.48 31.52 35.02
N THR C 325 -37.67 30.84 34.22
CA THR C 325 -37.86 30.76 32.76
C THR C 325 -38.12 29.29 32.45
N ILE C 326 -39.35 28.98 32.04
CA ILE C 326 -39.70 27.60 31.73
C ILE C 326 -39.05 27.19 30.42
N ILE C 327 -38.53 25.95 30.42
CA ILE C 327 -37.79 25.43 29.23
C ILE C 327 -38.52 24.16 28.76
N ARG C 328 -38.34 23.79 27.49
CA ARG C 328 -39.10 22.63 26.95
C ARG C 328 -38.18 21.77 26.08
N PHE C 329 -38.10 20.48 26.36
CA PHE C 329 -37.31 19.57 25.48
C PHE C 329 -38.31 18.93 24.52
N ALA C 330 -38.10 19.10 23.21
CA ALA C 330 -38.99 18.48 22.21
C ALA C 330 -38.14 17.66 21.24
N ASN C 331 -38.77 17.00 20.27
CA ASN C 331 -38.01 16.07 19.36
C ASN C 331 -37.43 16.85 18.18
N SER C 332 -36.61 16.19 17.36
CA SER C 332 -35.90 16.87 16.23
C SER C 332 -36.82 17.74 15.35
N SER C 333 -36.22 18.66 14.58
CA SER C 333 -36.96 19.59 13.73
C SER C 333 -36.99 19.19 12.26
N GLY C 334 -36.64 17.96 11.92
CA GLY C 334 -36.68 17.56 10.53
C GLY C 334 -35.29 17.45 9.91
N GLY C 335 -35.23 16.69 8.83
CA GLY C 335 -34.05 16.41 8.05
C GLY C 335 -34.02 14.93 7.72
N ASP C 336 -32.86 14.42 7.35
CA ASP C 336 -32.82 13.00 7.06
C ASP C 336 -32.73 12.18 8.35
N LEU C 337 -32.79 10.86 8.18
CA LEU C 337 -32.78 9.92 9.30
C LEU C 337 -31.52 9.98 10.15
N GLU C 338 -30.38 10.36 9.55
CA GLU C 338 -29.12 10.41 10.30
C GLU C 338 -29.12 11.49 11.37
N VAL C 339 -29.86 12.59 11.16
CA VAL C 339 -29.88 13.63 12.18
C VAL C 339 -31.18 13.55 12.98
N THR C 340 -32.23 13.01 12.38
CA THR C 340 -33.49 12.93 13.13
C THR C 340 -33.60 11.70 14.01
N THR C 341 -32.77 10.69 13.82
CA THR C 341 -32.83 9.49 14.65
C THR C 341 -31.50 9.26 15.34
N HIS C 342 -31.58 8.71 16.55
CA HIS C 342 -30.40 8.43 17.36
C HIS C 342 -29.71 7.22 16.74
N SER C 343 -28.64 7.48 15.99
CA SER C 343 -27.89 6.43 15.33
C SER C 343 -26.65 6.04 16.13
N PHE C 344 -26.37 4.75 16.13
CA PHE C 344 -25.22 4.17 16.84
C PHE C 344 -25.00 2.77 16.29
N ASN C 345 -24.06 2.06 16.91
CA ASN C 345 -23.72 0.69 16.54
C ASN C 345 -23.82 -0.17 17.79
N CYS C 346 -24.52 -1.30 17.69
CA CYS C 346 -24.68 -2.21 18.82
C CYS C 346 -24.44 -3.64 18.34
N GLY C 347 -23.27 -4.19 18.66
CA GLY C 347 -22.92 -5.54 18.29
C GLY C 347 -22.44 -5.73 16.87
N GLY C 348 -22.62 -4.75 16.00
CA GLY C 348 -22.20 -4.86 14.62
C GLY C 348 -23.24 -4.25 13.69
N GLU C 349 -24.50 -4.29 14.10
CA GLU C 349 -25.58 -3.72 13.32
C GLU C 349 -25.79 -2.26 13.72
N PHE C 350 -26.25 -1.46 12.77
CA PHE C 350 -26.47 -0.03 12.99
C PHE C 350 -27.95 0.22 13.25
N PHE C 351 -28.23 0.97 14.31
CA PHE C 351 -29.59 1.30 14.72
C PHE C 351 -29.92 2.75 14.39
N TYR C 352 -31.21 3.04 14.35
CA TYR C 352 -31.74 4.38 14.08
C TYR C 352 -33.01 4.46 14.91
N CYS C 353 -32.88 4.98 16.13
CA CYS C 353 -33.98 5.06 17.08
C CYS C 353 -34.67 6.41 17.09
N ASN C 354 -35.99 6.37 17.25
CA ASN C 354 -36.86 7.55 17.32
C ASN C 354 -36.81 8.03 18.76
N THR C 355 -35.95 9.01 19.02
CA THR C 355 -35.76 9.57 20.36
C THR C 355 -36.81 10.61 20.77
N SER C 356 -37.95 10.66 20.10
CA SER C 356 -38.99 11.63 20.45
C SER C 356 -39.61 11.35 21.82
N GLY C 357 -39.54 10.11 22.31
CA GLY C 357 -40.10 9.80 23.61
C GLY C 357 -39.29 10.30 24.78
N LEU C 358 -38.01 10.60 24.57
CA LEU C 358 -37.15 11.10 25.64
C LEU C 358 -37.28 12.61 25.80
N PHE C 359 -37.03 13.35 24.73
CA PHE C 359 -37.12 14.81 24.75
C PHE C 359 -38.57 15.23 24.47
N ASN C 360 -39.42 14.98 25.45
CA ASN C 360 -40.85 15.33 25.34
C ASN C 360 -41.34 15.63 26.74
N SER C 361 -41.24 16.91 27.13
CA SER C 361 -41.66 17.40 28.44
C SER C 361 -41.58 18.92 28.44
N THR C 362 -42.18 19.52 29.46
CA THR C 362 -42.19 20.96 29.67
C THR C 362 -41.91 21.19 31.15
N TRP C 363 -40.74 21.74 31.45
CA TRP C 363 -40.34 21.98 32.83
C TRP C 363 -40.81 23.34 33.30
N ILE C 364 -41.66 23.32 34.32
CA ILE C 364 -42.21 24.54 34.94
C ILE C 364 -41.42 24.80 36.20
N SER C 365 -41.20 26.09 36.51
CA SER C 365 -40.45 26.47 37.69
C SER C 365 -41.20 26.06 38.98
N ASN C 366 -40.42 26.00 40.07
CA ASN C 366 -40.83 25.63 41.43
C ASN C 366 -41.72 24.38 41.47
N THR C 367 -41.14 23.27 41.05
CA THR C 367 -41.83 21.98 41.01
C THR C 367 -42.11 21.47 42.42
N ASP C 379 -42.88 2.22 33.69
CA ASP C 379 -41.65 2.09 34.46
C ASP C 379 -40.43 2.40 33.60
N SER C 380 -40.52 2.09 32.31
CA SER C 380 -39.43 2.35 31.38
C SER C 380 -39.99 2.96 30.10
N ILE C 381 -39.15 3.71 29.41
CA ILE C 381 -39.51 4.38 28.16
C ILE C 381 -38.91 3.58 27.01
N THR C 382 -39.75 3.11 26.10
CA THR C 382 -39.30 2.35 24.94
C THR C 382 -39.20 3.27 23.74
N LEU C 383 -38.14 3.11 22.96
CA LEU C 383 -37.89 3.94 21.79
C LEU C 383 -37.88 3.06 20.55
N PRO C 384 -38.77 3.27 19.59
CA PRO C 384 -38.75 2.44 18.37
C PRO C 384 -37.51 2.72 17.54
N CYS C 385 -36.87 1.65 17.07
CA CYS C 385 -35.65 1.77 16.29
C CYS C 385 -35.78 1.07 14.95
N ARG C 386 -34.98 1.53 14.00
CA ARG C 386 -34.93 0.99 12.64
C ARG C 386 -33.49 0.60 12.36
N ILE C 387 -33.30 -0.51 11.65
CA ILE C 387 -31.97 -1.01 11.32
C ILE C 387 -31.75 -0.91 9.82
N LYS C 388 -30.64 -0.28 9.44
CA LYS C 388 -30.25 -0.10 8.05
C LYS C 388 -28.98 -0.87 7.76
N GLN C 389 -28.89 -1.45 6.57
CA GLN C 389 -27.72 -2.20 6.15
C GLN C 389 -26.80 -1.38 5.26
N ILE C 390 -27.35 -0.61 4.33
CA ILE C 390 -26.56 0.25 3.46
C ILE C 390 -26.59 1.63 4.10
N ILE C 391 -25.43 2.08 4.60
CA ILE C 391 -25.34 3.37 5.28
C ILE C 391 -24.18 4.21 4.74
N ASN C 392 -24.21 5.48 5.13
CA ASN C 392 -23.19 6.48 4.84
C ASN C 392 -22.89 6.95 6.26
N MET C 393 -21.87 6.35 6.87
CA MET C 393 -21.51 6.66 8.25
C MET C 393 -21.10 8.11 8.39
N TRP C 394 -20.22 8.58 7.53
CA TRP C 394 -19.76 9.95 7.57
C TRP C 394 -20.55 10.81 6.58
N GLN C 395 -20.18 12.08 6.49
CA GLN C 395 -20.83 13.03 5.59
C GLN C 395 -20.18 12.98 4.21
N ARG C 396 -20.15 11.78 3.65
CA ARG C 396 -19.57 11.53 2.34
C ARG C 396 -20.56 10.76 1.50
N ILE C 397 -20.68 11.15 0.23
CA ILE C 397 -21.61 10.48 -0.69
C ILE C 397 -20.88 9.41 -1.52
N GLY C 398 -19.62 9.62 -1.86
CA GLY C 398 -18.85 8.68 -2.63
C GLY C 398 -18.29 7.49 -1.88
N GLN C 399 -18.51 7.40 -0.57
CA GLN C 399 -17.99 6.29 0.23
C GLN C 399 -19.11 5.79 1.14
N CYS C 400 -19.56 4.56 0.90
CA CYS C 400 -20.60 3.91 1.68
C CYS C 400 -20.16 2.48 2.02
N MET C 401 -20.85 1.86 2.97
CA MET C 401 -20.51 0.52 3.39
C MET C 401 -21.76 -0.26 3.77
N TYR C 402 -21.84 -1.50 3.27
CA TYR C 402 -22.96 -2.39 3.55
C TYR C 402 -22.58 -3.24 4.76
N ALA C 403 -23.30 -3.05 5.85
CA ALA C 403 -23.03 -3.81 7.07
C ALA C 403 -23.61 -5.21 6.92
N PRO C 404 -22.80 -6.27 7.08
CA PRO C 404 -23.34 -7.61 6.95
C PRO C 404 -24.25 -7.96 8.12
N PRO C 405 -25.30 -8.75 7.88
CA PRO C 405 -26.21 -9.11 8.98
C PRO C 405 -25.61 -10.19 9.86
N ILE C 406 -25.53 -9.90 11.16
CA ILE C 406 -24.98 -10.86 12.11
C ILE C 406 -26.10 -11.75 12.64
N GLN C 407 -25.83 -13.04 12.74
CA GLN C 407 -26.83 -13.98 13.21
C GLN C 407 -26.93 -13.94 14.73
N GLY C 408 -28.09 -14.38 15.23
CA GLY C 408 -28.36 -14.39 16.65
C GLY C 408 -29.07 -13.14 17.13
N VAL C 409 -29.50 -13.20 18.40
CA VAL C 409 -30.20 -12.07 19.00
C VAL C 409 -29.18 -11.06 19.51
N ILE C 410 -29.32 -9.81 19.08
CA ILE C 410 -28.43 -8.72 19.45
C ILE C 410 -28.97 -8.08 20.73
N ARG C 411 -28.09 -7.87 21.69
CA ARG C 411 -28.45 -7.24 22.96
C ARG C 411 -27.21 -6.57 23.53
N CYS C 412 -27.35 -5.29 23.88
CA CYS C 412 -26.22 -4.56 24.45
C CYS C 412 -26.73 -3.53 25.46
N VAL C 413 -25.97 -3.36 26.52
CA VAL C 413 -26.28 -2.41 27.60
C VAL C 413 -25.16 -1.39 27.64
N SER C 414 -25.52 -0.11 27.57
CA SER C 414 -24.52 0.95 27.57
C SER C 414 -24.98 2.10 28.46
N ASN C 415 -24.11 3.10 28.57
CA ASN C 415 -24.34 4.28 29.39
C ASN C 415 -24.35 5.51 28.49
N ILE C 416 -25.32 6.40 28.66
CA ILE C 416 -25.34 7.65 27.91
C ILE C 416 -24.85 8.72 28.88
N THR C 417 -23.82 9.45 28.47
CA THR C 417 -23.24 10.46 29.34
C THR C 417 -23.28 11.85 28.73
N GLY C 418 -24.33 12.17 27.99
CA GLY C 418 -24.40 13.49 27.39
C GLY C 418 -25.34 13.57 26.21
N LEU C 419 -25.81 14.80 25.93
CA LEU C 419 -26.72 15.05 24.83
C LEU C 419 -26.18 16.21 24.00
N ILE C 420 -26.57 16.25 22.73
CA ILE C 420 -26.17 17.31 21.83
C ILE C 420 -27.45 18.06 21.47
N LEU C 421 -27.78 19.08 22.26
CA LEU C 421 -28.99 19.86 22.07
C LEU C 421 -28.78 21.03 21.13
N THR C 422 -29.89 21.59 20.67
CA THR C 422 -29.92 22.75 19.78
C THR C 422 -31.14 23.58 20.13
N ARG C 423 -30.96 24.89 20.23
CA ARG C 423 -32.06 25.77 20.57
C ARG C 423 -32.80 26.22 19.32
N ASP C 424 -33.89 26.95 19.52
CA ASP C 424 -34.72 27.48 18.44
C ASP C 424 -34.82 28.99 18.61
N GLY C 425 -34.66 29.72 17.50
CA GLY C 425 -34.73 31.17 17.58
C GLY C 425 -36.15 31.65 17.84
N GLY C 426 -36.23 32.76 18.56
CA GLY C 426 -37.53 33.33 18.89
C GLY C 426 -37.35 34.59 19.71
N SER C 427 -38.44 35.36 19.79
CA SER C 427 -38.44 36.60 20.55
C SER C 427 -39.51 36.56 21.64
N THR C 428 -39.57 35.46 22.37
CA THR C 428 -40.54 35.27 23.45
C THR C 428 -40.09 35.82 24.79
N ASN C 429 -39.18 36.81 24.79
CA ASN C 429 -38.64 37.46 25.99
C ASN C 429 -37.99 36.45 26.95
N SER C 430 -37.12 35.61 26.39
CA SER C 430 -36.37 34.57 27.13
C SER C 430 -37.29 33.59 27.86
N THR C 431 -38.46 33.29 27.29
CA THR C 431 -39.41 32.37 27.89
C THR C 431 -39.70 31.26 26.89
N THR C 432 -40.07 30.09 27.44
CA THR C 432 -40.40 28.88 26.67
C THR C 432 -39.26 28.48 25.72
N GLU C 433 -38.05 28.41 26.28
CA GLU C 433 -36.87 28.04 25.51
C GLU C 433 -36.93 26.57 25.15
N THR C 434 -37.18 26.26 23.87
CA THR C 434 -37.28 24.89 23.41
C THR C 434 -35.91 24.33 23.07
N PHE C 435 -35.59 23.17 23.66
CA PHE C 435 -34.33 22.48 23.44
C PHE C 435 -34.63 21.19 22.70
N ARG C 436 -33.97 21.02 21.55
CA ARG C 436 -34.21 19.81 20.72
C ARG C 436 -32.85 19.23 20.33
N PRO C 437 -32.68 17.89 20.29
CA PRO C 437 -31.39 17.28 19.93
C PRO C 437 -31.08 17.50 18.46
N GLY C 438 -29.81 17.30 18.14
CA GLY C 438 -29.31 17.46 16.79
C GLY C 438 -27.84 17.10 16.78
N GLY C 439 -27.03 17.92 16.12
CA GLY C 439 -25.61 17.64 16.08
C GLY C 439 -25.17 16.54 15.13
N GLY C 440 -25.33 16.78 13.83
CA GLY C 440 -24.93 15.81 12.84
C GLY C 440 -23.43 15.64 12.72
N ASP C 441 -22.66 16.61 13.23
CA ASP C 441 -21.21 16.52 13.16
C ASP C 441 -20.70 15.48 14.15
N MET C 442 -19.68 14.69 13.80
CA MET C 442 -19.12 13.72 14.80
C MET C 442 -18.04 14.32 15.73
N ARG C 443 -17.52 15.48 15.35
CA ARG C 443 -16.39 16.03 16.15
C ARG C 443 -16.88 16.46 17.55
N ASP C 444 -18.15 16.81 17.75
CA ASP C 444 -18.64 17.16 19.11
C ASP C 444 -18.60 15.92 20.01
N ASN C 445 -19.05 14.80 19.46
CA ASN C 445 -18.96 13.53 20.21
C ASN C 445 -17.48 13.36 20.57
N TRP C 446 -16.59 13.55 19.59
CA TRP C 446 -15.17 13.26 19.92
C TRP C 446 -14.62 14.25 20.96
N ARG C 447 -15.09 15.50 20.94
CA ARG C 447 -14.58 16.59 21.82
C ARG C 447 -15.03 16.45 23.27
N SER C 448 -16.05 15.65 23.54
CA SER C 448 -16.58 15.53 24.91
C SER C 448 -15.58 14.79 25.79
N GLU C 449 -14.56 14.20 25.18
CA GLU C 449 -13.55 13.42 25.93
C GLU C 449 -12.20 14.14 25.88
N LEU C 450 -11.94 14.88 24.81
CA LEU C 450 -10.66 15.55 24.64
C LEU C 450 -10.71 17.00 25.12
N TYR C 451 -11.69 17.36 25.95
CA TYR C 451 -11.79 18.74 26.41
C TYR C 451 -10.76 19.07 27.49
N LYS C 452 -10.39 18.09 28.32
CA LYS C 452 -9.42 18.36 29.36
C LYS C 452 -8.00 18.44 28.82
N TYR C 453 -7.75 17.85 27.66
CA TYR C 453 -6.42 17.79 27.07
C TYR C 453 -6.20 18.82 25.98
N LYS C 454 -4.93 19.20 25.83
CA LYS C 454 -4.48 20.16 24.81
C LYS C 454 -3.03 19.83 24.53
N VAL C 455 -2.53 20.27 23.38
CA VAL C 455 -1.15 20.00 23.01
C VAL C 455 -0.33 21.27 23.08
N VAL C 456 0.83 21.18 23.73
CA VAL C 456 1.75 22.30 23.89
C VAL C 456 3.13 21.86 23.43
N LYS C 457 3.94 22.82 23.00
CA LYS C 457 5.30 22.56 22.53
C LYS C 457 6.29 23.12 23.53
N ILE C 458 7.13 22.24 24.07
CA ILE C 458 8.12 22.62 25.07
C ILE C 458 9.25 23.40 24.41
N GLU C 459 9.62 24.52 25.02
CA GLU C 459 10.70 25.40 24.54
C GLU C 459 11.78 25.36 25.61
N PRO C 460 12.77 24.48 25.48
CA PRO C 460 13.82 24.39 26.50
C PRO C 460 14.79 25.56 26.51
N LEU C 461 14.89 26.31 25.43
CA LEU C 461 15.82 27.44 25.39
C LEU C 461 15.23 28.64 26.11
N GLY C 462 16.03 29.23 26.99
CA GLY C 462 15.59 30.40 27.75
C GLY C 462 16.78 31.28 28.08
N VAL C 463 16.53 32.57 28.19
CA VAL C 463 17.55 33.55 28.51
C VAL C 463 17.12 34.34 29.74
N ALA C 464 18.06 34.54 30.66
CA ALA C 464 17.82 35.26 31.90
C ALA C 464 19.13 35.91 32.33
N PRO C 465 19.07 37.11 32.92
CA PRO C 465 20.30 37.79 33.35
C PRO C 465 20.71 37.47 34.78
N THR C 466 22.02 37.34 34.96
CA THR C 466 22.64 37.06 36.25
C THR C 466 23.99 37.76 36.30
N ARG C 467 24.50 37.92 37.52
CA ARG C 467 25.79 38.58 37.72
C ARG C 467 26.90 37.54 37.61
N CYS C 468 27.26 37.18 36.38
CA CYS C 468 28.33 36.23 36.14
C CYS C 468 28.88 36.52 34.76
N LYS C 469 30.21 36.43 34.61
CA LYS C 469 30.87 36.70 33.34
C LYS C 469 31.77 35.53 32.97
N ARG C 470 31.75 35.16 31.71
CA ARG C 470 32.59 34.05 31.24
C ARG C 470 34.05 34.49 31.22
N ARG C 471 34.90 33.72 31.88
CA ARG C 471 36.32 34.05 31.94
C ARG C 471 36.99 33.84 30.58
N VAL C 472 37.96 34.68 30.28
CA VAL C 472 38.69 34.60 29.02
C VAL C 472 39.85 33.63 29.17
N VAL C 473 39.84 32.57 28.38
CA VAL C 473 40.90 31.57 28.42
C VAL C 473 41.56 31.44 27.05
N LEU D 3 8.82 17.95 41.53
CA LEU D 3 9.58 16.83 40.92
C LEU D 3 8.78 16.27 39.73
N GLY D 4 9.46 15.61 38.79
CA GLY D 4 8.78 15.08 37.59
C GLY D 4 8.86 16.07 36.45
N PHE D 5 8.61 15.62 35.22
CA PHE D 5 8.73 16.50 34.04
C PHE D 5 7.89 17.75 34.27
N LEU D 6 8.49 18.92 34.10
CA LEU D 6 7.74 20.20 34.20
C LEU D 6 7.17 20.43 35.62
N GLY D 7 7.43 19.54 36.59
CA GLY D 7 6.88 19.84 37.89
C GLY D 7 7.34 21.16 38.47
N ALA D 8 8.47 21.68 38.00
CA ALA D 8 9.00 22.95 38.49
C ALA D 8 8.51 24.14 37.66
N ALA D 9 7.46 23.96 36.87
CA ALA D 9 6.93 25.06 36.05
C ALA D 9 6.33 26.16 36.90
N GLY D 10 5.60 25.79 37.97
CA GLY D 10 5.01 26.80 38.82
C GLY D 10 5.95 27.36 39.85
N SER D 11 7.12 26.76 40.02
CA SER D 11 8.09 27.26 40.98
C SER D 11 8.77 28.50 40.42
N THR D 12 9.56 29.15 41.27
CA THR D 12 10.26 30.35 40.88
C THR D 12 11.37 30.04 39.89
N MET D 13 11.92 31.12 39.31
CA MET D 13 13.01 31.01 38.34
C MET D 13 14.25 30.39 38.96
N GLY D 14 14.56 30.75 40.21
CA GLY D 14 15.72 30.17 40.87
C GLY D 14 15.51 28.72 41.26
N ALA D 15 14.28 28.37 41.68
CA ALA D 15 13.99 26.99 42.09
C ALA D 15 13.89 26.07 40.88
N ALA D 16 13.37 26.57 39.76
CA ALA D 16 13.24 25.73 38.57
C ALA D 16 14.58 25.51 37.88
N SER D 17 15.55 26.41 38.10
CA SER D 17 16.86 26.26 37.48
C SER D 17 17.65 25.10 38.07
N MET D 18 17.31 24.68 39.29
CA MET D 18 18.01 23.57 39.93
C MET D 18 17.71 22.24 39.26
N THR D 19 16.48 22.05 38.76
CA THR D 19 16.07 20.82 38.10
C THR D 19 15.80 21.09 36.62
N LEU D 20 16.77 20.74 35.77
CA LEU D 20 16.64 20.91 34.33
C LEU D 20 16.88 19.62 33.56
N THR D 21 17.53 18.62 34.16
CA THR D 21 17.78 17.35 33.48
C THR D 21 16.47 16.59 33.28
N VAL D 22 15.50 16.79 34.16
CA VAL D 22 14.21 16.11 34.03
C VAL D 22 13.44 16.62 32.82
N GLN D 23 13.75 17.84 32.37
CA GLN D 23 13.10 18.37 31.19
C GLN D 23 13.96 18.11 29.96
N ALA D 24 15.28 17.99 30.16
CA ALA D 24 16.18 17.73 29.04
C ALA D 24 16.10 16.28 28.58
N ARG D 25 15.82 15.35 29.50
CA ARG D 25 15.75 13.94 29.12
C ARG D 25 14.49 13.61 28.33
N ASN D 26 13.42 14.39 28.53
CA ASN D 26 12.16 14.15 27.85
C ASN D 26 12.11 14.74 26.45
N LEU D 27 13.21 15.30 25.95
CA LEU D 27 13.20 15.85 24.61
C LEU D 27 13.46 14.80 23.54
N LEU D 28 13.81 13.57 23.94
CA LEU D 28 14.05 12.48 23.02
C LEU D 28 13.11 11.31 23.24
N SER D 29 12.99 10.85 24.49
CA SER D 29 12.13 9.73 24.91
C SER D 29 12.38 8.45 24.13
N LEU D 51 2.17 -0.46 6.34
CA LEU D 51 0.87 -0.40 5.66
C LEU D 51 -0.09 0.51 6.42
N THR D 52 -0.07 0.42 7.75
CA THR D 52 -0.94 1.24 8.57
C THR D 52 -0.43 2.68 8.61
N VAL D 53 -1.35 3.60 8.93
CA VAL D 53 -0.99 5.01 9.00
C VAL D 53 -0.23 5.34 10.28
N TRP D 54 -0.29 4.45 11.29
CA TRP D 54 0.40 4.70 12.55
C TRP D 54 1.91 4.72 12.36
N GLY D 55 2.44 3.85 11.50
CA GLY D 55 3.86 3.80 11.24
C GLY D 55 4.40 5.07 10.63
N ILE D 56 3.76 5.55 9.56
CA ILE D 56 4.22 6.78 8.91
C ILE D 56 3.98 7.99 9.83
N LYS D 57 2.89 7.98 10.61
CA LYS D 57 2.61 9.09 11.51
C LYS D 57 3.67 9.18 12.62
N GLN D 58 3.98 8.06 13.25
CA GLN D 58 4.98 8.05 14.30
C GLN D 58 6.38 8.30 13.74
N LEU D 59 6.62 7.88 12.49
CA LEU D 59 7.93 8.11 11.89
C LEU D 59 8.12 9.60 11.61
N GLN D 60 7.09 10.27 11.08
CA GLN D 60 7.18 11.70 10.82
C GLN D 60 7.30 12.48 12.12
N ALA D 61 6.57 12.05 13.16
CA ALA D 61 6.66 12.73 14.45
C ALA D 61 8.03 12.54 15.09
N ARG D 62 8.62 11.34 14.95
CA ARG D 62 9.95 11.09 15.50
C ARG D 62 10.99 11.94 14.77
N VAL D 63 10.85 12.06 13.45
CA VAL D 63 11.76 12.88 12.65
C VAL D 63 11.64 14.35 13.05
N LEU D 64 10.41 14.83 13.24
CA LEU D 64 10.20 16.21 13.65
C LEU D 64 10.76 16.48 15.05
N ALA D 65 10.60 15.52 15.96
CA ALA D 65 11.11 15.70 17.32
C ALA D 65 12.63 15.72 17.35
N VAL D 66 13.28 14.79 16.65
CA VAL D 66 14.74 14.77 16.64
C VAL D 66 15.28 15.98 15.88
N GLU D 67 14.53 16.47 14.87
CA GLU D 67 14.97 17.64 14.12
C GLU D 67 14.87 18.90 14.97
N ARG D 68 13.81 19.01 15.78
CA ARG D 68 13.67 20.16 16.66
C ARG D 68 14.75 20.15 17.74
N TYR D 69 15.03 18.97 18.29
CA TYR D 69 16.08 18.85 19.31
C TYR D 69 17.44 19.21 18.71
N LEU D 70 17.70 18.74 17.49
CA LEU D 70 18.96 19.04 16.82
C LEU D 70 19.08 20.52 16.49
N ARG D 71 17.98 21.16 16.10
CA ARG D 71 18.00 22.58 15.78
C ARG D 71 18.31 23.40 17.03
N ASP D 72 17.67 23.07 18.15
CA ASP D 72 17.96 23.79 19.39
C ASP D 72 19.36 23.50 19.91
N GLN D 73 19.82 22.26 19.75
CA GLN D 73 21.16 21.90 20.20
C GLN D 73 22.24 22.61 19.37
N GLN D 74 22.01 22.73 18.06
CA GLN D 74 23.00 23.44 17.23
C GLN D 74 22.92 24.93 17.47
N LEU D 75 21.73 25.46 17.79
CA LEU D 75 21.60 26.89 18.08
C LEU D 75 22.33 27.21 19.37
N LEU D 76 22.35 26.25 20.30
CA LEU D 76 23.09 26.42 21.54
C LEU D 76 24.58 26.18 21.31
N GLY D 77 24.92 25.29 20.38
CA GLY D 77 26.31 24.97 20.11
C GLY D 77 27.06 26.05 19.36
N ILE D 78 26.35 26.88 18.58
CA ILE D 78 27.06 27.94 17.85
C ILE D 78 27.49 29.03 18.83
N TRP D 79 26.90 29.06 20.02
CA TRP D 79 27.25 30.01 21.07
C TRP D 79 28.36 29.38 21.90
N GLY D 80 28.65 29.95 23.06
CA GLY D 80 29.69 29.40 23.89
C GLY D 80 29.25 28.34 24.88
N CYS D 81 28.09 27.72 24.66
CA CYS D 81 27.56 26.70 25.56
C CYS D 81 27.37 25.39 24.79
N SER D 82 28.34 24.49 24.90
CA SER D 82 28.29 23.19 24.23
C SER D 82 28.02 22.14 25.29
N GLY D 83 26.79 21.65 25.34
CA GLY D 83 26.41 20.65 26.33
C GLY D 83 26.42 21.18 27.74
N LYS D 84 26.03 22.44 27.94
CA LYS D 84 26.01 23.06 29.25
C LYS D 84 24.60 23.55 29.55
N LEU D 85 24.09 23.20 30.72
CA LEU D 85 22.75 23.64 31.10
C LEU D 85 22.81 25.04 31.72
N ILE D 86 23.72 25.23 32.68
CA ILE D 86 23.91 26.52 33.33
C ILE D 86 25.17 27.09 32.69
N CYS D 87 24.97 27.92 31.68
CA CYS D 87 26.08 28.53 30.93
C CYS D 87 26.10 30.04 31.11
N CYS D 88 27.25 30.56 31.56
CA CYS D 88 27.43 31.99 31.73
C CYS D 88 27.96 32.60 30.43
N THR D 89 27.63 33.88 30.21
CA THR D 89 28.06 34.55 28.99
C THR D 89 28.51 35.96 29.36
N ASN D 90 29.55 36.43 28.68
CA ASN D 90 30.12 37.75 28.90
C ASN D 90 29.40 38.86 28.15
N VAL D 91 28.14 38.65 27.75
CA VAL D 91 27.39 39.67 27.02
C VAL D 91 26.68 40.58 28.01
N PRO D 92 26.84 41.90 27.93
CA PRO D 92 26.14 42.79 28.87
C PRO D 92 24.64 42.77 28.64
N TRP D 93 23.89 42.89 29.73
CA TRP D 93 22.44 42.86 29.69
C TRP D 93 21.89 44.28 29.52
N ASN D 94 21.08 44.49 28.50
CA ASN D 94 20.48 45.79 28.24
C ASN D 94 19.35 46.00 29.25
N SER D 95 19.37 47.13 29.94
CA SER D 95 18.35 47.42 30.95
C SER D 95 16.97 47.65 30.34
N SER D 96 16.90 48.10 29.08
CA SER D 96 15.61 48.35 28.45
C SER D 96 14.87 47.08 28.07
N TRP D 97 15.50 45.92 28.16
CA TRP D 97 14.82 44.67 27.80
C TRP D 97 13.78 44.29 28.84
N SER D 98 14.08 44.48 30.13
CA SER D 98 13.12 44.10 31.16
C SER D 98 12.86 45.18 32.20
N ASN D 99 13.86 46.04 32.47
CA ASN D 99 13.79 47.12 33.47
C ASN D 99 13.45 46.58 34.86
N ARG D 100 14.00 45.41 35.19
CA ARG D 100 13.76 44.75 36.47
C ARG D 100 15.09 44.36 37.10
N ASN D 101 15.08 44.23 38.43
CA ASN D 101 16.28 43.85 39.16
C ASN D 101 16.43 42.32 39.19
N LEU D 102 17.39 41.86 39.99
CA LEU D 102 17.66 40.43 40.10
C LEU D 102 16.81 39.76 41.18
N SER D 103 16.36 40.50 42.18
CA SER D 103 15.59 39.90 43.27
C SER D 103 14.15 39.55 42.89
N GLU D 104 13.45 40.45 42.18
CA GLU D 104 12.06 40.15 41.85
C GLU D 104 11.90 39.22 40.65
N ILE D 105 12.96 38.93 39.91
CA ILE D 105 12.81 38.03 38.77
C ILE D 105 13.32 36.63 39.07
N TRP D 106 14.06 36.43 40.15
CA TRP D 106 14.54 35.10 40.50
C TRP D 106 13.87 34.50 41.71
N ASP D 107 13.24 35.32 42.56
CA ASP D 107 12.55 34.84 43.75
C ASP D 107 11.07 35.19 43.80
N ASN D 108 10.51 35.78 42.73
CA ASN D 108 9.10 36.15 42.76
C ASN D 108 8.34 35.73 41.51
N MET D 109 9.02 35.59 40.37
CA MET D 109 8.37 35.22 39.13
C MET D 109 8.84 33.84 38.65
N THR D 110 8.03 33.24 37.77
CA THR D 110 8.28 31.94 37.19
C THR D 110 8.92 32.08 35.81
N TRP D 111 9.18 30.93 35.18
CA TRP D 111 9.80 30.93 33.86
C TRP D 111 8.80 31.36 32.78
N LEU D 112 7.52 30.99 32.93
CA LEU D 112 6.51 31.35 31.94
C LEU D 112 6.27 32.85 31.92
N GLN D 113 6.19 33.47 33.10
CA GLN D 113 5.98 34.92 33.19
C GLN D 113 7.19 35.66 32.61
N TRP D 114 8.37 35.07 32.75
CA TRP D 114 9.57 35.69 32.19
C TRP D 114 9.61 35.53 30.68
N ASP D 115 9.08 34.42 30.17
CA ASP D 115 9.05 34.20 28.73
C ASP D 115 8.04 35.12 28.06
N LYS D 116 6.93 35.40 28.73
CA LYS D 116 5.92 36.30 28.15
C LYS D 116 6.37 37.75 28.13
N GLU D 117 7.43 38.10 28.86
CA GLU D 117 7.91 39.48 28.88
C GLU D 117 8.94 39.77 27.80
N ILE D 118 9.73 38.77 27.39
CA ILE D 118 10.74 38.98 26.36
C ILE D 118 10.46 38.11 25.15
N SER D 119 9.16 37.88 24.87
CA SER D 119 8.76 37.06 23.73
C SER D 119 9.21 37.66 22.41
N ASN D 120 9.12 38.98 22.27
CA ASN D 120 9.53 39.65 21.04
C ASN D 120 10.94 40.22 21.11
N TYR D 121 11.68 39.94 22.18
CA TYR D 121 13.05 40.41 22.36
C TYR D 121 14.05 39.27 22.32
N THR D 122 13.59 38.05 22.01
CA THR D 122 14.44 36.87 21.98
C THR D 122 15.37 36.82 20.77
N GLN D 123 14.86 37.19 19.58
CA GLN D 123 15.68 37.13 18.37
C GLN D 123 16.84 38.13 18.39
N ILE D 124 16.63 39.32 18.98
CA ILE D 124 17.72 40.30 19.01
C ILE D 124 18.78 39.88 20.02
N ILE D 125 18.41 39.02 20.98
CA ILE D 125 19.39 38.54 21.95
C ILE D 125 20.14 37.36 21.36
N TYR D 126 19.43 36.49 20.63
CA TYR D 126 20.04 35.33 20.00
C TYR D 126 21.02 35.74 18.91
N GLY D 127 20.68 36.80 18.14
CA GLY D 127 21.56 37.24 17.08
C GLY D 127 22.86 37.85 17.59
N LEU D 128 22.77 38.59 18.70
CA LEU D 128 23.98 39.23 19.24
C LEU D 128 24.86 38.20 19.95
N LEU D 129 24.26 37.12 20.45
CA LEU D 129 25.02 36.08 21.14
C LEU D 129 25.96 35.37 20.17
N GLU D 130 25.47 35.12 18.94
CA GLU D 130 26.27 34.46 17.92
C GLU D 130 27.45 35.32 17.49
N GLU D 131 27.23 36.64 17.33
CA GLU D 131 28.34 37.51 16.94
C GLU D 131 29.34 37.66 18.09
N SER D 132 28.86 37.65 19.34
CA SER D 132 29.75 37.75 20.48
C SER D 132 30.63 36.52 20.56
N GLN D 133 30.05 35.33 20.32
CA GLN D 133 30.85 34.11 20.33
C GLN D 133 31.80 34.07 19.15
N ASN D 134 31.38 34.64 18.01
CA ASN D 134 32.25 34.70 16.83
C ASN D 134 33.46 35.58 17.10
N GLN D 135 33.26 36.69 17.81
CA GLN D 135 34.38 37.56 18.15
C GLN D 135 35.28 36.91 19.19
N GLN D 136 34.69 36.20 20.16
CA GLN D 136 35.47 35.52 21.20
C GLN D 136 36.33 34.42 20.60
N GLU D 137 35.79 33.68 19.61
CA GLU D 137 36.53 32.61 18.97
C GLU D 137 37.74 33.15 18.21
N LYS D 138 37.57 34.27 17.49
CA LYS D 138 38.70 34.82 16.75
C LYS D 138 39.71 35.47 17.71
N ASN D 139 39.23 35.98 18.86
CA ASN D 139 40.15 36.57 19.83
C ASN D 139 40.96 35.48 20.51
N GLU D 140 40.37 34.30 20.68
CA GLU D 140 41.08 33.18 21.28
C GLU D 140 42.04 32.56 20.27
N GLN D 141 41.64 32.52 19.00
CA GLN D 141 42.49 31.94 17.96
C GLN D 141 43.71 32.81 17.69
N ASP D 142 43.52 34.14 17.63
CA ASP D 142 44.67 35.02 17.36
C ASP D 142 45.63 35.09 18.55
N LEU D 143 45.11 35.04 19.77
CA LEU D 143 45.96 35.09 20.95
C LEU D 143 46.79 33.81 21.08
N LEU D 144 46.19 32.67 20.75
CA LEU D 144 46.89 31.40 20.84
C LEU D 144 47.93 31.24 19.74
N ALA D 145 47.85 32.04 18.67
CA ALA D 145 48.82 31.93 17.59
C ALA D 145 50.07 32.76 17.85
N LEU D 146 49.96 33.80 18.68
CA LEU D 146 51.12 34.64 18.98
C LEU D 146 51.83 34.08 20.21
N ASP D 147 53.10 33.71 20.03
CA ASP D 147 53.93 33.16 21.11
C ASP D 147 55.40 33.25 20.74
N GLU E 1 59.63 26.07 13.68
CA GLU E 1 59.10 27.19 12.90
C GLU E 1 58.29 26.66 11.72
N ASN E 2 57.01 26.40 11.96
CA ASN E 2 56.11 25.89 10.94
C ASN E 2 54.68 26.22 11.34
N LEU E 3 53.73 25.74 10.55
CA LEU E 3 52.32 25.98 10.79
C LEU E 3 51.66 24.73 11.38
N TRP E 4 50.41 24.89 11.82
CA TRP E 4 49.63 23.81 12.40
C TRP E 4 48.26 23.80 11.75
N VAL E 5 47.72 22.60 11.54
CA VAL E 5 46.43 22.47 10.90
C VAL E 5 45.31 22.90 11.86
N THR E 6 44.39 23.71 11.34
CA THR E 6 43.26 24.22 12.10
C THR E 6 41.99 24.00 11.28
N VAL E 7 41.04 23.28 11.85
CA VAL E 7 39.78 22.96 11.18
C VAL E 7 38.79 24.09 11.36
N TYR E 8 37.97 24.32 10.33
CA TYR E 8 36.95 25.35 10.32
C TYR E 8 35.63 24.70 9.96
N TYR E 9 34.58 25.02 10.73
CA TYR E 9 33.25 24.47 10.50
C TYR E 9 32.37 25.56 9.93
N GLY E 10 31.86 25.33 8.72
CA GLY E 10 31.02 26.28 8.05
C GLY E 10 31.66 27.02 6.89
N VAL E 11 32.62 26.41 6.21
CA VAL E 11 33.30 27.05 5.08
C VAL E 11 32.39 27.02 3.85
N PRO E 12 32.47 28.02 2.96
CA PRO E 12 31.63 28.01 1.75
C PRO E 12 32.27 27.21 0.62
N VAL E 13 32.19 25.89 0.74
CA VAL E 13 32.73 24.96 -0.23
C VAL E 13 31.60 24.12 -0.79
N TRP E 14 31.48 24.08 -2.12
CA TRP E 14 30.42 23.33 -2.77
C TRP E 14 30.97 22.10 -3.49
N LYS E 15 30.08 21.14 -3.69
CA LYS E 15 30.37 19.88 -4.37
C LYS E 15 29.13 19.48 -5.16
N ASP E 16 29.33 19.10 -6.42
CA ASP E 16 28.20 18.71 -7.25
C ASP E 16 27.65 17.36 -6.82
N ALA E 17 26.34 17.29 -6.59
CA ALA E 17 25.68 16.07 -6.17
C ALA E 17 24.20 16.14 -6.54
N GLU E 18 23.56 14.98 -6.52
CA GLU E 18 22.15 14.85 -6.84
C GLU E 18 21.34 14.80 -5.55
N THR E 19 20.25 15.57 -5.50
CA THR E 19 19.41 15.63 -4.33
C THR E 19 17.96 15.83 -4.77
N THR E 20 17.05 15.10 -4.12
CA THR E 20 15.63 15.18 -4.42
C THR E 20 15.09 16.49 -3.85
N LEU E 21 14.72 17.41 -4.74
CA LEU E 21 14.19 18.70 -4.31
C LEU E 21 12.74 18.58 -3.88
N PHE E 22 12.28 19.54 -3.09
CA PHE E 22 10.91 19.57 -2.60
C PHE E 22 10.18 20.76 -3.20
N CYS E 23 8.88 20.58 -3.43
CA CYS E 23 8.03 21.58 -4.05
C CYS E 23 7.83 22.81 -3.16
N ALA E 24 7.30 23.86 -3.79
CA ALA E 24 6.98 25.13 -3.14
C ALA E 24 5.97 25.82 -4.04
N SER E 25 4.79 26.11 -3.51
CA SER E 25 3.74 26.76 -4.29
C SER E 25 3.18 27.96 -3.51
N ASP E 26 2.52 28.85 -4.25
CA ASP E 26 1.93 30.04 -3.65
C ASP E 26 0.67 29.73 -2.85
N ALA E 27 0.10 28.53 -3.02
CA ALA E 27 -1.11 28.07 -2.32
C ALA E 27 -2.29 29.01 -2.53
N LYS E 28 -2.58 29.29 -3.80
CA LYS E 28 -3.68 30.18 -4.17
C LYS E 28 -5.00 29.41 -4.22
N HIS E 35 -9.19 21.31 -6.47
CA HIS E 35 -7.94 20.56 -6.54
C HIS E 35 -7.18 20.86 -7.83
N ASN E 36 -5.90 20.52 -7.85
CA ASN E 36 -5.04 20.76 -9.00
C ASN E 36 -4.42 19.45 -9.46
N VAL E 37 -4.11 19.37 -10.77
CA VAL E 37 -3.52 18.17 -11.35
C VAL E 37 -2.09 17.97 -10.86
N TRP E 38 -1.42 19.03 -10.40
CA TRP E 38 -0.06 18.92 -9.90
C TRP E 38 -0.01 18.78 -8.38
N ALA E 39 -1.18 18.62 -7.74
CA ALA E 39 -1.33 18.45 -6.29
C ALA E 39 -0.68 19.59 -5.49
N THR E 40 -1.25 20.79 -5.66
CA THR E 40 -0.74 21.96 -4.95
C THR E 40 -1.00 21.85 -3.45
N HIS E 41 -2.04 21.11 -3.05
CA HIS E 41 -2.33 20.94 -1.64
C HIS E 41 -1.29 20.05 -0.95
N ALA E 42 -0.75 19.07 -1.67
CA ALA E 42 0.26 18.17 -1.14
C ALA E 42 1.67 18.69 -1.45
N CYS E 43 1.90 19.95 -1.08
CA CYS E 43 3.18 20.60 -1.31
C CYS E 43 3.38 21.67 -0.25
N VAL E 44 4.63 21.84 0.18
CA VAL E 44 4.99 22.83 1.20
C VAL E 44 4.78 24.23 0.65
N PRO E 45 4.15 25.15 1.40
CA PRO E 45 3.96 26.51 0.88
C PRO E 45 5.28 27.24 0.73
N THR E 46 5.36 28.10 -0.29
CA THR E 46 6.56 28.85 -0.58
C THR E 46 6.70 30.07 0.32
N ASP E 47 7.91 30.63 0.33
CA ASP E 47 8.21 31.81 1.11
C ASP E 47 7.64 33.04 0.42
N PRO E 48 7.15 34.03 1.19
CA PRO E 48 6.61 35.25 0.56
C PRO E 48 7.65 36.04 -0.23
N ASN E 49 8.92 35.97 0.14
CA ASN E 49 9.96 36.71 -0.58
C ASN E 49 11.29 35.95 -0.54
N PRO E 50 11.50 35.00 -1.45
CA PRO E 50 12.78 34.27 -1.46
C PRO E 50 13.90 35.13 -2.02
N GLN E 51 14.51 35.92 -1.14
CA GLN E 51 15.58 36.83 -1.54
C GLN E 51 16.80 36.07 -2.06
N GLU E 52 17.51 36.70 -2.99
CA GLU E 52 18.69 36.12 -3.59
C GLU E 52 19.95 36.69 -2.95
N ILE E 53 21.01 35.89 -2.98
CA ILE E 53 22.31 36.27 -2.44
C ILE E 53 23.28 36.32 -3.60
N HIS E 54 23.67 37.52 -4.02
CA HIS E 54 24.61 37.66 -5.12
C HIS E 54 26.00 37.28 -4.65
N LEU E 55 26.69 36.46 -5.45
CA LEU E 55 28.03 36.00 -5.12
C LEU E 55 29.03 36.68 -6.04
N GLU E 56 29.93 37.45 -5.46
CA GLU E 56 30.95 38.17 -6.22
C GLU E 56 32.28 37.41 -6.15
N ASN E 57 33.14 37.70 -7.11
CA ASN E 57 34.48 37.13 -7.26
C ASN E 57 34.48 35.61 -7.37
N VAL E 58 33.44 35.01 -7.95
CA VAL E 58 33.37 33.56 -8.08
C VAL E 58 32.65 33.18 -9.37
N THR E 59 33.10 32.07 -9.97
CA THR E 59 32.53 31.52 -11.19
C THR E 59 32.26 30.04 -10.95
N GLU E 60 31.12 29.56 -11.45
CA GLU E 60 30.73 28.17 -11.31
C GLU E 60 30.59 27.53 -12.69
N GLU E 61 31.09 26.31 -12.83
CA GLU E 61 31.04 25.57 -14.08
C GLU E 61 29.67 24.91 -14.20
N PHE E 62 28.81 25.47 -15.04
CA PHE E 62 27.48 24.94 -15.27
C PHE E 62 27.52 23.94 -16.43
N ASN E 63 26.68 22.91 -16.32
CA ASN E 63 26.63 21.88 -17.35
C ASN E 63 25.19 21.42 -17.48
N MET E 64 24.56 21.70 -18.62
CA MET E 64 23.20 21.27 -18.84
C MET E 64 23.19 19.87 -19.45
N TRP E 65 21.98 19.31 -19.57
CA TRP E 65 21.69 17.97 -20.11
C TRP E 65 22.31 16.85 -19.28
N LYS E 66 22.89 17.16 -18.12
CA LYS E 66 23.51 16.16 -17.25
C LYS E 66 23.07 16.32 -15.80
N ASN E 67 22.42 17.42 -15.44
CA ASN E 67 21.97 17.64 -14.08
C ASN E 67 20.76 16.77 -13.77
N ASN E 68 20.63 16.39 -12.50
CA ASN E 68 19.52 15.54 -12.09
C ASN E 68 18.25 16.32 -11.80
N MET E 69 18.27 17.65 -11.89
CA MET E 69 17.06 18.43 -11.62
C MET E 69 15.99 18.20 -12.69
N VAL E 70 16.39 18.13 -13.96
CA VAL E 70 15.42 17.92 -15.02
C VAL E 70 14.82 16.53 -14.95
N GLU E 71 15.64 15.51 -14.63
CA GLU E 71 15.13 14.15 -14.50
C GLU E 71 14.22 14.03 -13.29
N GLN E 72 14.59 14.70 -12.19
CA GLN E 72 13.78 14.68 -10.99
C GLN E 72 12.44 15.37 -11.23
N MET E 73 12.45 16.48 -11.97
CA MET E 73 11.21 17.18 -12.28
C MET E 73 10.35 16.35 -13.23
N HIS E 74 10.98 15.63 -14.16
CA HIS E 74 10.25 14.78 -15.10
C HIS E 74 9.54 13.66 -14.35
N THR E 75 10.25 13.00 -13.42
CA THR E 75 9.64 11.94 -12.63
C THR E 75 8.56 12.49 -11.71
N ASP E 76 8.77 13.70 -11.15
CA ASP E 76 7.78 14.31 -10.29
C ASP E 76 6.50 14.64 -11.05
N ILE E 77 6.65 15.16 -12.27
CA ILE E 77 5.50 15.51 -13.10
C ILE E 77 4.72 14.25 -13.47
N ILE E 78 5.43 13.17 -13.83
CA ILE E 78 4.76 11.91 -14.17
C ILE E 78 4.02 11.33 -12.96
N SER E 79 4.68 11.35 -11.79
CA SER E 79 4.06 10.82 -10.58
C SER E 79 2.85 11.65 -10.15
N LEU E 80 2.95 12.99 -10.25
CA LEU E 80 1.82 13.84 -9.87
C LEU E 80 0.67 13.65 -10.83
N TRP E 81 0.96 13.50 -12.13
CA TRP E 81 -0.07 13.27 -13.13
C TRP E 81 -0.77 11.95 -12.90
N ASP E 82 -0.04 10.92 -12.50
CA ASP E 82 -0.67 9.62 -12.25
C ASP E 82 -1.47 9.63 -10.94
N GLN E 83 -0.95 10.29 -9.90
CA GLN E 83 -1.64 10.33 -8.62
C GLN E 83 -2.92 11.17 -8.69
N SER E 84 -2.90 12.27 -9.46
CA SER E 84 -4.09 13.09 -9.57
C SER E 84 -5.15 12.44 -10.44
N LEU E 85 -4.75 11.47 -11.27
CA LEU E 85 -5.66 10.74 -12.15
C LEU E 85 -6.16 9.45 -11.52
N LYS E 86 -5.46 8.95 -10.50
CA LYS E 86 -5.87 7.71 -9.83
C LYS E 86 -7.28 7.71 -9.21
N PRO E 87 -7.77 8.74 -8.50
CA PRO E 87 -9.14 8.64 -7.96
C PRO E 87 -10.25 8.78 -8.99
N CYS E 88 -9.94 9.02 -10.26
CA CYS E 88 -10.99 9.15 -11.27
C CYS E 88 -11.56 7.78 -11.63
N VAL E 89 -12.71 7.80 -12.30
CA VAL E 89 -13.38 6.57 -12.70
C VAL E 89 -12.66 5.95 -13.90
N LYS E 90 -12.80 4.64 -14.04
CA LYS E 90 -12.18 3.90 -15.13
C LYS E 90 -13.15 3.73 -16.27
N LEU E 91 -12.63 3.77 -17.50
CA LEU E 91 -13.45 3.62 -18.70
C LEU E 91 -13.37 2.22 -19.29
N THR E 92 -13.27 1.19 -18.44
CA THR E 92 -13.21 -0.18 -18.93
C THR E 92 -14.45 -0.68 -19.68
N PRO E 93 -15.71 -0.35 -19.33
CA PRO E 93 -16.82 -0.88 -20.14
C PRO E 93 -16.98 -0.22 -21.50
N LEU E 94 -16.22 0.83 -21.81
CA LEU E 94 -16.32 1.51 -23.09
C LEU E 94 -15.75 0.72 -24.25
N CYS E 95 -14.94 -0.32 -23.99
CA CYS E 95 -14.36 -1.12 -25.06
C CYS E 95 -15.39 -2.13 -25.58
N VAL E 96 -16.25 -1.63 -26.47
CA VAL E 96 -17.29 -2.43 -27.10
C VAL E 96 -17.33 -2.05 -28.57
N THR E 97 -18.23 -2.67 -29.33
CA THR E 97 -18.36 -2.35 -30.74
C THR E 97 -19.14 -1.06 -30.91
N LEU E 98 -18.60 -0.15 -31.71
CA LEU E 98 -19.23 1.14 -31.97
C LEU E 98 -19.63 1.22 -33.43
N GLN E 99 -20.91 1.49 -33.68
CA GLN E 99 -21.44 1.63 -35.04
C GLN E 99 -21.42 3.13 -35.33
N CYS E 100 -20.38 3.58 -36.03
CA CYS E 100 -20.21 4.99 -36.32
C CYS E 100 -20.56 5.34 -37.76
N THR E 101 -21.06 6.57 -37.92
CA THR E 101 -21.45 7.15 -39.20
C THR E 101 -20.86 8.55 -39.26
N ASN E 102 -20.81 9.11 -40.47
CA ASN E 102 -20.27 10.45 -40.64
C ASN E 102 -21.24 11.50 -40.10
N VAL E 103 -20.70 12.67 -39.77
CA VAL E 103 -21.48 13.76 -39.19
C VAL E 103 -22.13 14.61 -40.28
N THR E 104 -23.38 14.98 -40.01
CA THR E 104 -24.22 15.81 -40.87
C THR E 104 -24.10 17.28 -40.43
N ASN E 105 -25.09 18.10 -40.82
CA ASN E 105 -25.21 19.54 -40.50
C ASN E 105 -24.08 20.37 -41.11
N ASN E 106 -24.02 20.39 -42.43
CA ASN E 106 -23.07 21.16 -43.24
C ASN E 106 -21.62 20.89 -42.86
N ILE E 107 -21.19 19.67 -43.14
CA ILE E 107 -19.81 19.29 -42.85
C ILE E 107 -18.88 19.99 -43.82
N THR E 108 -17.84 20.62 -43.30
CA THR E 108 -16.90 21.35 -44.15
C THR E 108 -15.93 20.39 -44.83
N ASP E 109 -15.15 20.95 -45.77
CA ASP E 109 -14.19 20.14 -46.52
C ASP E 109 -12.98 19.75 -45.67
N ASP E 110 -12.53 20.64 -44.79
CA ASP E 110 -11.37 20.33 -43.96
C ASP E 110 -11.72 19.31 -42.88
N MET E 111 -12.96 19.35 -42.38
CA MET E 111 -13.41 18.42 -41.36
C MET E 111 -14.14 17.21 -41.95
N ARG E 112 -14.13 17.06 -43.27
CA ARG E 112 -14.81 15.96 -43.95
C ARG E 112 -14.21 14.62 -43.56
N GLY E 113 -14.99 13.83 -42.80
CA GLY E 113 -14.55 12.53 -42.35
C GLY E 113 -13.70 12.53 -41.10
N GLU E 114 -13.47 13.69 -40.49
CA GLU E 114 -12.67 13.79 -39.28
C GLU E 114 -13.48 13.61 -38.00
N LEU E 115 -14.80 13.57 -38.09
CA LEU E 115 -15.67 13.39 -36.94
C LEU E 115 -16.69 12.31 -37.26
N LYS E 116 -16.93 11.42 -36.31
CA LYS E 116 -17.86 10.32 -36.50
C LYS E 116 -18.91 10.31 -35.40
N ASN E 117 -20.10 9.85 -35.76
CA ASN E 117 -21.25 9.74 -34.87
C ASN E 117 -21.40 8.27 -34.51
N CYS E 118 -20.78 7.87 -33.40
CA CYS E 118 -20.79 6.49 -32.95
C CYS E 118 -21.96 6.19 -32.02
N SER E 119 -22.48 4.97 -32.14
CA SER E 119 -23.59 4.48 -31.34
C SER E 119 -23.16 3.14 -30.75
N PHE E 120 -23.49 2.90 -29.48
CA PHE E 120 -23.09 1.66 -28.84
C PHE E 120 -24.02 1.34 -27.69
N ASN E 121 -23.95 0.09 -27.23
CA ASN E 121 -24.76 -0.39 -26.12
C ASN E 121 -23.95 -0.27 -24.83
N MET E 122 -24.53 0.36 -23.82
CA MET E 122 -23.87 0.57 -22.54
C MET E 122 -24.85 0.19 -21.43
N THR E 123 -24.31 -0.10 -20.26
CA THR E 123 -25.13 -0.48 -19.11
C THR E 123 -25.48 0.73 -18.26
N THR E 124 -26.68 0.70 -17.69
CA THR E 124 -27.17 1.76 -16.82
C THR E 124 -26.65 1.53 -15.41
N GLU E 125 -27.28 2.17 -14.42
CA GLU E 125 -26.88 1.98 -13.02
C GLU E 125 -27.13 0.55 -12.57
N LEU E 126 -28.08 -0.14 -13.21
CA LEU E 126 -28.38 -1.53 -12.92
C LEU E 126 -27.64 -2.36 -13.96
N ARG E 127 -26.89 -3.36 -13.49
CA ARG E 127 -26.12 -4.20 -14.40
C ARG E 127 -26.97 -5.17 -15.22
N ASP E 128 -28.25 -5.31 -14.91
CA ASP E 128 -29.14 -6.21 -15.65
C ASP E 128 -29.94 -5.50 -16.73
N LYS E 129 -29.66 -4.21 -16.98
CA LYS E 129 -30.38 -3.44 -17.99
C LYS E 129 -29.40 -2.71 -18.89
N LYS E 130 -29.71 -2.65 -20.18
CA LYS E 130 -28.89 -1.98 -21.17
C LYS E 130 -29.57 -0.70 -21.64
N GLN E 131 -28.81 0.08 -22.41
CA GLN E 131 -29.32 1.33 -22.97
C GLN E 131 -28.53 1.63 -24.24
N LYS E 132 -29.21 2.23 -25.22
CA LYS E 132 -28.57 2.59 -26.48
C LYS E 132 -28.21 4.06 -26.44
N VAL E 133 -26.93 4.35 -26.28
CA VAL E 133 -26.45 5.72 -26.22
C VAL E 133 -25.55 5.98 -27.41
N TYR E 134 -25.46 7.26 -27.78
CA TYR E 134 -24.64 7.69 -28.91
C TYR E 134 -23.69 8.79 -28.46
N SER E 135 -22.55 8.87 -29.13
CA SER E 135 -21.55 9.88 -28.82
C SER E 135 -20.76 10.22 -30.06
N LEU E 136 -20.12 11.40 -30.04
CA LEU E 136 -19.32 11.85 -31.15
C LEU E 136 -17.85 11.64 -30.84
N PHE E 137 -17.20 10.81 -31.64
CA PHE E 137 -15.79 10.49 -31.46
C PHE E 137 -15.02 10.90 -32.70
N TYR E 138 -13.82 11.44 -32.49
CA TYR E 138 -12.99 11.87 -33.60
C TYR E 138 -12.43 10.65 -34.34
N ARG E 139 -11.95 10.90 -35.56
CA ARG E 139 -11.39 9.82 -36.37
C ARG E 139 -10.09 9.28 -35.77
N LEU E 140 -9.36 10.13 -35.04
CA LEU E 140 -8.11 9.72 -34.42
C LEU E 140 -8.32 8.84 -33.19
N ASP E 141 -9.53 8.79 -32.63
CA ASP E 141 -9.81 7.99 -31.45
C ASP E 141 -10.49 6.67 -31.74
N VAL E 142 -10.83 6.39 -33.01
CA VAL E 142 -11.50 5.15 -33.36
C VAL E 142 -10.78 4.49 -34.53
N VAL E 143 -10.90 3.16 -34.60
CA VAL E 143 -10.31 2.36 -35.65
C VAL E 143 -11.35 1.35 -36.13
N GLN E 144 -11.36 1.09 -37.43
CA GLN E 144 -12.32 0.17 -38.02
C GLN E 144 -12.00 -1.27 -37.65
N ILE E 145 -13.04 -2.09 -37.64
CA ILE E 145 -12.95 -3.52 -37.33
C ILE E 145 -13.19 -4.27 -38.63
N ASN E 146 -12.21 -5.07 -39.05
CA ASN E 146 -12.34 -5.84 -40.28
C ASN E 146 -12.61 -7.31 -39.98
N ASN E 157 -22.39 1.75 -43.19
CA ASN E 157 -22.08 1.71 -41.77
C ASN E 157 -21.13 0.56 -41.46
N LYS E 158 -20.12 0.83 -40.65
CA LYS E 158 -19.14 -0.18 -40.26
C LYS E 158 -18.92 -0.11 -38.77
N GLU E 159 -18.41 -1.21 -38.22
CA GLU E 159 -18.14 -1.30 -36.79
C GLU E 159 -16.78 -0.68 -36.48
N TYR E 160 -16.72 0.00 -35.34
CA TYR E 160 -15.49 0.66 -34.91
C TYR E 160 -15.23 0.35 -33.45
N ARG E 161 -13.98 0.54 -33.04
CA ARG E 161 -13.57 0.32 -31.66
C ARG E 161 -12.59 1.43 -31.32
N LEU E 162 -12.44 1.67 -30.01
CA LEU E 162 -11.53 2.72 -29.56
C LEU E 162 -10.08 2.30 -29.80
N ILE E 163 -9.22 3.31 -30.00
CA ILE E 163 -7.80 3.04 -30.26
C ILE E 163 -7.07 2.53 -29.03
N ASN E 164 -7.66 2.67 -27.84
CA ASN E 164 -7.05 2.19 -26.61
C ASN E 164 -7.68 0.89 -26.12
N CYS E 165 -8.31 0.13 -27.03
CA CYS E 165 -8.93 -1.12 -26.66
C CYS E 165 -7.97 -2.31 -26.66
N ASN E 166 -7.06 -2.36 -27.62
CA ASN E 166 -6.06 -3.46 -27.62
C ASN E 166 -4.97 -3.15 -26.60
N THR E 167 -4.74 -1.87 -26.29
CA THR E 167 -3.78 -1.52 -25.23
C THR E 167 -4.56 -1.42 -23.94
N SER E 168 -4.26 -0.46 -23.08
CA SER E 168 -4.95 -0.41 -21.76
C SER E 168 -6.16 0.53 -21.79
N ALA E 169 -7.15 0.27 -20.94
CA ALA E 169 -8.33 1.17 -20.84
C ALA E 169 -7.88 2.47 -20.16
N CYS E 170 -8.40 3.62 -20.61
CA CYS E 170 -7.88 4.89 -20.04
C CYS E 170 -8.92 5.51 -19.11
N THR E 171 -8.47 6.05 -17.96
CA THR E 171 -9.38 6.69 -17.01
C THR E 171 -9.81 8.02 -17.57
N GLN E 172 -11.05 8.44 -17.29
CA GLN E 172 -11.49 9.78 -17.74
C GLN E 172 -10.87 10.82 -16.80
N ALA E 173 -10.75 12.07 -17.24
CA ALA E 173 -10.14 13.12 -16.42
C ALA E 173 -11.23 13.78 -15.56
N CYS E 174 -11.10 13.69 -14.25
CA CYS E 174 -12.12 14.28 -13.34
C CYS E 174 -12.36 15.75 -13.68
N PRO E 175 -13.58 16.16 -14.10
CA PRO E 175 -13.88 17.58 -14.38
C PRO E 175 -13.65 18.50 -13.21
N LYS E 176 -13.51 17.97 -11.98
CA LYS E 176 -13.28 18.81 -10.82
C LYS E 176 -11.89 19.44 -10.81
N VAL E 177 -10.91 18.77 -11.43
CA VAL E 177 -9.54 19.29 -11.48
C VAL E 177 -9.36 19.97 -12.84
N SER E 178 -8.38 20.87 -12.89
CA SER E 178 -8.08 21.61 -14.12
C SER E 178 -6.67 21.29 -14.59
N PHE E 179 -6.46 21.50 -15.88
CA PHE E 179 -5.16 21.26 -16.51
C PHE E 179 -4.31 22.51 -16.61
N GLU E 180 -4.67 23.58 -15.92
CA GLU E 180 -3.89 24.80 -15.97
C GLU E 180 -2.57 24.59 -15.25
N PRO E 181 -1.43 24.86 -15.91
CA PRO E 181 -0.14 24.63 -15.26
C PRO E 181 0.17 25.64 -14.16
N ILE E 182 0.05 25.20 -12.91
CA ILE E 182 0.33 26.07 -11.77
C ILE E 182 1.84 26.14 -11.57
N PRO E 183 2.42 27.34 -11.50
CA PRO E 183 3.88 27.45 -11.32
C PRO E 183 4.32 26.91 -9.97
N ILE E 184 5.25 25.96 -10.02
CA ILE E 184 5.79 25.32 -8.83
C ILE E 184 7.24 25.76 -8.67
N HIS E 185 7.73 25.74 -7.44
CA HIS E 185 9.11 26.13 -7.13
C HIS E 185 9.81 24.95 -6.46
N TYR E 186 11.03 24.67 -6.90
CA TYR E 186 11.84 23.61 -6.34
C TYR E 186 12.91 24.24 -5.46
N CYS E 187 13.02 23.74 -4.23
CA CYS E 187 14.00 24.26 -3.29
C CYS E 187 14.89 23.14 -2.78
N ALA E 188 16.12 23.50 -2.46
CA ALA E 188 17.06 22.52 -1.95
C ALA E 188 16.85 22.34 -0.45
N PRO E 189 16.94 21.11 0.06
CA PRO E 189 16.75 20.89 1.50
C PRO E 189 17.94 21.35 2.33
N ALA E 190 17.93 21.03 3.62
CA ALA E 190 19.01 21.42 4.51
C ALA E 190 20.32 20.76 4.09
N GLY E 191 21.38 21.56 4.02
CA GLY E 191 22.68 21.08 3.61
C GLY E 191 22.93 21.13 2.11
N PHE E 192 22.01 21.70 1.34
CA PHE E 192 22.15 21.79 -0.10
C PHE E 192 21.69 23.18 -0.55
N ALA E 193 22.21 23.62 -1.69
CA ALA E 193 21.87 24.91 -2.26
C ALA E 193 21.73 24.78 -3.77
N ILE E 194 20.93 25.66 -4.36
CA ILE E 194 20.70 25.67 -5.80
C ILE E 194 21.26 26.98 -6.34
N LEU E 195 22.43 26.90 -6.95
CA LEU E 195 23.06 28.09 -7.52
C LEU E 195 22.40 28.45 -8.85
N LYS E 196 22.32 29.74 -9.13
CA LYS E 196 21.71 30.19 -10.38
C LYS E 196 22.65 31.16 -11.08
N CYS E 197 22.65 31.09 -12.42
CA CYS E 197 23.47 31.95 -13.24
C CYS E 197 22.70 33.23 -13.59
N LYS E 198 23.44 34.32 -13.81
CA LYS E 198 22.79 35.58 -14.10
C LYS E 198 23.34 36.38 -15.28
N ASP E 199 24.34 35.90 -16.02
CA ASP E 199 24.84 36.69 -17.12
C ASP E 199 23.93 36.55 -18.34
N LYS E 200 23.88 37.60 -19.16
CA LYS E 200 23.04 37.58 -20.35
C LYS E 200 23.60 36.67 -21.43
N LYS E 201 24.93 36.65 -21.60
CA LYS E 201 25.58 35.80 -22.59
C LYS E 201 25.83 34.40 -22.03
N PHE E 202 24.77 33.73 -21.61
CA PHE E 202 24.91 32.40 -21.02
C PHE E 202 24.94 31.34 -22.10
N ASN E 203 26.00 30.55 -22.10
CA ASN E 203 26.18 29.44 -23.03
C ASN E 203 25.35 28.25 -22.57
N GLY E 204 25.45 27.15 -23.32
CA GLY E 204 24.74 25.95 -22.91
C GLY E 204 25.38 25.33 -21.70
N THR E 205 26.72 25.25 -21.70
CA THR E 205 27.54 24.73 -20.63
C THR E 205 28.64 25.75 -20.36
N GLY E 206 29.62 25.39 -19.54
CA GLY E 206 30.72 26.30 -19.27
C GLY E 206 30.60 27.06 -17.96
N PRO E 207 31.53 27.99 -17.73
CA PRO E 207 31.52 28.77 -16.49
C PRO E 207 30.62 30.00 -16.59
N CYS E 208 29.99 30.36 -15.48
CA CYS E 208 29.12 31.52 -15.41
C CYS E 208 29.77 32.60 -14.55
N PRO E 209 30.01 33.80 -15.08
CA PRO E 209 30.66 34.85 -14.28
C PRO E 209 29.75 35.54 -13.27
N SER E 210 28.43 35.32 -13.33
CA SER E 210 27.49 35.95 -12.39
C SER E 210 26.62 34.85 -11.78
N VAL E 211 27.12 34.25 -10.70
CA VAL E 211 26.42 33.18 -10.00
C VAL E 211 25.77 33.75 -8.75
N SER E 212 24.51 33.36 -8.52
CA SER E 212 23.77 33.82 -7.36
C SER E 212 23.16 32.63 -6.64
N THR E 213 22.95 32.78 -5.34
CA THR E 213 22.36 31.74 -4.50
C THR E 213 20.98 32.17 -4.06
N VAL E 214 20.00 31.27 -4.26
CA VAL E 214 18.61 31.54 -3.89
C VAL E 214 18.05 30.25 -3.31
N GLN E 215 17.21 30.39 -2.28
CA GLN E 215 16.63 29.23 -1.61
C GLN E 215 15.68 28.44 -2.50
N CYS E 216 14.80 29.12 -3.23
CA CYS E 216 13.86 28.45 -4.11
C CYS E 216 13.90 29.04 -5.51
N THR E 217 13.79 28.17 -6.51
CA THR E 217 13.81 28.61 -7.90
C THR E 217 12.53 29.38 -8.23
N HIS E 218 12.57 30.07 -9.36
CA HIS E 218 11.41 30.85 -9.78
C HIS E 218 10.29 29.93 -10.28
N GLY E 219 9.14 30.54 -10.55
CA GLY E 219 7.98 29.81 -11.02
C GLY E 219 8.15 29.11 -12.34
N ILE E 220 8.27 27.79 -12.31
CA ILE E 220 8.41 26.99 -13.52
C ILE E 220 7.03 26.49 -13.91
N LYS E 221 6.64 26.76 -15.15
CA LYS E 221 5.34 26.33 -15.63
C LYS E 221 5.45 24.91 -16.14
N PRO E 222 4.74 23.94 -15.55
CA PRO E 222 4.81 22.55 -16.03
C PRO E 222 3.92 22.31 -17.25
N VAL E 223 4.22 23.03 -18.32
CA VAL E 223 3.47 22.94 -19.56
C VAL E 223 3.97 21.73 -20.36
N VAL E 224 3.07 21.10 -21.10
CA VAL E 224 3.40 19.95 -21.92
C VAL E 224 3.28 20.36 -23.38
N SER E 225 4.42 20.47 -24.05
CA SER E 225 4.48 20.84 -25.45
C SER E 225 5.49 19.94 -26.14
N THR E 226 5.23 19.62 -27.40
CA THR E 226 6.14 18.74 -28.13
C THR E 226 6.88 19.41 -29.27
N GLN E 227 6.41 20.55 -29.77
CA GLN E 227 7.12 21.16 -30.88
C GLN E 227 7.54 22.61 -30.63
N LEU E 228 6.68 23.42 -30.03
CA LEU E 228 6.99 24.82 -29.76
C LEU E 228 6.81 25.07 -28.27
N LEU E 229 7.80 25.71 -27.65
CA LEU E 229 7.71 26.01 -26.23
C LEU E 229 6.64 27.06 -26.00
N LEU E 230 5.75 26.77 -25.05
CA LEU E 230 4.63 27.65 -24.74
C LEU E 230 4.67 28.12 -23.30
N ASN E 231 4.30 29.39 -23.10
CA ASN E 231 4.24 30.08 -21.82
C ASN E 231 5.52 29.97 -20.99
N GLY E 232 6.67 30.19 -21.61
CA GLY E 232 7.92 30.10 -20.89
C GLY E 232 8.59 31.44 -20.65
N SER E 233 9.84 31.42 -20.24
CA SER E 233 10.59 32.63 -19.96
C SER E 233 11.16 33.21 -21.27
N LEU E 234 11.58 34.47 -21.19
CA LEU E 234 12.14 35.17 -22.33
C LEU E 234 13.58 35.60 -22.05
N ALA E 235 14.38 35.62 -23.10
CA ALA E 235 15.77 36.03 -22.98
C ALA E 235 15.83 37.54 -22.79
N GLU E 236 16.80 37.99 -21.99
CA GLU E 236 16.91 39.42 -21.72
C GLU E 236 17.69 40.19 -22.79
N GLU E 237 18.53 39.52 -23.59
CA GLU E 237 19.29 40.24 -24.60
C GLU E 237 18.95 39.86 -26.04
N GLU E 238 19.10 38.59 -26.41
CA GLU E 238 18.82 38.17 -27.78
C GLU E 238 18.51 36.68 -27.79
N VAL E 239 18.19 36.17 -28.99
CA VAL E 239 17.88 34.76 -29.19
C VAL E 239 19.14 33.93 -28.97
N MET E 240 19.03 32.89 -28.14
CA MET E 240 20.17 32.04 -27.84
C MET E 240 19.95 30.63 -28.36
N ILE E 241 21.05 29.99 -28.77
CA ILE E 241 21.04 28.63 -29.31
C ILE E 241 21.77 27.72 -28.34
N ARG E 242 21.11 26.64 -27.90
CA ARG E 242 21.68 25.69 -26.97
C ARG E 242 21.58 24.28 -27.52
N SER E 243 22.67 23.52 -27.44
CA SER E 243 22.75 22.14 -27.91
C SER E 243 23.98 21.48 -27.30
N GLU E 244 23.88 20.16 -27.10
CA GLU E 244 25.01 19.41 -26.54
C GLU E 244 26.20 19.42 -27.50
N ASN E 245 25.92 19.22 -28.78
CA ASN E 245 26.94 19.19 -29.82
C ASN E 245 26.27 19.77 -31.05
N ILE E 246 26.58 21.04 -31.37
CA ILE E 246 25.98 21.70 -32.52
C ILE E 246 26.44 21.06 -33.83
N THR E 247 27.61 20.41 -33.82
CA THR E 247 28.09 19.76 -35.04
C THR E 247 27.39 18.42 -35.25
N ASN E 248 26.80 17.87 -34.19
CA ASN E 248 26.09 16.60 -34.27
C ASN E 248 24.62 16.86 -34.52
N ASN E 249 24.08 16.31 -35.61
CA ASN E 249 22.67 16.52 -35.93
C ASN E 249 21.76 15.62 -35.13
N ALA E 250 22.30 14.64 -34.40
CA ALA E 250 21.46 13.74 -33.61
C ALA E 250 20.90 14.41 -32.36
N LYS E 251 21.55 15.46 -31.87
CA LYS E 251 21.10 16.17 -30.68
C LYS E 251 20.17 17.31 -31.07
N ASN E 252 19.11 17.49 -30.30
CA ASN E 252 18.14 18.56 -30.56
C ASN E 252 18.75 19.92 -30.25
N ILE E 253 18.27 20.93 -30.97
CA ILE E 253 18.73 22.30 -30.81
C ILE E 253 17.66 23.07 -30.05
N LEU E 254 18.01 23.60 -28.89
CA LEU E 254 17.06 24.36 -28.09
C LEU E 254 17.22 25.84 -28.37
N VAL E 255 16.14 26.46 -28.83
CA VAL E 255 16.10 27.88 -29.16
C VAL E 255 15.11 28.56 -28.23
N GLN E 256 15.45 29.76 -27.77
CA GLN E 256 14.59 30.54 -26.91
C GLN E 256 14.51 31.95 -27.48
N PHE E 257 13.39 32.63 -27.25
CA PHE E 257 13.20 33.96 -27.79
C PHE E 257 13.31 35.04 -26.73
N ASN E 258 13.61 36.26 -27.19
CA ASN E 258 13.72 37.43 -26.34
C ASN E 258 12.44 38.26 -26.35
N THR E 259 11.59 38.08 -27.37
CA THR E 259 10.32 38.76 -27.53
C THR E 259 9.40 37.66 -28.04
N PRO E 260 8.37 37.29 -27.29
CA PRO E 260 7.48 36.22 -27.72
C PRO E 260 6.38 36.72 -28.67
N VAL E 261 5.86 35.78 -29.45
CA VAL E 261 4.79 36.05 -30.40
C VAL E 261 3.53 35.42 -29.83
N GLN E 262 2.38 35.92 -30.26
CA GLN E 262 1.12 35.40 -29.76
C GLN E 262 0.46 34.46 -30.76
N ILE E 263 -0.08 33.36 -30.24
CA ILE E 263 -0.79 32.38 -31.04
C ILE E 263 -2.24 32.39 -30.54
N ASN E 264 -3.19 32.25 -31.45
CA ASN E 264 -4.61 32.30 -31.09
C ASN E 264 -5.26 30.98 -31.52
N CYS E 265 -5.20 30.00 -30.63
CA CYS E 265 -5.77 28.69 -30.88
C CYS E 265 -7.20 28.62 -30.40
N THR E 266 -8.13 28.46 -31.35
CA THR E 266 -9.56 28.41 -31.04
C THR E 266 -10.14 27.08 -31.51
N ARG E 267 -11.31 26.77 -30.94
CA ARG E 267 -12.08 25.56 -31.26
C ARG E 267 -13.48 26.06 -31.56
N PRO E 268 -13.78 26.36 -32.83
CA PRO E 268 -15.11 26.90 -33.18
C PRO E 268 -16.28 25.95 -32.97
N ASN E 269 -16.04 24.65 -32.79
CA ASN E 269 -17.15 23.73 -32.61
C ASN E 269 -17.81 23.90 -31.24
N ASN E 270 -19.05 24.38 -31.23
CA ASN E 270 -19.81 24.60 -30.00
C ASN E 270 -20.51 23.29 -29.69
N ASN E 271 -19.85 22.44 -28.90
CA ASN E 271 -20.38 21.15 -28.52
C ASN E 271 -21.01 21.20 -27.13
N THR E 272 -21.81 20.17 -26.85
CA THR E 272 -22.50 20.02 -25.57
C THR E 272 -22.03 18.75 -24.90
N ARG E 273 -21.67 18.85 -23.62
CA ARG E 273 -21.20 17.69 -22.86
C ARG E 273 -22.40 16.91 -22.34
N LYS E 274 -22.43 15.62 -22.62
CA LYS E 274 -23.50 14.74 -22.20
C LYS E 274 -22.94 13.69 -21.24
N SER E 275 -23.58 13.55 -20.09
CA SER E 275 -23.16 12.59 -19.09
C SER E 275 -23.89 11.26 -19.29
N ILE E 276 -23.13 10.18 -19.37
CA ILE E 276 -23.66 8.84 -19.57
C ILE E 276 -23.40 8.04 -18.30
N ARG E 277 -24.47 7.51 -17.71
CA ARG E 277 -24.38 6.71 -16.49
C ARG E 277 -23.93 5.31 -16.86
N ILE E 278 -22.63 5.05 -16.72
CA ILE E 278 -22.08 3.74 -17.05
C ILE E 278 -22.12 2.76 -15.89
N GLY E 279 -22.24 3.24 -14.66
CA GLY E 279 -22.27 2.37 -13.50
C GLY E 279 -22.76 3.09 -12.27
N PRO E 280 -22.61 2.46 -11.10
CA PRO E 280 -23.04 3.10 -9.86
C PRO E 280 -22.14 4.25 -9.45
N GLY E 281 -22.68 5.48 -9.54
CA GLY E 281 -21.94 6.68 -9.19
C GLY E 281 -21.05 7.23 -10.29
N GLN E 282 -20.37 6.35 -11.01
CA GLN E 282 -19.49 6.78 -12.09
C GLN E 282 -20.30 7.25 -13.30
N ALA E 283 -19.77 8.26 -13.98
CA ALA E 283 -20.42 8.82 -15.15
C ALA E 283 -19.38 9.04 -16.24
N PHE E 284 -19.79 8.82 -17.48
CA PHE E 284 -18.92 8.98 -18.65
C PHE E 284 -19.40 10.20 -19.42
N TYR E 285 -18.57 11.24 -19.45
CA TYR E 285 -18.90 12.48 -20.14
C TYR E 285 -18.61 12.30 -21.63
N ALA E 286 -19.67 12.22 -22.41
CA ALA E 286 -19.56 12.01 -23.86
C ALA E 286 -19.99 13.26 -24.61
N THR E 287 -19.52 13.37 -25.85
CA THR E 287 -19.85 14.49 -26.73
C THR E 287 -21.27 14.29 -27.24
N GLY E 288 -22.21 15.09 -26.75
CA GLY E 288 -23.60 14.97 -27.14
C GLY E 288 -23.89 15.27 -28.60
N ASP E 289 -23.81 16.55 -28.97
CA ASP E 289 -24.08 16.97 -30.35
C ASP E 289 -23.49 18.35 -30.56
N ILE E 290 -23.24 18.66 -31.83
CA ILE E 290 -22.69 19.96 -32.22
C ILE E 290 -23.90 20.84 -32.54
N ILE E 291 -24.33 21.63 -31.56
CA ILE E 291 -25.48 22.50 -31.75
C ILE E 291 -25.15 23.63 -32.72
N GLY E 292 -23.89 24.08 -32.74
CA GLY E 292 -23.46 25.14 -33.62
C GLY E 292 -22.90 24.61 -34.92
N ASP E 293 -22.18 25.46 -35.63
CA ASP E 293 -21.58 25.09 -36.89
C ASP E 293 -20.34 24.22 -36.65
N ILE E 294 -19.99 23.43 -37.66
CA ILE E 294 -18.84 22.54 -37.60
C ILE E 294 -17.71 23.17 -38.40
N ARG E 295 -16.54 23.30 -37.77
CA ARG E 295 -15.38 23.89 -38.41
C ARG E 295 -14.12 23.30 -37.80
N GLN E 296 -13.02 23.42 -38.53
CA GLN E 296 -11.74 22.89 -38.07
C GLN E 296 -11.06 23.85 -37.10
N ALA E 297 -10.51 23.29 -36.03
CA ALA E 297 -9.79 24.08 -35.05
C ALA E 297 -8.49 24.57 -35.64
N HIS E 298 -8.10 25.81 -35.30
CA HIS E 298 -6.88 26.37 -35.87
C HIS E 298 -6.25 27.36 -34.91
N CYS E 299 -4.99 27.67 -35.17
CA CYS E 299 -4.20 28.62 -34.41
C CYS E 299 -3.77 29.73 -35.35
N ASN E 300 -3.88 30.98 -34.89
CA ASN E 300 -3.52 32.14 -35.70
C ASN E 300 -2.32 32.85 -35.09
N VAL E 301 -1.29 33.04 -35.90
CA VAL E 301 -0.06 33.72 -35.53
C VAL E 301 0.26 34.72 -36.63
N SER E 302 0.61 35.96 -36.23
CA SER E 302 0.91 37.00 -37.21
C SER E 302 2.11 36.66 -38.07
N LYS E 303 1.99 36.92 -39.37
CA LYS E 303 3.07 36.63 -40.31
C LYS E 303 4.25 37.57 -40.12
N ALA E 304 3.99 38.83 -39.78
CA ALA E 304 5.06 39.79 -39.59
C ALA E 304 5.90 39.46 -38.37
N THR E 305 5.25 39.12 -37.25
CA THR E 305 5.99 38.77 -36.03
C THR E 305 6.77 37.47 -36.21
N TRP E 306 6.17 36.49 -36.88
CA TRP E 306 6.86 35.22 -37.11
C TRP E 306 8.03 35.41 -38.05
N ASN E 307 7.87 36.25 -39.08
CA ASN E 307 8.95 36.52 -40.02
C ASN E 307 10.10 37.25 -39.33
N GLU E 308 9.78 38.20 -38.45
CA GLU E 308 10.80 38.93 -37.73
C GLU E 308 11.52 38.01 -36.73
N THR E 309 10.77 37.12 -36.08
CA THR E 309 11.34 36.17 -35.13
C THR E 309 12.26 35.20 -35.85
N LEU E 310 11.86 34.76 -37.05
CA LEU E 310 12.73 33.88 -37.83
C LEU E 310 13.93 34.64 -38.35
N GLY E 311 13.78 35.95 -38.58
CA GLY E 311 14.89 36.76 -39.01
C GLY E 311 15.89 36.98 -37.90
N LYS E 312 15.43 36.86 -36.65
CA LYS E 312 16.32 36.99 -35.51
C LYS E 312 17.00 35.66 -35.20
N VAL E 313 16.36 34.55 -35.59
CA VAL E 313 16.93 33.22 -35.36
C VAL E 313 18.12 32.99 -36.30
N VAL E 314 17.99 33.39 -37.57
CA VAL E 314 19.07 33.20 -38.54
C VAL E 314 20.29 34.06 -38.16
N LYS E 315 20.05 35.28 -37.67
CA LYS E 315 21.15 36.18 -37.30
C LYS E 315 21.95 35.62 -36.14
N GLN E 316 21.29 35.05 -35.14
CA GLN E 316 21.98 34.48 -33.99
C GLN E 316 22.29 33.00 -34.16
N LEU E 317 21.95 32.41 -35.30
CA LEU E 317 22.21 31.00 -35.56
C LEU E 317 23.30 30.81 -36.61
N ARG E 318 23.56 31.83 -37.43
CA ARG E 318 24.59 31.74 -38.45
C ARG E 318 26.00 31.79 -37.86
N LYS E 319 26.14 32.19 -36.59
CA LYS E 319 27.46 32.25 -35.99
C LYS E 319 28.02 30.85 -35.73
N HIS E 320 27.15 29.84 -35.67
CA HIS E 320 27.57 28.47 -35.45
C HIS E 320 27.75 27.69 -36.75
N PHE E 321 27.38 28.28 -37.89
CA PHE E 321 27.50 27.59 -39.17
C PHE E 321 28.07 28.47 -40.28
N GLY E 322 28.47 29.70 -40.00
CA GLY E 322 29.01 30.58 -41.02
C GLY E 322 27.97 31.56 -41.55
N ASN E 323 28.46 32.67 -42.09
CA ASN E 323 27.58 33.70 -42.64
C ASN E 323 27.16 33.41 -44.08
N ASN E 324 28.05 32.81 -44.87
CA ASN E 324 27.73 32.52 -46.26
C ASN E 324 26.90 31.26 -46.45
N THR E 325 26.62 30.51 -45.39
CA THR E 325 25.82 29.30 -45.53
C THR E 325 24.36 29.66 -45.73
N ILE E 326 23.60 28.70 -46.26
CA ILE E 326 22.19 28.87 -46.54
C ILE E 326 21.43 27.87 -45.68
N ILE E 327 20.48 28.34 -44.88
CA ILE E 327 19.68 27.47 -44.03
C ILE E 327 18.24 27.50 -44.53
N ARG E 328 17.58 26.36 -44.42
CA ARG E 328 16.21 26.18 -44.88
C ARG E 328 15.37 25.55 -43.78
N PHE E 329 14.17 26.07 -43.58
CA PHE E 329 13.24 25.57 -42.58
C PHE E 329 12.24 24.66 -43.27
N ALA E 330 12.19 23.40 -42.85
CA ALA E 330 11.27 22.42 -43.40
C ALA E 330 10.32 21.95 -42.31
N ASN E 331 9.29 21.21 -42.70
CA ASN E 331 8.32 20.73 -41.74
C ASN E 331 8.86 19.48 -41.04
N SER E 332 8.00 18.76 -40.32
CA SER E 332 8.42 17.57 -39.59
C SER E 332 8.87 16.47 -40.55
N SER E 333 9.88 15.71 -40.11
CA SER E 333 10.48 14.63 -40.89
C SER E 333 9.54 13.45 -41.11
N GLY E 334 8.48 13.33 -40.33
CA GLY E 334 7.57 12.21 -40.51
C GLY E 334 7.59 11.26 -39.33
N GLY E 335 6.47 10.57 -39.14
CA GLY E 335 6.33 9.62 -38.04
C GLY E 335 4.94 9.68 -37.43
N ASP E 336 4.87 9.55 -36.11
CA ASP E 336 3.58 9.60 -35.43
C ASP E 336 3.07 11.03 -35.38
N LEU E 337 1.74 11.16 -35.33
CA LEU E 337 1.11 12.48 -35.30
C LEU E 337 1.43 13.22 -34.00
N GLU E 338 1.48 12.51 -32.87
CA GLU E 338 1.78 13.12 -31.59
C GLU E 338 3.24 13.55 -31.43
N VAL E 339 4.12 13.17 -32.35
CA VAL E 339 5.52 13.57 -32.26
C VAL E 339 5.86 14.49 -33.42
N THR E 340 5.00 14.50 -34.45
CA THR E 340 5.24 15.37 -35.60
C THR E 340 4.39 16.64 -35.59
N THR E 341 3.34 16.69 -34.77
CA THR E 341 2.47 17.85 -34.69
C THR E 341 2.66 18.55 -33.35
N HIS E 342 2.44 19.86 -33.35
CA HIS E 342 2.57 20.67 -32.15
C HIS E 342 1.41 20.34 -31.22
N SER E 343 1.70 19.58 -30.16
CA SER E 343 0.70 19.16 -29.20
C SER E 343 0.77 20.00 -27.94
N PHE E 344 -0.40 20.41 -27.45
CA PHE E 344 -0.52 21.20 -26.24
C PHE E 344 -1.93 20.97 -25.70
N ASN E 345 -2.36 21.81 -24.76
CA ASN E 345 -3.68 21.66 -24.19
C ASN E 345 -4.17 23.02 -23.71
N CYS E 346 -5.37 23.41 -24.12
CA CYS E 346 -5.96 24.68 -23.75
C CYS E 346 -7.39 24.46 -23.26
N GLY E 347 -7.59 24.63 -21.95
CA GLY E 347 -8.89 24.46 -21.34
C GLY E 347 -9.43 23.05 -21.30
N GLY E 348 -8.56 22.03 -21.38
CA GLY E 348 -9.00 20.65 -21.35
C GLY E 348 -9.03 19.95 -22.68
N GLU E 349 -8.91 20.67 -23.79
CA GLU E 349 -8.92 20.07 -25.11
C GLU E 349 -7.50 19.99 -25.64
N PHE E 350 -7.06 18.78 -26.01
CA PHE E 350 -5.73 18.55 -26.52
C PHE E 350 -5.71 18.79 -28.02
N PHE E 351 -4.81 19.66 -28.47
CA PHE E 351 -4.67 20.01 -29.88
C PHE E 351 -3.45 19.31 -30.48
N TYR E 352 -3.45 19.24 -31.81
CA TYR E 352 -2.36 18.64 -32.59
C TYR E 352 -2.31 19.46 -33.87
N CYS E 353 -1.49 20.50 -33.86
CA CYS E 353 -1.38 21.43 -34.98
C CYS E 353 -0.30 21.08 -35.98
N ASN E 354 -0.62 21.29 -37.26
CA ASN E 354 0.27 21.05 -38.38
C ASN E 354 1.07 22.33 -38.58
N THR E 355 2.35 22.29 -38.20
CA THR E 355 3.23 23.46 -38.32
C THR E 355 3.97 23.53 -39.63
N SER E 356 3.41 22.98 -40.71
CA SER E 356 4.09 23.03 -42.01
C SER E 356 4.11 24.45 -42.57
N GLY E 357 3.17 25.31 -42.15
CA GLY E 357 3.13 26.67 -42.64
C GLY E 357 4.10 27.62 -41.96
N LEU E 358 4.62 27.23 -40.79
CA LEU E 358 5.56 28.08 -40.06
C LEU E 358 6.99 27.84 -40.53
N PHE E 359 7.46 26.60 -40.45
CA PHE E 359 8.82 26.25 -40.87
C PHE E 359 8.83 25.93 -42.36
N ASN E 360 8.65 26.99 -43.16
CA ASN E 360 8.65 26.86 -44.62
C ASN E 360 9.16 28.19 -45.17
N SER E 361 10.47 28.28 -45.36
CA SER E 361 11.15 29.45 -45.88
C SER E 361 12.62 29.12 -46.14
N THR E 362 13.27 29.96 -46.93
CA THR E 362 14.68 29.85 -47.27
C THR E 362 15.30 31.20 -47.03
N TRP E 363 16.46 31.21 -46.36
CA TRP E 363 17.14 32.46 -46.04
C TRP E 363 18.46 32.57 -46.78
N ILE E 364 18.66 33.70 -47.45
CA ILE E 364 19.86 33.97 -48.21
C ILE E 364 20.70 34.93 -47.37
N SER E 365 22.01 34.96 -47.64
CA SER E 365 22.94 35.82 -46.90
C SER E 365 22.85 37.28 -47.38
N ASN E 366 21.66 37.86 -47.17
CA ASN E 366 21.31 39.24 -47.53
C ASN E 366 21.62 39.61 -48.98
N ASN E 378 -5.84 37.95 -42.70
CA ASN E 378 -5.09 38.27 -43.90
C ASN E 378 -3.60 38.39 -43.62
N ASP E 379 -3.26 38.95 -42.46
CA ASP E 379 -1.87 39.13 -42.05
C ASP E 379 -1.44 38.09 -41.02
N SER E 380 -2.20 37.01 -40.87
CA SER E 380 -1.88 35.96 -39.92
C SER E 380 -1.79 34.62 -40.62
N ILE E 381 -0.94 33.74 -40.09
CA ILE E 381 -0.74 32.40 -40.65
C ILE E 381 -1.63 31.43 -39.88
N THR E 382 -2.52 30.74 -40.59
CA THR E 382 -3.39 29.77 -39.96
C THR E 382 -2.72 28.40 -39.93
N LEU E 383 -3.02 27.62 -38.91
CA LEU E 383 -2.44 26.29 -38.75
C LEU E 383 -3.54 25.28 -38.50
N PRO E 384 -3.74 24.28 -39.37
CA PRO E 384 -4.79 23.30 -39.14
C PRO E 384 -4.43 22.39 -37.97
N CYS E 385 -5.32 22.32 -36.98
CA CYS E 385 -5.11 21.51 -35.80
C CYS E 385 -6.20 20.47 -35.63
N ARG E 386 -5.80 19.28 -35.18
CA ARG E 386 -6.71 18.18 -34.94
C ARG E 386 -6.98 18.05 -33.45
N ILE E 387 -8.13 17.47 -33.11
CA ILE E 387 -8.54 17.28 -31.74
C ILE E 387 -8.61 15.79 -31.44
N LYS E 388 -7.93 15.37 -30.39
CA LYS E 388 -7.88 13.97 -29.97
C LYS E 388 -8.35 13.88 -28.53
N GLN E 389 -9.24 12.93 -28.24
CA GLN E 389 -9.75 12.76 -26.89
C GLN E 389 -8.94 11.72 -26.11
N ILE E 390 -8.77 10.53 -26.67
CA ILE E 390 -8.00 9.47 -26.00
C ILE E 390 -6.54 9.74 -26.34
N ILE E 391 -5.87 10.48 -25.46
CA ILE E 391 -4.46 10.83 -25.65
C ILE E 391 -3.63 10.11 -24.59
N ASN E 392 -2.42 9.72 -24.97
CA ASN E 392 -1.49 9.06 -24.08
C ASN E 392 -0.26 9.96 -24.00
N MET E 393 -0.26 10.82 -22.98
CA MET E 393 0.84 11.76 -22.79
C MET E 393 2.12 11.03 -22.42
N TRP E 394 3.25 11.72 -22.63
CA TRP E 394 4.62 11.27 -22.42
C TRP E 394 4.87 10.07 -23.35
N GLN E 395 5.89 9.27 -23.04
CA GLN E 395 6.17 8.07 -23.84
C GLN E 395 5.57 6.83 -23.19
N ARG E 396 4.64 7.03 -22.26
CA ARG E 396 4.03 5.88 -21.56
C ARG E 396 3.00 5.24 -22.50
N ILE E 397 3.01 3.91 -22.62
CA ILE E 397 2.09 3.22 -23.57
C ILE E 397 0.89 2.62 -22.81
N GLY E 398 1.14 1.80 -21.78
CA GLY E 398 0.03 1.13 -21.07
C GLY E 398 -0.88 2.13 -20.39
N GLN E 399 -0.33 2.97 -19.52
CA GLN E 399 -1.14 3.96 -18.77
C GLN E 399 -1.54 5.07 -19.75
N CYS E 400 -2.60 5.82 -19.45
CA CYS E 400 -3.10 6.82 -20.42
C CYS E 400 -4.34 7.53 -19.87
N MET E 401 -5.06 8.29 -20.69
CA MET E 401 -6.19 9.08 -20.16
C MET E 401 -7.21 9.44 -21.25
N TYR E 402 -8.48 9.62 -20.88
CA TYR E 402 -9.51 10.06 -21.85
C TYR E 402 -9.89 11.48 -21.48
N ALA E 403 -9.83 12.39 -22.46
CA ALA E 403 -10.11 13.79 -22.19
C ALA E 403 -11.59 14.06 -22.44
N PRO E 404 -12.35 14.48 -21.42
CA PRO E 404 -13.77 14.74 -21.64
C PRO E 404 -13.97 15.97 -22.50
N PRO E 405 -15.06 16.03 -23.27
CA PRO E 405 -15.28 17.20 -24.13
C PRO E 405 -15.72 18.41 -23.31
N ILE E 406 -15.10 19.54 -23.62
CA ILE E 406 -15.40 20.79 -22.93
C ILE E 406 -16.48 21.50 -23.74
N GLN E 407 -17.61 21.77 -23.10
CA GLN E 407 -18.72 22.44 -23.78
C GLN E 407 -18.40 23.91 -24.05
N GLY E 408 -18.94 24.41 -25.16
CA GLY E 408 -18.73 25.79 -25.55
C GLY E 408 -17.49 25.98 -26.42
N VAL E 409 -17.38 27.20 -26.96
CA VAL E 409 -16.24 27.54 -27.81
C VAL E 409 -15.01 27.74 -26.95
N ILE E 410 -13.92 27.09 -27.32
CA ILE E 410 -12.66 27.16 -26.59
C ILE E 410 -11.81 28.27 -27.19
N ARG E 411 -11.36 29.19 -26.33
CA ARG E 411 -10.52 30.31 -26.72
C ARG E 411 -9.25 30.23 -25.87
N CYS E 412 -8.10 30.26 -26.52
CA CYS E 412 -6.83 30.17 -25.80
C CYS E 412 -5.74 30.90 -26.54
N VAL E 413 -5.11 31.85 -25.86
CA VAL E 413 -4.01 32.63 -26.39
C VAL E 413 -2.79 32.35 -25.53
N SER E 414 -1.61 32.38 -26.14
CA SER E 414 -0.39 32.08 -25.41
C SER E 414 0.81 32.68 -26.12
N ASN E 415 1.96 32.63 -25.44
CA ASN E 415 3.20 33.18 -25.95
C ASN E 415 4.14 32.07 -26.41
N ILE E 416 4.67 32.21 -27.63
CA ILE E 416 5.63 31.25 -28.17
C ILE E 416 6.99 31.74 -27.68
N THR E 417 7.55 31.05 -26.70
CA THR E 417 8.83 31.47 -26.13
C THR E 417 10.01 30.60 -26.55
N GLY E 418 9.85 29.69 -27.49
CA GLY E 418 10.97 28.87 -27.90
C GLY E 418 10.59 27.82 -28.92
N LEU E 419 11.63 27.22 -29.49
CA LEU E 419 11.50 26.17 -30.50
C LEU E 419 12.48 25.04 -30.19
N ILE E 420 12.20 23.89 -30.78
CA ILE E 420 13.03 22.69 -30.65
C ILE E 420 13.32 22.24 -32.07
N LEU E 421 14.51 22.54 -32.57
CA LEU E 421 14.89 22.20 -33.93
C LEU E 421 15.73 20.94 -33.98
N THR E 422 15.91 20.43 -35.20
CA THR E 422 16.69 19.22 -35.46
C THR E 422 17.23 19.29 -36.88
N ARG E 423 18.54 19.14 -37.01
CA ARG E 423 19.21 19.19 -38.31
C ARG E 423 19.12 17.86 -39.02
N ASP E 424 19.59 17.86 -40.27
CA ASP E 424 19.60 16.68 -41.13
C ASP E 424 21.02 16.15 -41.27
N GLY E 425 21.11 14.91 -41.78
CA GLY E 425 22.39 14.28 -41.97
C GLY E 425 23.07 14.72 -43.26
N GLY E 426 24.25 14.14 -43.48
CA GLY E 426 25.04 14.45 -44.66
C GLY E 426 25.89 15.69 -44.52
N SER E 427 25.24 16.86 -44.57
CA SER E 427 25.89 18.18 -44.46
C SER E 427 27.00 18.36 -45.50
N THR E 428 26.74 17.92 -46.72
CA THR E 428 27.70 18.03 -47.79
C THR E 428 27.80 19.47 -48.29
N ASN E 429 28.92 19.75 -48.99
CA ASN E 429 29.33 21.03 -49.62
C ASN E 429 29.09 22.27 -48.76
N SER E 430 29.15 22.11 -47.44
CA SER E 430 29.02 23.13 -46.39
C SER E 430 27.94 24.20 -46.62
N THR E 431 26.79 23.77 -47.14
CA THR E 431 25.68 24.68 -47.37
C THR E 431 24.39 23.86 -47.43
N THR E 432 23.27 24.57 -47.55
CA THR E 432 21.90 24.02 -47.60
C THR E 432 21.60 23.18 -46.36
N GLU E 433 21.73 23.83 -45.20
CA GLU E 433 21.48 23.19 -43.91
C GLU E 433 19.99 23.25 -43.62
N THR E 434 19.31 22.11 -43.77
CA THR E 434 17.88 22.05 -43.52
C THR E 434 17.59 21.86 -42.03
N PHE E 435 16.71 22.72 -41.51
CA PHE E 435 16.29 22.66 -40.11
C PHE E 435 14.82 22.29 -40.03
N ARG E 436 14.54 21.24 -39.27
CA ARG E 436 13.19 20.73 -39.05
C ARG E 436 12.92 20.69 -37.56
N PRO E 437 11.66 20.86 -37.16
CA PRO E 437 11.35 20.83 -35.73
C PRO E 437 11.53 19.44 -35.14
N GLY E 438 11.97 19.41 -33.88
CA GLY E 438 12.21 18.16 -33.20
C GLY E 438 11.06 17.67 -32.35
N GLY E 439 11.34 17.39 -31.07
CA GLY E 439 10.27 16.99 -30.14
C GLY E 439 10.55 15.63 -29.53
N GLY E 440 11.82 15.34 -29.22
CA GLY E 440 12.20 14.02 -28.70
C GLY E 440 11.52 13.69 -27.37
N ASP E 441 11.81 14.45 -26.33
CA ASP E 441 11.24 14.14 -24.98
C ASP E 441 10.71 15.42 -24.34
N MET E 442 9.86 15.28 -23.32
CA MET E 442 9.27 16.46 -22.66
C MET E 442 10.37 17.16 -21.83
N ARG E 443 11.42 16.43 -21.48
CA ARG E 443 12.51 17.02 -20.66
C ARG E 443 13.02 18.30 -21.31
N ASP E 444 13.07 18.34 -22.64
CA ASP E 444 13.62 19.51 -23.37
C ASP E 444 12.82 20.78 -23.05
N ASN E 445 11.54 20.62 -22.66
CA ASN E 445 10.74 21.81 -22.27
C ASN E 445 11.27 22.37 -20.96
N TRP E 446 11.38 21.53 -19.92
CA TRP E 446 11.85 21.93 -18.61
C TRP E 446 13.33 22.28 -18.64
N ARG E 447 14.07 21.81 -19.64
CA ARG E 447 15.48 22.15 -19.76
C ARG E 447 15.63 23.61 -20.16
N SER E 448 14.68 24.12 -20.95
CA SER E 448 14.74 25.51 -21.37
C SER E 448 14.39 26.46 -20.23
N GLU E 449 13.72 25.98 -19.18
CA GLU E 449 13.34 26.82 -18.05
C GLU E 449 14.33 26.74 -16.90
N LEU E 450 14.94 25.57 -16.68
CA LEU E 450 15.91 25.37 -15.61
C LEU E 450 17.34 25.50 -16.12
N TYR E 451 17.57 26.40 -17.08
CA TYR E 451 18.90 26.58 -17.65
C TYR E 451 19.84 27.32 -16.72
N LYS E 452 19.36 28.27 -15.92
CA LYS E 452 20.24 29.01 -15.02
C LYS E 452 20.50 28.27 -13.72
N TYR E 453 19.52 27.53 -13.23
CA TYR E 453 19.64 26.86 -11.94
C TYR E 453 20.41 25.54 -12.03
N LYS E 454 21.10 25.23 -10.92
CA LYS E 454 21.92 24.03 -10.80
C LYS E 454 22.04 23.68 -9.33
N VAL E 455 21.67 22.46 -8.95
CA VAL E 455 21.75 22.04 -7.56
C VAL E 455 23.21 21.75 -7.20
N VAL E 456 23.54 21.91 -5.92
CA VAL E 456 24.90 21.68 -5.44
C VAL E 456 24.81 21.31 -3.96
N LYS E 457 25.87 20.66 -3.46
CA LYS E 457 25.97 20.23 -2.07
C LYS E 457 27.10 20.99 -1.39
N ILE E 458 26.81 21.61 -0.25
CA ILE E 458 27.79 22.38 0.49
C ILE E 458 28.51 21.47 1.49
N GLU E 459 29.75 21.81 1.79
CA GLU E 459 30.59 21.06 2.74
C GLU E 459 31.12 22.01 3.80
N PRO E 460 30.61 21.97 5.03
CA PRO E 460 31.09 22.88 6.06
C PRO E 460 32.48 22.57 6.59
N LEU E 461 33.00 21.36 6.37
CA LEU E 461 34.32 21.02 6.88
C LEU E 461 35.41 21.67 6.03
N GLY E 462 36.40 22.25 6.71
CA GLY E 462 37.50 22.91 6.04
C GLY E 462 38.80 22.76 6.79
N VAL E 463 39.90 22.53 6.07
CA VAL E 463 41.23 22.36 6.65
C VAL E 463 42.14 23.45 6.10
N ALA E 464 42.79 24.18 6.99
CA ALA E 464 43.70 25.26 6.60
C ALA E 464 44.74 25.43 7.71
N PRO E 465 45.98 25.72 7.35
CA PRO E 465 47.02 25.90 8.37
C PRO E 465 47.18 27.33 8.84
N THR E 466 47.69 27.46 10.06
CA THR E 466 47.93 28.74 10.70
C THR E 466 48.94 28.51 11.82
N ARG E 467 49.25 29.58 12.55
CA ARG E 467 50.20 29.53 13.66
C ARG E 467 49.56 29.18 14.99
N CYS E 468 48.27 28.84 15.00
CA CYS E 468 47.60 28.50 16.25
C CYS E 468 48.05 27.14 16.78
N LYS E 469 48.08 27.02 18.10
CA LYS E 469 48.47 25.80 18.78
C LYS E 469 47.57 25.65 20.00
N ARG E 470 46.97 24.47 20.15
CA ARG E 470 46.09 24.22 21.29
C ARG E 470 46.90 24.08 22.57
N ARG E 471 46.50 24.81 23.61
CA ARG E 471 47.21 24.76 24.89
C ARG E 471 46.85 23.47 25.61
N VAL E 472 47.85 22.82 26.20
CA VAL E 472 47.62 21.58 26.93
C VAL E 472 47.79 21.80 28.42
N VAL E 473 47.22 20.89 29.21
CA VAL E 473 47.31 20.97 30.65
C VAL E 473 48.54 20.24 31.16
N GLU F 1 37.63 5.81 49.97
CA GLU F 1 38.44 5.15 48.96
C GLU F 1 38.90 6.15 47.90
N ASN F 2 40.11 5.94 47.38
CA ASN F 2 40.69 6.81 46.36
C ASN F 2 40.24 6.45 44.95
N LEU F 3 39.18 5.66 44.81
CA LEU F 3 38.67 5.26 43.50
C LEU F 3 37.41 6.04 43.19
N TRP F 4 37.31 6.48 41.93
CA TRP F 4 36.14 7.27 41.47
C TRP F 4 35.63 6.69 40.15
N VAL F 5 34.43 7.07 39.72
CA VAL F 5 33.84 6.48 38.48
C VAL F 5 34.29 7.28 37.26
N THR F 6 34.48 6.63 36.11
CA THR F 6 34.86 7.31 34.87
C THR F 6 34.03 6.74 33.75
N VAL F 7 33.58 7.57 32.81
CA VAL F 7 32.67 7.04 31.75
C VAL F 7 33.46 6.91 30.44
N TYR F 8 33.18 5.85 29.68
CA TYR F 8 33.85 5.61 28.38
C TYR F 8 32.80 5.41 27.31
N TYR F 9 32.78 6.27 26.31
CA TYR F 9 31.84 6.11 25.17
C TYR F 9 32.59 5.44 24.05
N GLY F 10 32.19 4.23 23.65
CA GLY F 10 32.89 3.48 22.60
C GLY F 10 33.22 2.07 23.06
N VAL F 11 32.90 1.75 24.31
CA VAL F 11 33.22 0.40 24.89
C VAL F 11 32.59 -0.68 24.02
N PRO F 12 33.29 -1.81 23.73
CA PRO F 12 32.68 -2.90 22.99
C PRO F 12 31.79 -3.81 23.86
N VAL F 13 30.48 -3.74 23.66
CA VAL F 13 29.52 -4.54 24.48
C VAL F 13 28.36 -5.03 23.58
N TRP F 14 27.77 -6.19 23.88
CA TRP F 14 26.72 -6.76 23.05
C TRP F 14 25.47 -7.00 23.86
N LYS F 15 24.33 -6.95 23.18
CA LYS F 15 23.02 -7.18 23.79
C LYS F 15 22.06 -7.71 22.72
N ASP F 16 21.25 -8.70 23.07
CA ASP F 16 20.31 -9.25 22.10
C ASP F 16 19.12 -8.32 21.93
N ALA F 17 18.81 -7.99 20.67
CA ALA F 17 17.70 -7.10 20.35
C ALA F 17 17.24 -7.42 18.93
N GLU F 18 16.07 -6.91 18.59
CA GLU F 18 15.48 -7.12 17.27
C GLU F 18 15.50 -5.82 16.48
N THR F 19 16.05 -5.88 15.27
CA THR F 19 16.12 -4.70 14.40
C THR F 19 15.73 -5.11 12.99
N THR F 20 15.51 -4.14 12.12
CA THR F 20 15.12 -4.44 10.73
C THR F 20 16.36 -4.47 9.86
N LEU F 21 16.94 -5.66 9.70
CA LEU F 21 18.15 -5.81 8.86
C LEU F 21 17.77 -5.48 7.41
N PHE F 22 18.57 -4.64 6.74
CA PHE F 22 18.30 -4.29 5.32
C PHE F 22 19.12 -5.22 4.44
N CYS F 23 18.80 -5.31 3.15
CA CYS F 23 19.51 -6.27 2.26
C CYS F 23 20.66 -5.63 1.49
N ALA F 24 21.34 -6.44 0.67
CA ALA F 24 22.43 -5.93 -0.19
C ALA F 24 22.65 -6.96 -1.28
N SER F 25 22.81 -6.52 -2.54
CA SER F 25 22.95 -7.48 -3.66
C SER F 25 24.19 -7.11 -4.50
N ASP F 26 24.73 -8.08 -5.23
CA ASP F 26 25.97 -7.84 -6.04
C ASP F 26 25.62 -6.96 -7.23
N ALA F 27 24.37 -7.03 -7.71
CA ALA F 27 23.91 -6.19 -8.82
C ALA F 27 24.77 -6.33 -10.09
N HIS F 35 14.26 -7.85 -15.71
CA HIS F 35 13.91 -6.85 -14.72
C HIS F 35 14.10 -7.39 -13.30
N ASN F 36 13.54 -8.58 -13.07
CA ASN F 36 13.59 -9.30 -11.79
C ASN F 36 13.00 -8.44 -10.66
N VAL F 37 11.68 -8.19 -10.76
CA VAL F 37 10.98 -7.39 -9.75
C VAL F 37 10.78 -8.15 -8.46
N TRP F 38 11.13 -9.45 -8.43
CA TRP F 38 11.00 -10.26 -7.21
C TRP F 38 11.91 -9.73 -6.11
N ALA F 39 13.02 -9.09 -6.49
CA ALA F 39 13.94 -8.44 -5.57
C ALA F 39 13.87 -6.93 -5.68
N THR F 40 13.15 -6.46 -6.72
CA THR F 40 12.84 -5.08 -7.11
C THR F 40 14.03 -4.28 -7.64
N HIS F 41 15.25 -4.82 -7.49
CA HIS F 41 16.52 -4.21 -7.92
C HIS F 41 16.78 -2.80 -7.38
N ALA F 42 16.01 -2.36 -6.40
CA ALA F 42 16.19 -1.04 -5.79
C ALA F 42 17.00 -1.11 -4.53
N CYS F 43 17.36 -2.33 -4.10
CA CYS F 43 18.15 -2.53 -2.90
C CYS F 43 19.57 -2.03 -3.15
N VAL F 44 20.20 -1.48 -2.10
CA VAL F 44 21.55 -0.94 -2.19
C VAL F 44 22.56 -2.04 -2.47
N PRO F 45 23.54 -1.80 -3.34
CA PRO F 45 24.53 -2.83 -3.66
C PRO F 45 25.49 -3.07 -2.49
N THR F 46 26.03 -4.28 -2.43
CA THR F 46 26.96 -4.63 -1.37
C THR F 46 28.35 -4.08 -1.67
N ASP F 47 29.19 -4.06 -0.64
CA ASP F 47 30.55 -3.57 -0.80
C ASP F 47 31.38 -4.62 -1.53
N PRO F 48 32.30 -4.20 -2.42
CA PRO F 48 33.12 -5.18 -3.15
C PRO F 48 34.10 -5.94 -2.27
N ASN F 49 34.45 -5.42 -1.10
CA ASN F 49 35.39 -6.07 -0.19
C ASN F 49 34.75 -6.19 1.20
N PRO F 50 34.03 -7.28 1.45
CA PRO F 50 33.40 -7.45 2.77
C PRO F 50 34.44 -7.77 3.83
N GLN F 51 34.55 -6.86 4.81
CA GLN F 51 35.51 -7.03 5.89
C GLN F 51 34.96 -7.99 6.94
N GLU F 52 35.70 -9.06 7.21
CA GLU F 52 35.33 -10.07 8.20
C GLU F 52 36.33 -9.96 9.34
N ILE F 53 35.99 -9.16 10.33
CA ILE F 53 36.87 -8.95 11.47
C ILE F 53 36.76 -10.13 12.43
N HIS F 54 37.89 -10.79 12.69
CA HIS F 54 37.91 -11.92 13.61
C HIS F 54 37.91 -11.41 15.04
N LEU F 55 37.10 -12.02 15.89
CA LEU F 55 36.97 -11.63 17.29
C LEU F 55 37.46 -12.77 18.17
N GLU F 56 38.77 -12.79 18.43
CA GLU F 56 39.36 -13.83 19.26
C GLU F 56 39.15 -13.51 20.74
N ASN F 57 39.47 -14.50 21.57
CA ASN F 57 39.38 -14.46 23.04
C ASN F 57 37.98 -14.19 23.56
N VAL F 58 36.93 -14.50 22.80
CA VAL F 58 35.57 -14.26 23.24
C VAL F 58 34.66 -15.37 22.69
N THR F 59 33.67 -15.76 23.49
CA THR F 59 32.71 -16.80 23.13
C THR F 59 31.31 -16.23 23.28
N GLU F 60 30.50 -16.37 22.24
CA GLU F 60 29.13 -15.87 22.23
C GLU F 60 28.17 -17.04 22.16
N GLU F 61 27.11 -16.98 22.97
CA GLU F 61 26.10 -18.02 23.02
C GLU F 61 25.16 -17.88 21.83
N PHE F 62 25.30 -18.76 20.85
CA PHE F 62 24.47 -18.75 19.65
C PHE F 62 23.34 -19.76 19.84
N ASN F 63 22.14 -19.41 19.40
CA ASN F 63 20.99 -20.28 19.53
C ASN F 63 20.04 -20.06 18.36
N MET F 64 19.63 -21.14 17.70
CA MET F 64 18.71 -21.07 16.59
C MET F 64 17.29 -21.31 17.07
N TRP F 65 16.37 -21.41 16.09
CA TRP F 65 14.93 -21.65 16.23
C TRP F 65 14.20 -20.54 16.99
N LYS F 66 14.89 -19.47 17.40
CA LYS F 66 14.32 -18.34 18.10
C LYS F 66 14.91 -17.05 17.56
N ASN F 67 15.81 -17.15 16.59
CA ASN F 67 16.45 -15.99 15.97
C ASN F 67 15.42 -15.24 15.13
N ASN F 68 15.50 -13.91 15.16
CA ASN F 68 14.54 -13.09 14.42
C ASN F 68 14.95 -12.84 12.97
N MET F 69 16.19 -13.15 12.58
CA MET F 69 16.59 -12.92 11.19
C MET F 69 15.83 -13.84 10.24
N VAL F 70 15.58 -15.08 10.65
CA VAL F 70 14.84 -16.00 9.79
C VAL F 70 13.37 -15.57 9.69
N GLU F 71 12.80 -15.04 10.79
CA GLU F 71 11.43 -14.56 10.76
C GLU F 71 11.29 -13.32 9.88
N GLN F 72 12.27 -12.42 9.97
CA GLN F 72 12.25 -11.23 9.14
C GLN F 72 12.46 -11.59 7.67
N MET F 73 13.30 -12.59 7.39
CA MET F 73 13.51 -13.02 6.02
C MET F 73 12.25 -13.65 5.45
N HIS F 74 11.52 -14.41 6.28
CA HIS F 74 10.27 -15.02 5.84
C HIS F 74 9.22 -13.96 5.52
N THR F 75 9.06 -12.98 6.42
CA THR F 75 8.11 -11.90 6.18
C THR F 75 8.51 -11.03 5.00
N ASP F 76 9.82 -10.76 4.84
CA ASP F 76 10.31 -9.95 3.74
C ASP F 76 10.13 -10.65 2.40
N ILE F 77 10.38 -11.96 2.34
CA ILE F 77 10.19 -12.67 1.07
C ILE F 77 8.70 -12.78 0.75
N ILE F 78 7.84 -12.83 1.78
CA ILE F 78 6.41 -12.88 1.52
C ILE F 78 5.95 -11.53 0.96
N SER F 79 6.44 -10.43 1.54
CA SER F 79 6.10 -9.10 1.06
C SER F 79 6.65 -8.86 -0.33
N LEU F 80 7.85 -9.39 -0.62
CA LEU F 80 8.45 -9.25 -1.93
C LEU F 80 7.65 -10.04 -2.98
N TRP F 81 7.16 -11.22 -2.59
CA TRP F 81 6.35 -12.03 -3.50
C TRP F 81 5.04 -11.33 -3.81
N ASP F 82 4.42 -10.73 -2.78
CA ASP F 82 3.17 -10.00 -2.98
C ASP F 82 3.39 -8.77 -3.86
N GLN F 83 4.52 -8.08 -3.65
CA GLN F 83 4.83 -6.89 -4.46
C GLN F 83 5.14 -7.28 -5.89
N SER F 84 5.74 -8.45 -6.10
CA SER F 84 6.03 -8.92 -7.44
C SER F 84 4.76 -9.31 -8.17
N LEU F 85 3.80 -9.90 -7.46
CA LEU F 85 2.54 -10.29 -8.07
C LEU F 85 1.52 -9.16 -8.11
N LYS F 86 1.81 -8.01 -7.49
CA LYS F 86 0.88 -6.89 -7.48
C LYS F 86 0.59 -6.29 -8.86
N PRO F 87 1.56 -5.96 -9.73
CA PRO F 87 1.17 -5.37 -11.02
C PRO F 87 0.86 -6.38 -12.11
N CYS F 88 0.85 -7.68 -11.81
CA CYS F 88 0.57 -8.67 -12.84
C CYS F 88 -0.93 -8.75 -13.12
N VAL F 89 -1.27 -9.45 -14.21
CA VAL F 89 -2.66 -9.60 -14.63
C VAL F 89 -3.39 -10.63 -13.78
N LYS F 90 -4.59 -10.25 -13.32
CA LYS F 90 -5.45 -11.11 -12.54
C LYS F 90 -6.13 -12.11 -13.47
N LEU F 91 -6.31 -13.34 -13.00
CA LEU F 91 -6.94 -14.39 -13.79
C LEU F 91 -8.41 -14.59 -13.43
N THR F 92 -9.11 -13.51 -13.10
CA THR F 92 -10.53 -13.61 -12.74
C THR F 92 -11.44 -14.14 -13.86
N PRO F 93 -11.35 -13.71 -15.14
CA PRO F 93 -12.28 -14.29 -16.14
C PRO F 93 -11.98 -15.73 -16.55
N LEU F 94 -10.91 -16.34 -16.02
CA LEU F 94 -10.61 -17.72 -16.40
C LEU F 94 -11.51 -18.74 -15.73
N CYS F 95 -12.28 -18.34 -14.72
CA CYS F 95 -13.19 -19.25 -14.02
C CYS F 95 -14.45 -19.46 -14.85
N VAL F 96 -14.39 -20.44 -15.76
CA VAL F 96 -15.50 -20.77 -16.64
C VAL F 96 -15.62 -22.29 -16.71
N THR F 97 -16.71 -22.74 -17.33
CA THR F 97 -16.94 -24.18 -17.50
C THR F 97 -16.00 -24.68 -18.60
N LEU F 98 -14.96 -25.39 -18.21
CA LEU F 98 -13.97 -25.90 -19.15
C LEU F 98 -14.40 -27.26 -19.68
N GLN F 99 -14.58 -27.36 -21.00
CA GLN F 99 -14.96 -28.62 -21.65
C GLN F 99 -13.66 -29.34 -21.97
N CYS F 100 -13.16 -30.12 -21.03
CA CYS F 100 -11.91 -30.84 -21.20
C CYS F 100 -12.14 -32.30 -21.58
N THR F 101 -11.04 -32.94 -21.97
CA THR F 101 -10.99 -34.34 -22.37
C THR F 101 -9.55 -34.79 -22.22
N ASN F 102 -9.35 -36.11 -22.15
CA ASN F 102 -8.00 -36.64 -22.01
C ASN F 102 -7.24 -36.49 -23.33
N VAL F 103 -5.93 -36.29 -23.21
CA VAL F 103 -5.07 -36.16 -24.39
C VAL F 103 -4.54 -37.54 -24.75
N THR F 104 -4.43 -37.81 -26.06
CA THR F 104 -3.94 -39.10 -26.53
C THR F 104 -2.93 -38.96 -27.66
N ASN F 105 -2.50 -37.75 -27.99
CA ASN F 105 -1.53 -37.55 -29.07
C ASN F 105 -0.15 -37.95 -28.56
N ASN F 106 0.27 -39.17 -28.94
CA ASN F 106 1.56 -39.76 -28.56
C ASN F 106 1.72 -39.84 -27.04
N ILE F 107 0.64 -40.18 -26.35
CA ILE F 107 0.65 -40.29 -24.91
C ILE F 107 1.29 -41.61 -24.50
N THR F 108 1.83 -41.66 -23.28
CA THR F 108 2.46 -42.86 -22.77
C THR F 108 1.61 -43.47 -21.65
N ASP F 109 2.13 -44.55 -21.07
CA ASP F 109 1.40 -45.25 -20.02
C ASP F 109 1.46 -44.52 -18.68
N ASP F 110 2.60 -43.90 -18.35
CA ASP F 110 2.70 -43.20 -17.08
C ASP F 110 1.97 -41.87 -17.07
N MET F 111 1.81 -41.24 -18.23
CA MET F 111 1.12 -39.95 -18.31
C MET F 111 -0.31 -40.08 -18.81
N ARG F 112 -0.95 -41.22 -18.57
CA ARG F 112 -2.33 -41.40 -19.02
C ARG F 112 -3.28 -40.67 -18.09
N GLY F 113 -3.94 -39.63 -18.62
CA GLY F 113 -4.87 -38.84 -17.85
C GLY F 113 -4.28 -37.72 -17.02
N GLU F 114 -2.96 -37.52 -17.09
CA GLU F 114 -2.33 -36.45 -16.32
C GLU F 114 -2.45 -35.08 -16.99
N LEU F 115 -2.81 -35.04 -18.27
CA LEU F 115 -2.94 -33.80 -19.00
C LEU F 115 -4.32 -33.76 -19.65
N LYS F 116 -5.03 -32.64 -19.49
CA LYS F 116 -6.37 -32.48 -20.02
C LYS F 116 -6.39 -31.42 -21.12
N ASN F 117 -7.03 -31.75 -22.23
CA ASN F 117 -7.18 -30.84 -23.37
C ASN F 117 -8.49 -30.10 -23.17
N CYS F 118 -8.41 -28.92 -22.57
CA CYS F 118 -9.59 -28.12 -22.26
C CYS F 118 -9.94 -27.12 -23.36
N SER F 119 -11.23 -26.77 -23.40
CA SER F 119 -11.80 -25.81 -24.34
C SER F 119 -12.79 -24.96 -23.55
N PHE F 120 -12.71 -23.64 -23.71
CA PHE F 120 -13.59 -22.76 -22.96
C PHE F 120 -13.74 -21.43 -23.68
N ASN F 121 -14.78 -20.69 -23.30
CA ASN F 121 -15.03 -19.36 -23.89
C ASN F 121 -14.16 -18.33 -23.18
N MET F 122 -13.61 -17.40 -23.94
CA MET F 122 -12.74 -16.38 -23.39
C MET F 122 -13.12 -15.02 -23.96
N THR F 123 -12.85 -13.97 -23.18
CA THR F 123 -13.13 -12.62 -23.59
C THR F 123 -11.98 -12.07 -24.41
N THR F 124 -12.30 -11.21 -25.37
CA THR F 124 -11.33 -10.57 -26.22
C THR F 124 -11.13 -9.14 -25.71
N GLU F 125 -10.44 -8.31 -26.50
CA GLU F 125 -10.21 -6.92 -26.09
C GLU F 125 -11.51 -6.12 -25.99
N LEU F 126 -12.57 -6.60 -26.66
CA LEU F 126 -13.87 -5.96 -26.63
C LEU F 126 -14.79 -6.76 -25.72
N ARG F 127 -15.66 -6.06 -24.99
CA ARG F 127 -16.56 -6.74 -24.05
C ARG F 127 -17.70 -7.47 -24.74
N ASP F 128 -18.23 -6.95 -25.85
CA ASP F 128 -19.36 -7.62 -26.49
C ASP F 128 -18.94 -8.88 -27.23
N LYS F 129 -17.70 -8.95 -27.72
CA LYS F 129 -17.25 -10.11 -28.45
C LYS F 129 -16.53 -11.09 -27.53
N LYS F 130 -16.66 -12.38 -27.86
CA LYS F 130 -16.04 -13.46 -27.10
C LYS F 130 -15.31 -14.38 -28.07
N GLN F 131 -14.33 -15.12 -27.56
CA GLN F 131 -13.54 -16.03 -28.38
C GLN F 131 -13.46 -17.39 -27.70
N LYS F 132 -13.34 -18.44 -28.51
CA LYS F 132 -13.22 -19.79 -28.02
C LYS F 132 -11.77 -20.22 -28.16
N VAL F 133 -11.06 -20.34 -27.03
CA VAL F 133 -9.66 -20.72 -27.03
C VAL F 133 -9.53 -22.15 -26.50
N TYR F 134 -8.37 -22.74 -26.76
CA TYR F 134 -8.05 -24.09 -26.34
C TYR F 134 -6.77 -24.07 -25.53
N SER F 135 -6.77 -24.75 -24.39
CA SER F 135 -5.60 -24.80 -23.53
C SER F 135 -5.46 -26.20 -22.94
N LEU F 136 -4.24 -26.54 -22.56
CA LEU F 136 -3.92 -27.84 -21.98
C LEU F 136 -3.58 -27.65 -20.52
N PHE F 137 -4.50 -28.05 -19.64
CA PHE F 137 -4.31 -27.94 -18.19
C PHE F 137 -3.99 -29.30 -17.61
N TYR F 138 -3.18 -29.31 -16.57
CA TYR F 138 -2.82 -30.56 -15.91
C TYR F 138 -4.00 -31.09 -15.10
N ARG F 139 -3.93 -32.37 -14.74
CA ARG F 139 -4.99 -32.99 -13.97
C ARG F 139 -5.06 -32.44 -12.55
N LEU F 140 -3.96 -31.89 -12.05
CA LEU F 140 -3.91 -31.32 -10.71
C LEU F 140 -4.43 -29.89 -10.65
N ASP F 141 -4.82 -29.31 -11.78
CA ASP F 141 -5.33 -27.95 -11.84
C ASP F 141 -6.80 -27.87 -12.20
N VAL F 142 -7.46 -29.00 -12.47
CA VAL F 142 -8.87 -28.99 -12.84
C VAL F 142 -9.65 -29.93 -11.93
N VAL F 143 -10.90 -29.56 -11.70
CA VAL F 143 -11.84 -30.32 -10.87
C VAL F 143 -13.18 -30.34 -11.61
N GLN F 144 -13.78 -31.52 -11.71
CA GLN F 144 -15.05 -31.68 -12.40
C GLN F 144 -16.16 -30.91 -11.70
N ILE F 145 -16.92 -30.13 -12.48
CA ILE F 145 -18.01 -29.31 -11.94
C ILE F 145 -19.20 -30.19 -11.63
N ASN F 146 -19.79 -30.75 -12.70
CA ASN F 146 -21.00 -31.59 -12.55
C ASN F 146 -20.60 -33.06 -12.60
N GLU F 147 -20.25 -33.66 -11.47
CA GLU F 147 -19.75 -35.06 -11.46
C GLU F 147 -20.94 -36.03 -11.59
N ASN F 148 -22.17 -35.51 -11.62
CA ASN F 148 -23.37 -36.39 -11.79
C ASN F 148 -23.61 -36.63 -13.29
N GLN F 149 -24.71 -37.30 -13.64
CA GLN F 149 -24.99 -37.64 -15.05
C GLN F 149 -23.78 -38.43 -15.60
N GLY F 150 -23.50 -39.60 -15.03
CA GLY F 150 -22.28 -40.36 -15.42
C GLY F 150 -22.46 -41.19 -16.67
N ASN F 151 -21.45 -42.02 -16.98
CA ASN F 151 -21.50 -42.91 -18.18
C ASN F 151 -21.30 -42.11 -19.46
N ARG F 152 -20.59 -40.97 -19.38
CA ARG F 152 -20.26 -40.22 -20.63
C ARG F 152 -19.41 -41.19 -21.47
N SER F 153 -19.56 -41.16 -22.80
CA SER F 153 -18.77 -42.04 -23.70
C SER F 153 -17.29 -41.96 -23.27
N ASN F 154 -16.54 -43.06 -23.41
CA ASN F 154 -15.12 -43.08 -22.96
C ASN F 154 -14.42 -41.82 -23.47
N ASN F 155 -14.71 -41.42 -24.70
CA ASN F 155 -14.13 -40.17 -25.25
C ASN F 155 -15.20 -39.06 -25.22
N SER F 156 -15.49 -38.52 -24.04
CA SER F 156 -16.54 -37.48 -23.92
C SER F 156 -15.97 -36.20 -23.29
N ASN F 157 -16.52 -35.05 -23.66
CA ASN F 157 -16.03 -33.76 -23.11
C ASN F 157 -16.67 -33.52 -21.74
N LYS F 158 -16.03 -33.97 -20.66
CA LYS F 158 -16.55 -33.71 -19.30
C LYS F 158 -16.33 -32.23 -18.97
N GLU F 159 -17.12 -31.68 -18.04
CA GLU F 159 -17.01 -30.24 -17.71
C GLU F 159 -16.15 -30.07 -16.46
N TYR F 160 -15.11 -29.22 -16.54
CA TYR F 160 -14.19 -29.05 -15.40
C TYR F 160 -14.05 -27.58 -15.05
N ARG F 161 -13.32 -27.28 -13.97
CA ARG F 161 -13.09 -25.92 -13.52
C ARG F 161 -11.80 -25.90 -12.74
N LEU F 162 -11.22 -24.71 -12.61
CA LEU F 162 -9.97 -24.58 -11.88
C LEU F 162 -10.17 -24.78 -10.39
N ILE F 163 -9.11 -25.18 -9.70
CA ILE F 163 -9.17 -25.42 -8.26
C ILE F 163 -9.38 -24.12 -7.50
N ASN F 164 -8.69 -23.05 -7.91
CA ASN F 164 -8.81 -21.77 -7.21
C ASN F 164 -10.10 -21.02 -7.53
N CYS F 165 -11.02 -21.60 -8.31
CA CYS F 165 -12.27 -20.91 -8.62
C CYS F 165 -13.16 -20.78 -7.39
N ASN F 166 -13.21 -21.82 -6.55
CA ASN F 166 -14.04 -21.73 -5.36
C ASN F 166 -13.27 -21.23 -4.13
N THR F 167 -11.99 -20.89 -4.28
CA THR F 167 -11.20 -20.38 -3.18
C THR F 167 -10.87 -18.90 -3.36
N SER F 168 -10.19 -18.55 -4.45
CA SER F 168 -9.80 -17.16 -4.76
C SER F 168 -9.29 -17.00 -6.18
N ALA F 169 -9.80 -16.03 -6.92
CA ALA F 169 -9.33 -15.77 -8.27
C ALA F 169 -8.02 -15.02 -8.15
N CYS F 170 -6.91 -15.73 -8.28
CA CYS F 170 -5.59 -15.14 -8.13
C CYS F 170 -4.99 -14.70 -9.47
N THR F 171 -3.83 -14.06 -9.37
CA THR F 171 -3.11 -13.52 -10.52
C THR F 171 -2.33 -14.61 -11.25
N GLN F 172 -1.58 -14.16 -12.26
CA GLN F 172 -0.74 -15.00 -13.09
C GLN F 172 0.67 -14.40 -13.06
N ALA F 173 1.68 -15.25 -12.93
CA ALA F 173 3.06 -14.78 -12.90
C ALA F 173 3.45 -14.15 -14.23
N CYS F 174 4.01 -12.95 -14.16
CA CYS F 174 4.41 -12.24 -15.37
C CYS F 174 5.62 -12.93 -16.00
N PRO F 175 5.68 -13.00 -17.33
CA PRO F 175 6.82 -13.68 -17.98
C PRO F 175 8.09 -12.84 -18.01
N LYS F 176 8.00 -11.52 -17.85
CA LYS F 176 9.18 -10.68 -17.89
C LYS F 176 10.01 -10.72 -16.61
N VAL F 177 9.51 -11.38 -15.56
CA VAL F 177 10.21 -11.50 -14.29
C VAL F 177 10.68 -12.93 -14.15
N SER F 178 11.68 -13.15 -13.32
CA SER F 178 12.23 -14.48 -13.10
C SER F 178 12.26 -14.81 -11.61
N PHE F 179 11.96 -16.08 -11.30
CA PHE F 179 11.96 -16.57 -9.92
C PHE F 179 13.29 -17.20 -9.54
N GLU F 180 14.38 -16.77 -10.14
CA GLU F 180 15.68 -17.33 -9.83
C GLU F 180 16.11 -16.90 -8.43
N PRO F 181 16.70 -17.78 -7.63
CA PRO F 181 17.13 -17.41 -6.27
C PRO F 181 18.38 -16.54 -6.25
N ILE F 182 18.17 -15.24 -6.48
CA ILE F 182 19.26 -14.29 -6.47
C ILE F 182 19.74 -14.09 -5.02
N PRO F 183 21.02 -14.28 -4.73
CA PRO F 183 21.51 -14.13 -3.35
C PRO F 183 21.40 -12.70 -2.84
N ILE F 184 20.94 -12.58 -1.60
CA ILE F 184 20.77 -11.29 -0.93
C ILE F 184 21.51 -11.35 0.39
N HIS F 185 22.14 -10.24 0.77
CA HIS F 185 22.89 -10.15 2.02
C HIS F 185 22.13 -9.26 2.98
N TYR F 186 21.87 -9.77 4.18
CA TYR F 186 21.16 -9.00 5.20
C TYR F 186 22.18 -8.26 6.05
N CYS F 187 22.18 -6.94 5.97
CA CYS F 187 23.12 -6.12 6.71
C CYS F 187 22.45 -5.50 7.93
N ALA F 188 23.24 -5.18 8.91
CA ALA F 188 22.72 -4.56 10.12
C ALA F 188 22.87 -3.05 10.04
N PRO F 189 21.93 -2.28 10.59
CA PRO F 189 22.05 -0.82 10.54
C PRO F 189 23.07 -0.28 11.53
N ALA F 190 23.16 1.04 11.64
CA ALA F 190 24.09 1.65 12.58
C ALA F 190 23.68 1.34 14.01
N GLY F 191 24.69 1.04 14.84
CA GLY F 191 24.44 0.69 16.21
C GLY F 191 24.14 -0.77 16.44
N PHE F 192 24.27 -1.60 15.40
CA PHE F 192 24.03 -3.04 15.48
C PHE F 192 25.11 -3.75 14.70
N ALA F 193 25.36 -5.00 15.05
CA ALA F 193 26.38 -5.79 14.37
C ALA F 193 25.89 -7.22 14.16
N ILE F 194 26.50 -7.89 13.20
CA ILE F 194 26.18 -9.27 12.85
C ILE F 194 27.37 -10.12 13.26
N LEU F 195 27.14 -11.08 14.15
CA LEU F 195 28.21 -11.97 14.61
C LEU F 195 28.14 -13.28 13.85
N LYS F 196 29.21 -13.61 13.14
CA LYS F 196 29.29 -14.84 12.36
C LYS F 196 30.13 -15.86 13.11
N CYS F 197 29.53 -17.01 13.42
CA CYS F 197 30.22 -18.08 14.14
C CYS F 197 30.93 -18.93 13.10
N LYS F 198 32.26 -18.80 13.01
CA LYS F 198 33.06 -19.53 12.05
C LYS F 198 33.53 -20.90 12.56
N ASP F 199 32.81 -21.50 13.51
CA ASP F 199 33.20 -22.80 14.02
C ASP F 199 32.89 -23.88 13.00
N LYS F 200 33.87 -24.75 12.74
CA LYS F 200 33.68 -25.82 11.75
C LYS F 200 32.75 -26.91 12.27
N LYS F 201 32.72 -27.13 13.58
CA LYS F 201 31.87 -28.13 14.20
C LYS F 201 30.81 -27.47 15.08
N PHE F 202 30.18 -26.43 14.55
CA PHE F 202 29.16 -25.70 15.30
C PHE F 202 27.88 -26.51 15.41
N ASN F 203 27.35 -26.58 16.62
CA ASN F 203 26.10 -27.29 16.93
C ASN F 203 24.99 -26.24 17.07
N GLY F 204 23.77 -26.66 16.73
CA GLY F 204 22.56 -25.83 16.76
C GLY F 204 22.32 -24.86 17.89
N THR F 205 22.78 -25.19 19.10
CA THR F 205 22.59 -24.31 20.25
C THR F 205 23.76 -24.49 21.21
N GLY F 206 24.47 -23.41 21.48
CA GLY F 206 25.60 -23.45 22.38
C GLY F 206 26.57 -22.30 22.17
N PRO F 207 27.55 -22.18 23.06
CA PRO F 207 28.54 -21.09 22.95
C PRO F 207 29.53 -21.37 21.83
N CYS F 208 29.62 -20.44 20.88
CA CYS F 208 30.54 -20.59 19.76
C CYS F 208 31.95 -20.20 20.19
N PRO F 209 32.95 -21.08 20.02
CA PRO F 209 34.31 -20.72 20.45
C PRO F 209 34.95 -19.61 19.61
N SER F 210 34.91 -19.74 18.29
CA SER F 210 35.50 -18.75 17.39
C SER F 210 34.40 -17.92 16.75
N VAL F 211 34.22 -16.70 17.25
CA VAL F 211 33.21 -15.77 16.74
C VAL F 211 33.92 -14.66 15.98
N SER F 212 33.30 -14.19 14.91
CA SER F 212 33.85 -13.12 14.10
C SER F 212 32.72 -12.24 13.58
N THR F 213 32.82 -10.95 13.85
CA THR F 213 31.80 -10.00 13.41
C THR F 213 31.94 -9.74 11.92
N VAL F 214 30.87 -9.23 11.32
CA VAL F 214 30.83 -8.91 9.90
C VAL F 214 29.72 -7.88 9.68
N GLN F 215 29.91 -7.02 8.68
CA GLN F 215 28.91 -5.99 8.42
C GLN F 215 27.69 -6.56 7.70
N CYS F 216 27.88 -7.58 6.86
CA CYS F 216 26.79 -8.19 6.11
C CYS F 216 27.05 -9.68 5.98
N THR F 217 25.97 -10.46 5.85
CA THR F 217 26.10 -11.89 5.70
C THR F 217 26.54 -12.23 4.28
N HIS F 218 26.81 -13.52 4.05
CA HIS F 218 27.23 -13.98 2.74
C HIS F 218 26.01 -14.09 1.82
N GLY F 219 26.23 -14.62 0.62
CA GLY F 219 25.15 -14.77 -0.33
C GLY F 219 24.12 -15.80 0.09
N ILE F 220 22.96 -15.33 0.53
CA ILE F 220 21.88 -16.21 0.97
C ILE F 220 20.90 -16.33 -0.19
N LYS F 221 20.90 -17.49 -0.85
CA LYS F 221 19.98 -17.69 -1.95
C LYS F 221 18.64 -18.11 -1.37
N PRO F 222 17.58 -17.33 -1.58
CA PRO F 222 16.25 -17.68 -1.02
C PRO F 222 15.54 -18.78 -1.80
N VAL F 223 16.12 -19.98 -1.75
CA VAL F 223 15.57 -21.14 -2.42
C VAL F 223 14.36 -21.64 -1.65
N VAL F 224 13.36 -22.12 -2.36
CA VAL F 224 12.14 -22.61 -1.75
C VAL F 224 12.02 -24.10 -2.02
N SER F 225 11.97 -24.89 -0.96
CA SER F 225 11.85 -26.34 -1.06
C SER F 225 11.17 -26.86 0.20
N THR F 226 10.71 -28.10 0.16
CA THR F 226 10.01 -28.67 1.31
C THR F 226 10.72 -29.86 1.94
N GLN F 227 11.29 -30.76 1.13
CA GLN F 227 11.95 -31.93 1.69
C GLN F 227 13.47 -31.91 1.59
N LEU F 228 14.03 -31.53 0.45
CA LEU F 228 15.47 -31.51 0.25
C LEU F 228 15.93 -30.06 0.05
N LEU F 229 16.97 -29.66 0.75
CA LEU F 229 17.49 -28.30 0.63
C LEU F 229 18.34 -28.21 -0.63
N LEU F 230 17.87 -27.46 -1.62
CA LEU F 230 18.58 -27.30 -2.89
C LEU F 230 19.37 -26.01 -2.94
N ASN F 231 20.57 -26.09 -3.54
CA ASN F 231 21.50 -24.97 -3.73
C ASN F 231 21.84 -24.25 -2.42
N GLY F 232 22.01 -25.03 -1.36
CA GLY F 232 22.33 -24.48 -0.06
C GLY F 232 23.83 -24.43 0.20
N SER F 233 24.18 -24.03 1.42
CA SER F 233 25.56 -23.92 1.86
C SER F 233 25.94 -25.24 2.52
N LEU F 234 27.00 -25.88 2.01
CA LEU F 234 27.42 -27.15 2.57
C LEU F 234 28.22 -26.95 3.85
N ALA F 235 28.46 -28.06 4.54
CA ALA F 235 29.20 -28.03 5.79
C ALA F 235 30.70 -27.88 5.50
N GLU F 236 31.48 -27.77 6.58
CA GLU F 236 32.92 -27.59 6.44
C GLU F 236 33.64 -28.92 6.20
N GLU F 237 33.60 -29.82 7.17
CA GLU F 237 34.30 -31.10 7.02
C GLU F 237 33.42 -32.32 7.27
N GLU F 238 32.42 -32.20 8.14
CA GLU F 238 31.55 -33.31 8.49
C GLU F 238 30.11 -32.85 8.38
N VAL F 239 29.21 -33.75 7.98
CA VAL F 239 27.80 -33.40 7.84
C VAL F 239 27.22 -33.12 9.24
N MET F 240 26.27 -32.21 9.31
CA MET F 240 25.69 -31.81 10.57
C MET F 240 24.20 -32.10 10.64
N ILE F 241 23.74 -32.35 11.86
CA ILE F 241 22.34 -32.63 12.17
C ILE F 241 21.94 -31.78 13.36
N ARG F 242 20.88 -30.99 13.21
CA ARG F 242 20.43 -30.09 14.27
C ARG F 242 18.94 -30.27 14.54
N SER F 243 18.57 -30.05 15.79
CA SER F 243 17.19 -30.16 16.25
C SER F 243 17.08 -29.45 17.60
N GLU F 244 15.89 -28.90 17.87
CA GLU F 244 15.64 -28.22 19.14
C GLU F 244 15.70 -29.19 20.31
N ASN F 245 15.07 -30.35 20.14
CA ASN F 245 15.01 -31.38 21.17
C ASN F 245 15.10 -32.69 20.40
N ILE F 246 16.27 -33.35 20.46
CA ILE F 246 16.49 -34.59 19.74
C ILE F 246 15.62 -35.72 20.31
N THR F 247 15.16 -35.58 21.55
CA THR F 247 14.31 -36.59 22.16
C THR F 247 12.84 -36.36 21.86
N ASN F 248 12.51 -35.26 21.18
CA ASN F 248 11.13 -34.94 20.83
C ASN F 248 10.87 -35.30 19.36
N ASN F 249 9.78 -36.02 19.12
CA ASN F 249 9.43 -36.43 17.77
C ASN F 249 8.59 -35.39 17.03
N ALA F 250 8.17 -34.32 17.70
CA ALA F 250 7.36 -33.28 17.08
C ALA F 250 8.18 -32.14 16.49
N LYS F 251 9.51 -32.22 16.56
CA LYS F 251 10.38 -31.18 16.03
C LYS F 251 11.08 -31.70 14.78
N ASN F 252 11.22 -30.81 13.79
CA ASN F 252 11.89 -31.18 12.55
C ASN F 252 13.38 -31.35 12.78
N ILE F 253 13.93 -32.43 12.23
CA ILE F 253 15.34 -32.75 12.38
C ILE F 253 16.08 -32.20 11.15
N LEU F 254 16.71 -31.05 11.31
CA LEU F 254 17.45 -30.45 10.21
C LEU F 254 18.75 -31.19 9.98
N VAL F 255 19.12 -31.36 8.71
CA VAL F 255 20.33 -32.06 8.32
C VAL F 255 21.05 -31.23 7.27
N GLN F 256 22.38 -31.11 7.42
CA GLN F 256 23.21 -30.36 6.49
C GLN F 256 24.29 -31.30 5.99
N PHE F 257 24.57 -31.26 4.69
CA PHE F 257 25.58 -32.13 4.10
C PHE F 257 26.92 -31.41 3.99
N ASN F 258 27.98 -32.21 3.81
CA ASN F 258 29.33 -31.69 3.63
C ASN F 258 29.78 -31.78 2.18
N THR F 259 29.17 -32.66 1.39
CA THR F 259 29.45 -32.86 -0.02
C THR F 259 28.08 -32.88 -0.69
N PRO F 260 27.96 -32.33 -1.90
CA PRO F 260 26.66 -32.31 -2.56
C PRO F 260 26.43 -33.47 -3.52
N VAL F 261 25.15 -33.76 -3.74
CA VAL F 261 24.72 -34.81 -4.65
C VAL F 261 24.07 -34.13 -5.84
N GLN F 262 24.57 -34.42 -7.03
CA GLN F 262 24.03 -33.80 -8.24
C GLN F 262 22.68 -34.42 -8.60
N ILE F 263 21.67 -33.57 -8.73
CA ILE F 263 20.32 -33.99 -9.09
C ILE F 263 19.96 -33.31 -10.41
N ASN F 264 19.58 -34.11 -11.41
CA ASN F 264 19.24 -33.61 -12.74
C ASN F 264 17.74 -33.72 -12.94
N CYS F 265 17.05 -32.59 -12.82
CA CYS F 265 15.60 -32.52 -13.01
C CYS F 265 15.31 -32.01 -14.40
N THR F 266 14.33 -32.63 -15.06
CA THR F 266 14.01 -32.20 -16.41
C THR F 266 12.55 -32.42 -16.75
N ARG F 267 12.13 -31.78 -17.83
CA ARG F 267 10.77 -31.87 -18.37
C ARG F 267 10.94 -32.15 -19.86
N PRO F 268 10.82 -33.40 -20.30
CA PRO F 268 11.02 -33.72 -21.71
C PRO F 268 9.93 -33.25 -22.66
N ASN F 269 8.84 -32.69 -22.16
CA ASN F 269 7.77 -32.22 -23.05
C ASN F 269 8.15 -30.90 -23.69
N ASN F 270 8.10 -30.85 -25.02
CA ASN F 270 8.42 -29.64 -25.78
C ASN F 270 7.17 -28.76 -25.78
N ASN F 271 6.99 -28.06 -24.66
CA ASN F 271 5.84 -27.19 -24.47
C ASN F 271 5.89 -25.97 -25.38
N THR F 272 4.70 -25.51 -25.77
CA THR F 272 4.53 -24.34 -26.61
C THR F 272 3.59 -23.37 -25.90
N ARG F 273 3.94 -22.09 -25.92
CA ARG F 273 3.16 -21.06 -25.26
C ARG F 273 2.42 -20.20 -26.27
N LYS F 274 1.10 -20.06 -26.08
CA LYS F 274 0.25 -19.25 -26.92
C LYS F 274 -0.34 -18.13 -26.07
N SER F 275 -0.38 -16.93 -26.63
CA SER F 275 -0.90 -15.76 -25.91
C SER F 275 -2.21 -15.30 -26.53
N ILE F 276 -3.22 -15.25 -25.66
CA ILE F 276 -4.59 -14.81 -26.08
C ILE F 276 -4.87 -13.50 -25.34
N ARG F 277 -5.67 -12.61 -25.94
CA ARG F 277 -5.96 -11.30 -25.29
C ARG F 277 -7.17 -11.48 -24.37
N ILE F 278 -6.93 -11.92 -23.12
CA ILE F 278 -8.02 -12.16 -22.13
C ILE F 278 -8.86 -10.88 -21.99
N GLY F 279 -8.27 -9.72 -22.30
CA GLY F 279 -8.98 -8.44 -22.12
C GLY F 279 -8.19 -7.28 -22.67
N PRO F 280 -8.50 -6.02 -22.31
CA PRO F 280 -7.83 -4.87 -22.88
C PRO F 280 -6.45 -4.67 -22.27
N GLY F 281 -5.40 -5.07 -23.00
CA GLY F 281 -4.02 -4.86 -22.52
C GLY F 281 -3.54 -6.02 -21.68
N GLN F 282 -4.46 -6.91 -21.28
CA GLN F 282 -4.09 -8.09 -20.46
C GLN F 282 -4.05 -9.33 -21.35
N ALA F 283 -3.06 -10.20 -21.17
CA ALA F 283 -2.93 -11.41 -22.02
C ALA F 283 -2.78 -12.65 -21.13
N PHE F 284 -3.37 -13.76 -21.57
CA PHE F 284 -3.26 -15.03 -20.80
C PHE F 284 -2.42 -16.00 -21.61
N TYR F 285 -1.25 -16.34 -21.09
CA TYR F 285 -0.37 -17.30 -21.76
C TYR F 285 -0.87 -18.71 -21.48
N ALA F 286 -1.53 -19.31 -22.47
CA ALA F 286 -2.06 -20.65 -22.34
C ALA F 286 -1.10 -21.67 -22.92
N THR F 287 -1.32 -22.94 -22.58
CA THR F 287 -0.48 -24.00 -23.08
C THR F 287 -0.93 -24.43 -24.47
N GLY F 288 -0.03 -24.35 -25.44
CA GLY F 288 -0.32 -24.73 -26.81
C GLY F 288 -0.17 -26.21 -27.07
N ASP F 289 -0.16 -26.56 -28.35
CA ASP F 289 -0.02 -27.94 -28.77
C ASP F 289 1.37 -28.48 -28.44
N ILE F 290 1.42 -29.71 -27.95
CA ILE F 290 2.67 -30.35 -27.60
C ILE F 290 3.33 -30.89 -28.86
N ILE F 291 4.61 -30.58 -29.02
CA ILE F 291 5.39 -31.02 -30.18
C ILE F 291 6.18 -32.26 -29.76
N GLY F 292 5.94 -33.38 -30.43
CA GLY F 292 6.63 -34.61 -30.12
C GLY F 292 5.87 -35.45 -29.12
N ASP F 293 6.57 -36.47 -28.61
CA ASP F 293 5.98 -37.38 -27.65
C ASP F 293 5.84 -36.71 -26.29
N ILE F 294 4.94 -37.24 -25.47
CA ILE F 294 4.68 -36.72 -24.13
C ILE F 294 5.22 -37.72 -23.12
N ARG F 295 6.10 -37.24 -22.24
CA ARG F 295 6.71 -38.08 -21.22
C ARG F 295 6.61 -37.38 -19.87
N GLN F 296 6.64 -38.17 -18.81
CA GLN F 296 6.56 -37.62 -17.46
C GLN F 296 7.87 -36.98 -17.03
N ALA F 297 7.76 -35.80 -16.41
CA ALA F 297 8.93 -35.09 -15.91
C ALA F 297 9.49 -35.85 -14.72
N HIS F 298 10.82 -35.83 -14.60
CA HIS F 298 11.45 -36.57 -13.51
C HIS F 298 12.77 -35.92 -13.12
N CYS F 299 13.38 -36.48 -12.07
CA CYS F 299 14.65 -36.03 -11.54
C CYS F 299 15.54 -37.25 -11.36
N ASN F 300 16.81 -37.13 -11.77
CA ASN F 300 17.76 -38.23 -11.66
C ASN F 300 18.76 -37.96 -10.55
N VAL F 301 18.91 -38.95 -9.66
CA VAL F 301 19.84 -38.87 -8.54
C VAL F 301 20.74 -40.11 -8.61
N SER F 302 22.04 -39.90 -8.46
CA SER F 302 22.99 -41.01 -8.50
C SER F 302 22.76 -41.96 -7.32
N LYS F 303 22.77 -43.26 -7.61
CA LYS F 303 22.53 -44.26 -6.57
C LYS F 303 23.69 -44.34 -5.58
N ALA F 304 24.93 -44.40 -6.08
CA ALA F 304 26.09 -44.52 -5.20
C ALA F 304 26.30 -43.28 -4.34
N THR F 305 26.16 -42.09 -4.93
CA THR F 305 26.34 -40.85 -4.18
C THR F 305 25.27 -40.69 -3.10
N TRP F 306 24.02 -40.99 -3.44
CA TRP F 306 22.94 -40.88 -2.46
C TRP F 306 23.10 -41.92 -1.36
N ASN F 307 23.56 -43.12 -1.71
CA ASN F 307 23.77 -44.15 -0.70
C ASN F 307 24.90 -43.77 0.25
N GLU F 308 25.98 -43.18 -0.28
CA GLU F 308 27.08 -42.76 0.58
C GLU F 308 26.66 -41.61 1.48
N THR F 309 25.87 -40.66 0.95
CA THR F 309 25.41 -39.54 1.77
C THR F 309 24.45 -40.04 2.86
N LEU F 310 23.61 -41.01 2.52
CA LEU F 310 22.68 -41.58 3.50
C LEU F 310 23.46 -42.33 4.57
N GLY F 311 24.56 -43.01 4.19
CA GLY F 311 25.38 -43.70 5.15
C GLY F 311 26.08 -42.74 6.09
N LYS F 312 26.51 -41.58 5.58
CA LYS F 312 27.14 -40.58 6.42
C LYS F 312 26.14 -40.01 7.42
N VAL F 313 24.90 -39.78 6.96
CA VAL F 313 23.84 -39.27 7.82
C VAL F 313 23.50 -40.31 8.89
N VAL F 314 23.52 -41.60 8.51
CA VAL F 314 23.23 -42.68 9.45
C VAL F 314 24.34 -42.75 10.50
N LYS F 315 25.58 -42.54 10.07
CA LYS F 315 26.72 -42.54 10.99
C LYS F 315 26.59 -41.40 12.00
N GLN F 316 26.13 -40.23 11.54
CA GLN F 316 25.95 -39.11 12.45
C GLN F 316 24.71 -39.31 13.32
N LEU F 317 23.78 -40.14 12.88
CA LEU F 317 22.57 -40.41 13.65
C LEU F 317 22.82 -41.44 14.75
N ARG F 318 23.99 -42.10 14.73
CA ARG F 318 24.30 -43.10 15.72
C ARG F 318 24.92 -42.53 16.98
N LYS F 319 25.22 -41.22 17.01
CA LYS F 319 25.80 -40.62 18.20
C LYS F 319 24.74 -39.91 19.04
N HIS F 320 23.69 -39.37 18.40
CA HIS F 320 22.63 -38.71 19.16
C HIS F 320 21.75 -39.73 19.85
N PHE F 321 21.63 -40.92 19.26
CA PHE F 321 20.86 -42.05 19.77
C PHE F 321 21.85 -43.19 20.00
N GLY F 322 21.33 -44.39 20.26
CA GLY F 322 22.20 -45.54 20.45
C GLY F 322 22.78 -45.95 19.12
N ASN F 323 24.08 -46.27 19.10
CA ASN F 323 24.69 -46.66 17.83
C ASN F 323 24.32 -48.07 17.40
N ASN F 324 23.67 -48.85 18.25
CA ASN F 324 23.22 -50.19 17.91
C ASN F 324 21.78 -50.19 17.42
N THR F 325 21.15 -49.03 17.36
CA THR F 325 19.76 -48.92 16.91
C THR F 325 19.68 -49.03 15.40
N ILE F 326 18.59 -49.65 14.93
CA ILE F 326 18.35 -49.84 13.50
C ILE F 326 17.73 -48.57 12.96
N ILE F 327 18.44 -47.89 12.07
CA ILE F 327 17.96 -46.66 11.47
C ILE F 327 17.28 -47.01 10.14
N ARG F 328 16.00 -46.66 10.02
CA ARG F 328 15.22 -46.95 8.84
C ARG F 328 14.71 -45.64 8.23
N PHE F 329 14.52 -45.65 6.91
CA PHE F 329 14.02 -44.50 6.18
C PHE F 329 12.75 -44.89 5.45
N ALA F 330 11.68 -44.13 5.68
CA ALA F 330 10.39 -44.35 5.04
C ALA F 330 9.98 -43.08 4.34
N ASN F 331 8.95 -43.18 3.50
CA ASN F 331 8.49 -42.02 2.76
C ASN F 331 7.57 -41.17 3.65
N SER F 332 6.95 -40.16 3.03
CA SER F 332 6.06 -39.26 3.76
C SER F 332 4.80 -39.98 4.23
N SER F 333 4.26 -39.50 5.35
CA SER F 333 3.05 -40.10 5.91
C SER F 333 1.82 -39.82 5.06
N GLY F 334 1.69 -38.60 4.55
CA GLY F 334 0.55 -38.22 3.74
C GLY F 334 0.19 -36.77 3.93
N GLY F 335 -0.91 -36.38 3.28
CA GLY F 335 -1.44 -35.04 3.31
C GLY F 335 -1.48 -34.46 1.92
N ASP F 336 -1.50 -33.13 1.84
CA ASP F 336 -1.53 -32.49 0.54
C ASP F 336 -0.16 -32.54 -0.13
N LEU F 337 -0.17 -32.36 -1.45
CA LEU F 337 1.03 -32.42 -2.28
C LEU F 337 2.06 -31.34 -1.96
N GLU F 338 1.67 -30.28 -1.26
CA GLU F 338 2.61 -29.22 -0.94
C GLU F 338 3.64 -29.67 0.10
N VAL F 339 3.25 -30.59 0.98
CA VAL F 339 4.16 -31.07 2.01
C VAL F 339 4.55 -32.55 1.82
N THR F 340 3.63 -33.39 1.32
CA THR F 340 3.95 -34.81 1.13
C THR F 340 4.93 -35.07 -0.01
N THR F 341 5.21 -34.08 -0.85
CA THR F 341 6.13 -34.27 -1.96
C THR F 341 7.16 -33.15 -1.96
N HIS F 342 8.28 -33.40 -2.62
CA HIS F 342 9.37 -32.43 -2.72
C HIS F 342 8.96 -31.39 -3.75
N SER F 343 8.52 -30.23 -3.26
CA SER F 343 8.06 -29.14 -4.12
C SER F 343 9.15 -28.09 -4.26
N PHE F 344 9.43 -27.70 -5.50
CA PHE F 344 10.44 -26.69 -5.80
C PHE F 344 10.15 -26.13 -7.18
N ASN F 345 10.92 -25.11 -7.55
CA ASN F 345 10.80 -24.43 -8.84
C ASN F 345 12.03 -24.74 -9.68
N CYS F 346 11.80 -24.98 -10.97
CA CYS F 346 12.87 -25.31 -11.91
C CYS F 346 12.62 -24.59 -13.23
N GLY F 347 13.28 -23.43 -13.39
CA GLY F 347 13.14 -22.64 -14.61
C GLY F 347 11.74 -22.10 -14.86
N GLY F 348 11.06 -21.65 -13.82
CA GLY F 348 9.72 -21.13 -13.93
C GLY F 348 8.63 -22.17 -13.85
N GLU F 349 8.98 -23.45 -13.86
CA GLU F 349 8.02 -24.54 -13.79
C GLU F 349 8.14 -25.17 -12.40
N PHE F 350 6.99 -25.37 -11.75
CA PHE F 350 6.95 -25.95 -10.42
C PHE F 350 6.84 -27.46 -10.50
N PHE F 351 7.73 -28.15 -9.78
CA PHE F 351 7.79 -29.60 -9.75
C PHE F 351 7.34 -30.11 -8.39
N TYR F 352 6.74 -31.30 -8.40
CA TYR F 352 6.27 -31.98 -7.20
C TYR F 352 6.75 -33.43 -7.36
N CYS F 353 7.96 -33.69 -6.88
CA CYS F 353 8.58 -34.99 -7.01
C CYS F 353 8.24 -35.95 -5.87
N ASN F 354 8.10 -37.22 -6.21
CA ASN F 354 7.79 -38.30 -5.28
C ASN F 354 9.13 -38.86 -4.81
N THR F 355 9.51 -38.52 -3.57
CA THR F 355 10.77 -38.99 -3.00
C THR F 355 10.66 -40.29 -2.24
N SER F 356 9.71 -41.16 -2.62
CA SER F 356 9.56 -42.44 -1.93
C SER F 356 10.74 -43.36 -2.21
N GLY F 357 11.38 -43.21 -3.37
CA GLY F 357 12.52 -44.05 -3.70
C GLY F 357 13.79 -43.67 -2.97
N LEU F 358 13.92 -42.41 -2.56
CA LEU F 358 15.11 -41.96 -1.85
C LEU F 358 15.15 -42.53 -0.42
N PHE F 359 14.04 -42.41 0.30
CA PHE F 359 13.95 -42.91 1.66
C PHE F 359 13.25 -44.27 1.67
N ASN F 360 13.94 -45.25 1.09
CA ASN F 360 13.46 -46.62 0.99
C ASN F 360 14.57 -47.59 1.37
N SER F 361 15.22 -47.34 2.50
CA SER F 361 16.30 -48.21 2.93
C SER F 361 16.37 -48.28 4.45
N THR F 362 16.98 -49.35 4.94
CA THR F 362 17.18 -49.60 6.36
C THR F 362 18.66 -49.84 6.58
N TRP F 363 19.15 -49.53 7.77
CA TRP F 363 20.56 -49.68 8.09
C TRP F 363 20.73 -50.51 9.35
N ILE F 364 21.61 -51.51 9.29
CA ILE F 364 21.91 -52.40 10.39
C ILE F 364 23.32 -52.12 10.87
N SER F 365 23.50 -52.00 12.19
CA SER F 365 24.82 -51.73 12.78
C SER F 365 25.68 -52.98 12.68
N ASN F 366 26.30 -53.15 11.51
CA ASN F 366 27.16 -54.30 11.26
C ASN F 366 28.55 -54.10 11.87
N ASN F 378 26.75 -44.72 -14.65
CA ASN F 378 26.51 -45.60 -13.51
C ASN F 378 25.01 -45.71 -13.24
N ASP F 379 24.66 -46.44 -12.18
CA ASP F 379 23.26 -46.62 -11.81
C ASP F 379 22.68 -45.33 -11.24
N SER F 380 21.39 -45.13 -11.48
CA SER F 380 20.68 -43.95 -11.01
C SER F 380 19.23 -44.33 -10.73
N ILE F 381 18.59 -43.52 -9.90
CA ILE F 381 17.19 -43.73 -9.52
C ILE F 381 16.36 -42.59 -10.09
N THR F 382 15.19 -42.93 -10.62
CA THR F 382 14.30 -41.95 -11.24
C THR F 382 13.19 -41.58 -10.25
N LEU F 383 12.99 -40.29 -10.07
CA LEU F 383 11.96 -39.77 -9.16
C LEU F 383 10.80 -39.22 -9.98
N PRO F 384 9.61 -39.83 -9.93
CA PRO F 384 8.49 -39.30 -10.72
C PRO F 384 7.95 -37.99 -10.17
N CYS F 385 7.95 -36.95 -11.00
CA CYS F 385 7.47 -35.64 -10.60
C CYS F 385 6.27 -35.21 -11.45
N ARG F 386 5.39 -34.43 -10.83
CA ARG F 386 4.20 -33.90 -11.46
C ARG F 386 4.24 -32.38 -11.40
N ILE F 387 3.83 -31.73 -12.48
CA ILE F 387 3.86 -30.27 -12.59
C ILE F 387 2.47 -29.71 -12.36
N LYS F 388 2.37 -28.73 -11.47
CA LYS F 388 1.13 -28.05 -11.13
C LYS F 388 1.28 -26.58 -11.49
N GLN F 389 0.18 -25.96 -11.93
CA GLN F 389 0.20 -24.55 -12.33
C GLN F 389 -0.38 -23.61 -11.28
N ILE F 390 -1.26 -24.07 -10.41
CA ILE F 390 -1.85 -23.23 -9.37
C ILE F 390 -1.08 -23.52 -8.08
N ILE F 391 -0.35 -22.53 -7.58
CA ILE F 391 0.45 -22.69 -6.38
C ILE F 391 0.13 -21.56 -5.41
N ASN F 392 -0.23 -21.93 -4.17
CA ASN F 392 -0.52 -20.93 -3.14
C ASN F 392 0.79 -20.28 -2.69
N MET F 393 1.87 -21.08 -2.74
CA MET F 393 3.28 -20.81 -2.51
C MET F 393 3.68 -20.55 -1.06
N TRP F 394 2.74 -20.25 -0.16
CA TRP F 394 3.11 -20.00 1.23
C TRP F 394 2.07 -20.57 2.19
N GLN F 395 1.50 -21.72 1.84
CA GLN F 395 0.47 -22.43 2.64
C GLN F 395 -0.75 -21.53 2.89
N ARG F 396 -1.03 -20.63 1.96
CA ARG F 396 -2.16 -19.72 2.09
C ARG F 396 -3.44 -20.39 1.59
N ILE F 397 -4.56 -19.73 1.86
CA ILE F 397 -5.86 -20.23 1.44
C ILE F 397 -6.56 -19.32 0.44
N GLY F 398 -6.07 -18.10 0.23
CA GLY F 398 -6.73 -17.21 -0.71
C GLY F 398 -5.80 -16.36 -1.55
N GLN F 399 -4.51 -16.72 -1.64
CA GLN F 399 -3.54 -15.97 -2.42
C GLN F 399 -2.62 -16.95 -3.16
N CYS F 400 -3.04 -17.35 -4.35
CA CYS F 400 -2.31 -18.26 -5.21
C CYS F 400 -1.66 -17.49 -6.36
N MET F 401 -1.18 -18.25 -7.34
CA MET F 401 -0.55 -17.64 -8.53
C MET F 401 -0.63 -18.67 -9.65
N TYR F 402 -0.56 -18.21 -10.88
CA TYR F 402 -0.59 -19.09 -12.05
C TYR F 402 0.77 -19.01 -12.74
N ALA F 403 1.41 -20.16 -12.89
CA ALA F 403 2.71 -20.21 -13.54
C ALA F 403 2.51 -20.39 -15.04
N PRO F 404 2.96 -19.44 -15.87
CA PRO F 404 2.78 -19.59 -17.31
C PRO F 404 3.69 -20.68 -17.85
N PRO F 405 3.31 -21.33 -18.94
CA PRO F 405 4.16 -22.39 -19.51
C PRO F 405 5.43 -21.83 -20.13
N ILE F 406 6.47 -22.64 -20.12
CA ILE F 406 7.78 -22.28 -20.65
C ILE F 406 7.99 -23.04 -21.96
N GLN F 407 8.39 -22.33 -23.00
CA GLN F 407 8.63 -22.94 -24.30
C GLN F 407 9.89 -23.80 -24.28
N GLY F 408 9.84 -24.89 -25.03
CA GLY F 408 10.97 -25.81 -25.12
C GLY F 408 11.11 -26.67 -23.88
N VAL F 409 12.17 -27.47 -23.88
CA VAL F 409 12.41 -28.34 -22.73
C VAL F 409 12.99 -27.52 -21.58
N ILE F 410 12.99 -28.12 -20.39
CA ILE F 410 13.47 -27.48 -19.18
C ILE F 410 14.46 -28.43 -18.50
N ARG F 411 15.61 -27.89 -18.11
CA ARG F 411 16.64 -28.67 -17.44
C ARG F 411 17.13 -27.94 -16.20
N CYS F 412 17.52 -28.70 -15.18
CA CYS F 412 18.00 -28.14 -13.93
C CYS F 412 19.08 -29.01 -13.33
N VAL F 413 20.12 -28.37 -12.79
CA VAL F 413 21.23 -29.04 -12.13
C VAL F 413 21.36 -28.36 -10.78
N SER F 414 20.96 -29.06 -9.72
CA SER F 414 21.01 -28.50 -8.37
C SER F 414 21.89 -29.33 -7.46
N ASN F 415 22.11 -28.79 -6.26
CA ASN F 415 22.93 -29.42 -5.24
C ASN F 415 22.05 -29.64 -4.01
N ILE F 416 21.68 -30.89 -3.74
CA ILE F 416 20.87 -31.15 -2.55
C ILE F 416 21.86 -31.14 -1.37
N THR F 417 21.88 -30.03 -0.63
CA THR F 417 22.79 -29.88 0.49
C THR F 417 22.19 -30.27 1.83
N GLY F 418 20.91 -30.66 1.88
CA GLY F 418 20.35 -31.02 3.17
C GLY F 418 18.96 -31.57 3.03
N LEU F 419 18.46 -32.11 4.14
CA LEU F 419 17.12 -32.70 4.21
C LEU F 419 16.43 -32.23 5.47
N ILE F 420 15.10 -32.23 5.43
CA ILE F 420 14.29 -31.84 6.58
C ILE F 420 13.57 -33.11 7.03
N LEU F 421 14.18 -33.85 7.95
CA LEU F 421 13.61 -35.09 8.43
C LEU F 421 12.70 -34.87 9.64
N THR F 422 11.82 -35.83 9.86
CA THR F 422 10.88 -35.82 10.97
C THR F 422 10.95 -37.18 11.64
N ARG F 423 11.35 -37.19 12.91
CA ARG F 423 11.46 -38.43 13.66
C ARG F 423 10.09 -38.97 13.99
N ASP F 424 9.86 -40.25 13.69
CA ASP F 424 8.58 -40.91 13.96
C ASP F 424 8.71 -41.62 15.30
N GLY F 425 8.15 -41.00 16.34
CA GLY F 425 8.21 -41.56 17.67
C GLY F 425 7.20 -42.66 17.90
N GLY F 426 7.18 -43.15 19.13
CA GLY F 426 6.29 -44.22 19.55
C GLY F 426 6.96 -45.56 19.74
N SER F 427 8.22 -45.71 19.33
CA SER F 427 8.92 -46.96 19.49
C SER F 427 9.43 -47.12 20.92
N THR F 428 9.96 -48.31 21.22
CA THR F 428 10.47 -48.59 22.55
C THR F 428 11.58 -49.63 22.45
N ASN F 429 12.38 -49.71 23.52
CA ASN F 429 13.51 -50.63 23.67
C ASN F 429 14.57 -50.47 22.58
N SER F 430 14.69 -49.25 22.05
CA SER F 430 15.64 -48.87 20.99
C SER F 430 15.52 -49.78 19.76
N THR F 431 14.30 -49.91 19.28
CA THR F 431 13.99 -50.74 18.12
C THR F 431 13.30 -49.94 17.03
N THR F 432 13.60 -50.30 15.78
CA THR F 432 13.08 -49.74 14.51
C THR F 432 12.88 -48.23 14.53
N GLU F 433 14.00 -47.52 14.70
CA GLU F 433 13.96 -46.05 14.72
C GLU F 433 13.86 -45.56 13.28
N THR F 434 12.68 -45.13 12.87
CA THR F 434 12.44 -44.66 11.51
C THR F 434 12.46 -43.13 11.44
N PHE F 435 12.89 -42.61 10.29
CA PHE F 435 12.96 -41.19 10.03
C PHE F 435 12.31 -40.91 8.69
N ARG F 436 11.29 -40.05 8.69
CA ARG F 436 10.56 -39.69 7.49
C ARG F 436 10.80 -38.23 7.13
N PRO F 437 10.86 -37.90 5.84
CA PRO F 437 11.07 -36.49 5.46
C PRO F 437 9.82 -35.67 5.74
N GLY F 438 10.04 -34.42 6.13
CA GLY F 438 8.93 -33.55 6.44
C GLY F 438 9.05 -32.17 5.85
N GLY F 439 8.96 -31.16 6.69
CA GLY F 439 9.05 -29.78 6.24
C GLY F 439 7.72 -29.07 6.35
N GLY F 440 7.55 -28.28 7.42
CA GLY F 440 6.32 -27.56 7.64
C GLY F 440 6.44 -26.14 7.13
N ASP F 441 6.70 -25.19 8.03
CA ASP F 441 6.86 -23.80 7.64
C ASP F 441 8.11 -23.64 6.78
N MET F 442 8.07 -22.65 5.89
CA MET F 442 9.20 -22.40 5.00
C MET F 442 10.40 -21.79 5.72
N ARG F 443 10.23 -21.38 6.97
CA ARG F 443 11.34 -20.79 7.74
C ARG F 443 12.43 -21.82 8.04
N ASP F 444 12.08 -23.11 8.04
CA ASP F 444 13.06 -24.15 8.31
C ASP F 444 14.07 -24.28 7.17
N ASN F 445 13.69 -23.85 5.97
CA ASN F 445 14.60 -23.92 4.82
C ASN F 445 15.73 -22.91 4.97
N TRP F 446 15.43 -21.74 5.52
CA TRP F 446 16.43 -20.69 5.71
C TRP F 446 17.16 -20.79 7.04
N ARG F 447 16.71 -21.67 7.95
CA ARG F 447 17.38 -21.81 9.23
C ARG F 447 18.72 -22.52 9.07
N SER F 448 18.86 -23.33 8.02
CA SER F 448 20.12 -24.03 7.78
C SER F 448 21.15 -23.13 7.12
N GLU F 449 20.73 -21.97 6.60
CA GLU F 449 21.62 -21.01 5.96
C GLU F 449 22.08 -19.92 6.90
N LEU F 450 21.20 -19.47 7.80
CA LEU F 450 21.52 -18.45 8.79
C LEU F 450 21.93 -19.04 10.13
N TYR F 451 22.56 -20.22 10.11
CA TYR F 451 22.97 -20.87 11.34
C TYR F 451 24.18 -20.22 12.01
N LYS F 452 24.99 -19.47 11.25
CA LYS F 452 26.15 -18.83 11.83
C LYS F 452 25.94 -17.38 12.23
N TYR F 453 24.85 -16.75 11.79
CA TYR F 453 24.61 -15.35 12.09
C TYR F 453 23.63 -15.14 13.25
N LYS F 454 23.86 -14.03 13.96
CA LYS F 454 23.05 -13.61 15.09
C LYS F 454 23.25 -12.12 15.27
N VAL F 455 22.17 -11.34 15.16
CA VAL F 455 22.25 -9.90 15.31
C VAL F 455 22.32 -9.54 16.79
N VAL F 456 23.12 -8.53 17.11
CA VAL F 456 23.31 -8.06 18.49
C VAL F 456 23.29 -6.54 18.49
N LYS F 457 22.81 -5.96 19.57
CA LYS F 457 22.76 -4.51 19.75
C LYS F 457 23.95 -4.10 20.59
N ILE F 458 24.78 -3.22 20.06
CA ILE F 458 25.97 -2.78 20.80
C ILE F 458 25.62 -1.61 21.71
N GLU F 459 26.27 -1.59 22.87
CA GLU F 459 26.09 -0.56 23.88
C GLU F 459 27.42 0.16 24.05
N PRO F 460 27.64 1.30 23.39
CA PRO F 460 28.93 2.00 23.52
C PRO F 460 29.13 2.73 24.84
N LEU F 461 28.14 2.78 25.71
CA LEU F 461 28.28 3.47 27.00
C LEU F 461 28.62 2.48 28.10
N GLY F 462 29.57 2.84 28.95
CA GLY F 462 29.98 1.99 30.05
C GLY F 462 30.74 2.72 31.13
N VAL F 463 30.57 2.28 32.38
CA VAL F 463 31.24 2.90 33.52
C VAL F 463 32.28 1.92 34.08
N ALA F 464 33.28 2.47 34.78
CA ALA F 464 34.38 1.71 35.37
C ALA F 464 35.08 2.59 36.40
N PRO F 465 35.84 2.02 37.35
CA PRO F 465 36.55 2.85 38.32
C PRO F 465 38.00 3.13 37.90
N THR F 466 38.45 4.35 38.20
CA THR F 466 39.81 4.80 37.91
C THR F 466 40.13 5.96 38.85
N ARG F 467 41.41 6.12 39.16
CA ARG F 467 41.86 7.17 40.07
C ARG F 467 41.90 8.54 39.37
N CYS F 468 40.71 9.12 39.24
CA CYS F 468 40.49 10.43 38.64
C CYS F 468 39.54 11.26 39.47
N LYS F 469 39.37 12.51 39.05
CA LYS F 469 38.46 13.47 39.66
C LYS F 469 38.37 14.66 38.72
N ARG F 470 37.20 15.30 38.70
CA ARG F 470 37.03 16.46 37.83
C ARG F 470 37.75 17.64 38.46
N ARG F 471 38.66 18.24 37.70
CA ARG F 471 39.44 19.37 38.21
C ARG F 471 38.57 20.61 38.32
N VAL F 472 38.65 21.27 39.47
CA VAL F 472 37.87 22.48 39.72
C VAL F 472 38.59 23.65 39.06
N VAL F 473 37.94 24.24 38.06
CA VAL F 473 38.53 25.38 37.35
C VAL F 473 37.80 26.67 37.72
N VAL G 1 25.72 38.50 9.83
CA VAL G 1 24.64 37.93 9.04
C VAL G 1 24.22 38.89 7.93
N PHE G 2 24.92 40.03 7.85
CA PHE G 2 24.60 41.01 6.82
C PHE G 2 25.02 40.54 5.43
N LEU G 3 26.02 39.65 5.35
CA LEU G 3 26.46 39.16 4.05
C LEU G 3 25.50 38.11 3.50
N GLY G 4 24.77 37.41 4.36
CA GLY G 4 23.84 36.39 3.92
C GLY G 4 24.46 35.03 3.84
N PHE G 5 23.63 34.06 3.45
CA PHE G 5 24.08 32.68 3.30
C PHE G 5 24.98 32.55 2.09
N LEU G 6 26.17 31.99 2.29
CA LEU G 6 27.20 31.77 1.28
C LEU G 6 27.65 33.06 0.60
N GLY G 7 27.48 34.21 1.26
CA GLY G 7 27.88 35.47 0.66
C GLY G 7 29.38 35.65 0.59
N ALA G 8 30.13 34.98 1.46
CA ALA G 8 31.58 35.06 1.48
C ALA G 8 32.24 33.92 0.73
N ALA G 9 31.56 33.37 -0.28
CA ALA G 9 32.14 32.26 -1.05
C ALA G 9 33.29 32.74 -1.92
N GLY G 10 33.11 33.84 -2.63
CA GLY G 10 34.16 34.37 -3.46
C GLY G 10 35.18 35.21 -2.74
N SER G 11 34.95 35.50 -1.47
CA SER G 11 35.87 36.30 -0.69
C SER G 11 37.05 35.44 -0.24
N THR G 12 38.04 36.10 0.36
CA THR G 12 39.23 35.42 0.86
C THR G 12 38.88 34.60 2.10
N MET G 13 39.75 33.63 2.41
CA MET G 13 39.52 32.79 3.59
C MET G 13 39.70 33.55 4.89
N GLY G 14 40.48 34.63 4.86
CA GLY G 14 40.67 35.43 6.06
C GLY G 14 39.40 36.18 6.45
N ALA G 15 38.66 36.66 5.45
CA ALA G 15 37.42 37.39 5.69
C ALA G 15 36.23 36.46 5.83
N ALA G 16 36.29 35.27 5.23
CA ALA G 16 35.19 34.32 5.31
C ALA G 16 35.22 33.48 6.58
N SER G 17 36.34 33.49 7.32
CA SER G 17 36.43 32.71 8.55
C SER G 17 35.69 33.35 9.71
N MET G 18 35.29 34.62 9.59
CA MET G 18 34.56 35.31 10.64
C MET G 18 33.06 35.31 10.41
N THR G 19 32.58 34.58 9.41
CA THR G 19 31.16 34.50 9.09
C THR G 19 30.76 33.06 8.83
N LEU G 20 31.26 32.13 9.64
CA LEU G 20 30.93 30.72 9.49
C LEU G 20 29.67 30.32 10.24
N THR G 21 29.04 31.25 10.96
CA THR G 21 27.84 30.91 11.71
C THR G 21 26.61 30.76 10.81
N VAL G 22 26.55 31.52 9.72
CA VAL G 22 25.40 31.44 8.83
C VAL G 22 25.38 30.10 8.08
N GLN G 23 26.55 29.62 7.65
CA GLN G 23 26.63 28.34 6.95
C GLN G 23 26.27 27.19 7.87
N ALA G 24 26.74 27.23 9.12
CA ALA G 24 26.41 26.19 10.08
C ALA G 24 24.95 26.27 10.51
N ARG G 25 24.39 27.48 10.54
CA ARG G 25 22.99 27.64 10.92
C ARG G 25 22.06 27.18 9.81
N ASN G 26 22.51 27.22 8.56
CA ASN G 26 21.70 26.80 7.43
C ASN G 26 21.79 25.30 7.16
N LEU G 27 22.53 24.55 7.98
CA LEU G 27 22.66 23.11 7.76
C LEU G 27 21.45 22.33 8.26
N LEU G 28 20.55 22.96 9.01
CA LEU G 28 19.36 22.30 9.54
C LEU G 28 18.06 22.91 9.02
N SER G 29 18.03 24.25 8.90
CA SER G 29 16.87 25.02 8.42
C SER G 29 15.58 24.73 9.19
N THR G 52 2.23 9.03 1.39
CA THR G 52 2.37 9.14 -0.05
C THR G 52 3.85 9.10 -0.45
N VAL G 53 4.08 9.02 -1.76
CA VAL G 53 5.46 8.99 -2.26
C VAL G 53 6.14 10.33 -2.04
N TRP G 54 5.40 11.43 -2.11
CA TRP G 54 5.98 12.75 -1.87
C TRP G 54 6.34 12.90 -0.40
N GLY G 55 5.48 12.39 0.49
CA GLY G 55 5.78 12.46 1.91
C GLY G 55 6.96 11.59 2.28
N ILE G 56 7.07 10.41 1.66
CA ILE G 56 8.20 9.53 1.98
C ILE G 56 9.51 10.09 1.41
N LYS G 57 9.46 10.77 0.25
CA LYS G 57 10.71 11.34 -0.26
C LYS G 57 11.11 12.57 0.54
N GLN G 58 10.12 13.31 1.05
CA GLN G 58 10.43 14.46 1.90
C GLN G 58 11.03 14.00 3.21
N LEU G 59 10.49 12.91 3.76
CA LEU G 59 11.04 12.35 5.00
C LEU G 59 12.44 11.82 4.77
N GLN G 60 12.68 11.21 3.61
CA GLN G 60 14.02 10.72 3.27
C GLN G 60 15.00 11.87 3.15
N ALA G 61 14.57 13.00 2.56
CA ALA G 61 15.43 14.16 2.44
C ALA G 61 15.77 14.75 3.80
N ARG G 62 14.78 14.84 4.69
CA ARG G 62 15.03 15.36 6.03
C ARG G 62 15.97 14.46 6.81
N VAL G 63 15.77 13.14 6.71
CA VAL G 63 16.63 12.17 7.39
C VAL G 63 18.04 12.22 6.81
N LEU G 64 18.16 12.42 5.49
CA LEU G 64 19.48 12.52 4.86
C LEU G 64 20.21 13.77 5.36
N ALA G 65 19.47 14.88 5.52
CA ALA G 65 20.09 16.10 6.03
C ALA G 65 20.55 15.91 7.47
N VAL G 66 19.74 15.22 8.28
CA VAL G 66 20.09 14.95 9.67
C VAL G 66 21.34 14.07 9.75
N GLU G 67 21.39 13.01 8.94
CA GLU G 67 22.55 12.12 8.93
C GLU G 67 23.79 12.83 8.40
N ARG G 68 23.62 13.74 7.44
CA ARG G 68 24.77 14.46 6.91
C ARG G 68 25.29 15.43 7.96
N TYR G 69 24.40 15.97 8.79
CA TYR G 69 24.85 16.88 9.84
C TYR G 69 25.54 16.09 10.97
N LEU G 70 25.01 14.92 11.31
CA LEU G 70 25.63 14.12 12.37
C LEU G 70 26.96 13.53 11.95
N ARG G 71 27.15 13.29 10.66
CA ARG G 71 28.41 12.74 10.18
C ARG G 71 29.55 13.74 10.36
N ASP G 72 29.28 15.00 10.08
CA ASP G 72 30.29 16.03 10.24
C ASP G 72 30.44 16.40 11.71
N GLN G 73 29.33 16.43 12.46
CA GLN G 73 29.36 16.79 13.87
C GLN G 73 30.12 15.76 14.69
N GLN G 74 29.90 14.46 14.44
CA GLN G 74 30.64 13.46 15.21
C GLN G 74 32.09 13.40 14.78
N LEU G 75 32.38 13.70 13.51
CA LEU G 75 33.77 13.71 13.04
C LEU G 75 34.52 14.88 13.65
N LEU G 76 33.81 15.98 13.92
CA LEU G 76 34.43 17.12 14.56
C LEU G 76 34.44 16.95 16.07
N GLY G 77 33.55 16.09 16.58
CA GLY G 77 33.49 15.87 18.02
C GLY G 77 34.50 14.86 18.52
N ILE G 78 34.94 13.94 17.64
CA ILE G 78 35.95 12.97 18.08
C ILE G 78 37.29 13.66 18.24
N TRP G 79 37.46 14.82 17.60
CA TRP G 79 38.67 15.61 17.71
C TRP G 79 38.51 16.52 18.93
N GLY G 80 39.41 17.49 19.10
CA GLY G 80 39.31 18.39 20.23
C GLY G 80 38.55 19.66 19.87
N CYS G 81 37.66 19.54 18.89
CA CYS G 81 36.85 20.66 18.39
C CYS G 81 35.38 20.28 18.40
N SER G 82 34.90 19.78 19.53
CA SER G 82 33.50 19.34 19.65
C SER G 82 32.52 20.50 19.52
N GLY G 83 32.75 21.58 20.26
CA GLY G 83 31.83 22.70 20.20
C GLY G 83 32.46 24.03 19.82
N LYS G 84 33.44 24.01 18.92
CA LYS G 84 34.12 25.22 18.49
C LYS G 84 34.13 25.28 16.97
N LEU G 85 33.79 26.44 16.41
CA LEU G 85 33.78 26.60 14.97
C LEU G 85 35.20 26.73 14.44
N ILE G 86 36.01 27.57 15.08
CA ILE G 86 37.41 27.79 14.73
C ILE G 86 38.23 27.16 15.84
N CYS G 87 38.65 25.92 15.63
CA CYS G 87 39.42 25.18 16.62
C CYS G 87 40.69 24.63 15.99
N CYS G 88 41.80 24.76 16.73
CA CYS G 88 43.12 24.33 16.29
C CYS G 88 43.41 22.92 16.82
N THR G 89 44.42 22.29 16.23
CA THR G 89 44.82 20.94 16.59
C THR G 89 46.33 20.88 16.80
N ASN G 90 46.77 19.82 17.46
CA ASN G 90 48.19 19.62 17.75
C ASN G 90 48.81 18.65 16.74
N VAL G 91 48.83 19.07 15.48
CA VAL G 91 49.41 18.29 14.40
C VAL G 91 50.26 19.24 13.55
N PRO G 92 51.54 18.93 13.32
CA PRO G 92 52.35 19.82 12.49
C PRO G 92 51.93 19.74 11.03
N TRP G 93 51.77 20.90 10.41
CA TRP G 93 51.35 20.98 9.03
C TRP G 93 52.49 20.54 8.12
N ASN G 94 52.21 19.56 7.26
CA ASN G 94 53.21 19.04 6.33
C ASN G 94 53.45 20.10 5.26
N SER G 95 54.72 20.43 5.02
CA SER G 95 55.06 21.45 4.02
C SER G 95 54.75 21.01 2.59
N SER G 96 54.75 19.70 2.34
CA SER G 96 54.48 19.20 0.99
C SER G 96 53.02 19.35 0.58
N TRP G 97 52.12 19.61 1.53
CA TRP G 97 50.71 19.74 1.18
C TRP G 97 50.43 21.07 0.47
N SER G 98 51.02 22.16 0.95
CA SER G 98 50.80 23.48 0.40
C SER G 98 51.99 23.99 -0.42
N ASN G 99 53.21 23.87 0.11
CA ASN G 99 54.48 24.28 -0.49
C ASN G 99 54.55 25.78 -0.81
N ARG G 100 53.78 26.63 -0.13
CA ARG G 100 53.82 28.07 -0.37
C ARG G 100 53.79 28.81 0.96
N ASN G 101 53.71 30.14 0.86
CA ASN G 101 53.69 30.99 2.04
C ASN G 101 52.32 30.94 2.73
N LEU G 102 52.24 31.67 3.84
CA LEU G 102 51.02 31.77 4.64
C LEU G 102 50.22 33.03 4.37
N SER G 103 50.91 34.13 4.06
CA SER G 103 50.23 35.40 3.79
C SER G 103 49.39 35.32 2.52
N GLU G 104 49.87 34.58 1.51
CA GLU G 104 49.14 34.47 0.26
C GLU G 104 47.94 33.53 0.35
N ILE G 105 47.82 32.77 1.44
CA ILE G 105 46.70 31.84 1.58
C ILE G 105 45.49 32.55 2.17
N TRP G 106 45.70 33.33 3.23
CA TRP G 106 44.62 34.03 3.91
C TRP G 106 44.31 35.42 3.37
N ASP G 107 44.97 35.86 2.29
CA ASP G 107 44.71 37.20 1.76
C ASP G 107 44.23 37.27 0.31
N ASN G 108 44.44 36.24 -0.51
CA ASN G 108 43.97 36.32 -1.90
C ASN G 108 43.26 35.06 -2.36
N MET G 109 43.55 33.93 -1.73
CA MET G 109 42.96 32.65 -2.06
C MET G 109 41.59 32.53 -1.39
N THR G 110 40.67 31.83 -2.06
CA THR G 110 39.32 31.62 -1.55
C THR G 110 39.18 30.20 -1.00
N TRP G 111 38.08 29.97 -0.28
CA TRP G 111 37.83 28.65 0.29
C TRP G 111 37.47 27.62 -0.77
N LEU G 112 36.90 28.06 -1.89
CA LEU G 112 36.51 27.12 -2.94
C LEU G 112 37.72 26.56 -3.67
N GLN G 113 38.69 27.41 -4.02
CA GLN G 113 39.87 26.93 -4.72
C GLN G 113 40.85 26.21 -3.80
N TRP G 114 40.73 26.43 -2.48
CA TRP G 114 41.61 25.77 -1.53
C TRP G 114 41.24 24.30 -1.36
N ASP G 115 39.93 24.00 -1.45
CA ASP G 115 39.46 22.63 -1.31
C ASP G 115 39.98 21.76 -2.45
N LYS G 116 40.13 22.33 -3.64
CA LYS G 116 40.67 21.57 -4.78
C LYS G 116 42.12 21.18 -4.54
N GLU G 117 42.84 21.94 -3.71
CA GLU G 117 44.23 21.63 -3.40
C GLU G 117 44.35 20.70 -2.20
N ILE G 118 43.36 20.64 -1.33
CA ILE G 118 43.44 19.78 -0.14
C ILE G 118 42.55 18.53 -0.23
N SER G 119 41.63 18.44 -1.21
CA SER G 119 40.78 17.25 -1.30
C SER G 119 41.54 16.00 -1.72
N ASN G 120 42.77 16.16 -2.23
CA ASN G 120 43.54 15.00 -2.67
C ASN G 120 44.08 14.19 -1.49
N TYR G 121 44.25 14.84 -0.32
CA TYR G 121 44.80 14.18 0.91
C TYR G 121 44.08 14.64 2.22
N THR G 122 42.86 15.17 2.04
CA THR G 122 42.09 15.62 3.21
C THR G 122 41.80 14.42 4.11
N GLN G 123 41.66 13.24 3.52
CA GLN G 123 41.33 12.02 4.31
C GLN G 123 42.49 11.73 5.27
N ILE G 124 43.72 11.80 4.77
CA ILE G 124 44.92 11.60 5.64
C ILE G 124 44.94 12.71 6.71
N ILE G 125 44.64 13.96 6.33
CA ILE G 125 44.68 14.99 7.43
C ILE G 125 43.65 14.60 8.52
N TYR G 126 42.46 14.17 8.11
CA TYR G 126 41.39 13.83 9.09
C TYR G 126 41.83 12.67 9.96
N GLY G 127 42.48 11.67 9.35
CA GLY G 127 42.98 10.51 10.11
C GLY G 127 43.99 10.96 11.15
N LEU G 128 44.91 11.85 10.76
CA LEU G 128 45.87 12.40 11.76
C LEU G 128 45.10 13.08 12.90
N LEU G 129 44.12 13.93 12.59
CA LEU G 129 43.43 14.68 13.68
C LEU G 129 42.80 13.74 14.72
N GLU G 130 42.62 12.45 14.42
CA GLU G 130 42.04 11.43 15.30
C GLU G 130 43.09 10.83 16.23
N GLU G 131 44.26 10.46 15.68
CA GLU G 131 45.30 9.88 16.53
C GLU G 131 45.88 10.92 17.48
N SER G 132 45.95 12.19 17.06
CA SER G 132 46.46 13.24 17.93
C SER G 132 45.53 13.47 19.10
N GLN G 133 44.21 13.45 18.85
CA GLN G 133 43.27 13.62 19.95
C GLN G 133 43.30 12.42 20.88
N ASN G 134 43.51 11.22 20.32
CA ASN G 134 43.59 10.02 21.16
C ASN G 134 44.82 10.07 22.07
N GLN G 135 45.98 10.47 21.52
CA GLN G 135 47.17 10.54 22.35
C GLN G 135 47.08 11.68 23.36
N GLN G 136 46.47 12.81 23.00
CA GLN G 136 46.32 13.90 23.95
C GLN G 136 45.35 13.52 25.07
N GLU G 137 44.30 12.77 24.74
CA GLU G 137 43.35 12.36 25.75
C GLU G 137 43.94 11.32 26.69
N LYS G 138 44.76 10.39 26.19
CA LYS G 138 45.36 9.43 27.11
C LYS G 138 46.41 10.12 27.98
N ASN G 139 47.06 11.16 27.43
CA ASN G 139 48.03 11.92 28.23
C ASN G 139 47.31 12.65 29.35
N GLU G 140 46.14 13.23 29.06
CA GLU G 140 45.36 13.91 30.09
C GLU G 140 44.84 12.92 31.13
N GLN G 141 44.44 11.72 30.68
CA GLN G 141 43.95 10.68 31.59
C GLN G 141 45.05 10.24 32.54
N ASP G 142 46.27 10.08 32.03
CA ASP G 142 47.39 9.70 32.88
C ASP G 142 47.82 10.87 33.77
N LEU G 143 47.57 12.10 33.33
CA LEU G 143 47.94 13.27 34.12
C LEU G 143 47.03 13.41 35.34
N LEU G 144 45.72 13.22 35.15
CA LEU G 144 44.77 13.33 36.25
C LEU G 144 44.84 12.05 37.08
N ALA G 145 45.83 12.00 37.97
CA ALA G 145 46.03 10.82 38.81
C ALA G 145 46.35 11.09 40.27
N LEU G 146 46.70 12.32 40.66
CA LEU G 146 47.03 12.59 42.06
C LEU G 146 46.34 13.80 42.68
N ASP G 147 45.87 14.77 41.90
CA ASP G 147 45.21 15.93 42.48
C ASP G 147 43.72 15.68 42.67
N PHE H 2 45.54 -1.85 14.24
CA PHE H 2 44.10 -1.61 13.97
C PHE H 2 43.36 -2.94 13.92
N LEU H 3 42.80 -3.36 15.05
CA LEU H 3 42.06 -4.65 15.10
C LEU H 3 40.82 -4.55 14.19
N GLY H 4 40.24 -3.36 14.07
CA GLY H 4 39.05 -3.17 13.21
C GLY H 4 37.81 -2.96 14.04
N PHE H 5 36.67 -2.68 13.40
CA PHE H 5 35.43 -2.39 14.17
C PHE H 5 35.14 -3.54 15.12
N LEU H 6 34.79 -3.18 16.36
CA LEU H 6 34.42 -4.20 17.36
C LEU H 6 35.46 -5.32 17.49
N GLY H 7 36.69 -5.10 17.04
CA GLY H 7 37.72 -6.12 17.11
C GLY H 7 38.42 -6.25 18.44
N ALA H 8 38.25 -5.28 19.34
CA ALA H 8 38.89 -5.31 20.65
C ALA H 8 37.95 -5.80 21.74
N ALA H 9 36.91 -6.56 21.38
CA ALA H 9 35.97 -7.05 22.38
C ALA H 9 36.59 -8.14 23.24
N GLY H 10 37.39 -9.02 22.63
CA GLY H 10 38.04 -10.08 23.38
C GLY H 10 39.27 -9.66 24.16
N SER H 11 39.81 -8.49 23.87
CA SER H 11 41.00 -8.01 24.56
C SER H 11 40.63 -7.45 25.94
N THR H 12 41.65 -7.10 26.70
CA THR H 12 41.44 -6.55 28.03
C THR H 12 40.96 -5.11 27.95
N MET H 13 40.65 -4.54 29.12
CA MET H 13 40.16 -3.17 29.18
C MET H 13 41.25 -2.18 28.76
N GLY H 14 42.50 -2.47 29.11
CA GLY H 14 43.59 -1.57 28.76
C GLY H 14 43.84 -1.48 27.27
N ALA H 15 43.68 -2.60 26.55
CA ALA H 15 43.89 -2.58 25.12
C ALA H 15 42.62 -2.17 24.37
N ALA H 16 41.45 -2.45 24.95
CA ALA H 16 40.19 -2.08 24.31
C ALA H 16 39.88 -0.60 24.47
N SER H 17 40.38 0.02 25.54
CA SER H 17 40.10 1.44 25.76
C SER H 17 40.92 2.35 24.85
N MET H 18 41.92 1.81 24.15
CA MET H 18 42.74 2.63 23.28
C MET H 18 42.17 2.73 21.86
N THR H 19 41.50 1.68 21.38
CA THR H 19 40.93 1.65 20.04
C THR H 19 39.41 1.65 20.05
N LEU H 20 38.78 2.44 20.93
CA LEU H 20 37.34 2.48 20.97
C LEU H 20 36.75 3.53 20.02
N THR H 21 37.59 4.39 19.44
CA THR H 21 37.08 5.42 18.54
C THR H 21 36.58 4.82 17.23
N VAL H 22 37.10 3.64 16.86
CA VAL H 22 36.68 2.98 15.63
C VAL H 22 35.25 2.45 15.78
N GLN H 23 34.81 2.25 17.03
CA GLN H 23 33.46 1.80 17.30
C GLN H 23 32.54 2.99 17.52
N ALA H 24 33.10 4.11 17.98
CA ALA H 24 32.30 5.31 18.20
C ALA H 24 31.97 5.97 16.88
N ARG H 25 32.89 5.95 15.92
CA ARG H 25 32.62 6.56 14.63
C ARG H 25 31.80 5.66 13.72
N ASN H 26 31.57 4.40 14.12
CA ASN H 26 30.80 3.45 13.34
C ASN H 26 29.34 3.39 13.77
N LEU H 27 28.92 4.29 14.66
CA LEU H 27 27.55 4.34 15.14
C LEU H 27 26.62 5.16 14.25
N LEU H 28 27.12 5.71 13.16
CA LEU H 28 26.30 6.49 12.26
C LEU H 28 26.13 5.81 10.91
N THR H 52 7.80 0.59 -1.96
CA THR H 52 8.67 -0.57 -1.78
C THR H 52 8.92 -0.87 -0.30
N VAL H 53 9.15 -2.14 0.00
CA VAL H 53 9.39 -2.55 1.38
C VAL H 53 10.75 -2.04 1.86
N TRP H 54 11.74 -2.04 0.96
CA TRP H 54 13.08 -1.57 1.30
C TRP H 54 13.13 -0.10 1.67
N GLY H 55 12.33 0.75 1.02
CA GLY H 55 12.34 2.16 1.35
C GLY H 55 11.86 2.46 2.75
N ILE H 56 10.70 1.93 3.13
CA ILE H 56 10.17 2.16 4.47
C ILE H 56 11.02 1.46 5.53
N LYS H 57 11.54 0.26 5.22
CA LYS H 57 12.38 -0.45 6.16
C LYS H 57 13.68 0.30 6.41
N GLN H 58 14.30 0.81 5.33
CA GLN H 58 15.53 1.57 5.43
C GLN H 58 15.31 2.87 6.18
N LEU H 59 14.20 3.56 5.91
CA LEU H 59 13.90 4.81 6.60
C LEU H 59 13.68 4.60 8.08
N GLN H 60 12.94 3.55 8.45
CA GLN H 60 12.68 3.28 9.87
C GLN H 60 13.97 2.87 10.58
N ALA H 61 14.81 2.05 9.94
CA ALA H 61 16.06 1.64 10.55
C ALA H 61 17.01 2.82 10.72
N ARG H 62 17.06 3.71 9.72
CA ARG H 62 17.93 4.89 9.80
C ARG H 62 17.46 5.83 10.91
N VAL H 63 16.14 6.01 11.04
CA VAL H 63 15.59 6.88 12.08
C VAL H 63 15.89 6.28 13.45
N LEU H 64 15.73 4.97 13.60
CA LEU H 64 16.00 4.31 14.87
C LEU H 64 17.48 4.42 15.24
N ALA H 65 18.37 4.27 14.26
CA ALA H 65 19.81 4.38 14.52
C ALA H 65 20.19 5.81 14.92
N VAL H 66 19.60 6.80 14.25
CA VAL H 66 19.90 8.20 14.56
C VAL H 66 19.42 8.55 15.97
N GLU H 67 18.19 8.14 16.31
CA GLU H 67 17.68 8.44 17.64
C GLU H 67 18.42 7.63 18.71
N ARG H 68 18.91 6.44 18.37
CA ARG H 68 19.65 5.63 19.33
C ARG H 68 21.01 6.26 19.61
N TYR H 69 21.60 6.94 18.63
CA TYR H 69 22.91 7.62 18.86
C TYR H 69 22.72 8.88 19.70
N LEU H 70 21.81 9.76 19.27
CA LEU H 70 21.63 11.06 19.97
C LEU H 70 21.28 10.82 21.45
N ARG H 71 20.53 9.75 21.75
CA ARG H 71 20.10 9.55 23.15
C ARG H 71 21.35 9.38 24.01
N ASP H 72 22.23 8.45 23.61
CA ASP H 72 23.49 8.22 24.36
C ASP H 72 24.30 9.51 24.38
N GLN H 73 24.37 10.20 23.25
CA GLN H 73 25.22 11.42 23.20
C GLN H 73 24.72 12.41 24.26
N GLN H 74 23.40 12.53 24.42
CA GLN H 74 22.80 13.48 25.40
C GLN H 74 23.04 12.99 26.82
N LEU H 75 22.81 11.70 27.08
CA LEU H 75 23.11 11.17 28.43
C LEU H 75 24.55 11.55 28.76
N LEU H 76 25.41 11.55 27.75
CA LEU H 76 26.82 11.95 27.97
C LEU H 76 26.86 13.48 27.99
N GLY H 77 26.14 14.12 27.05
CA GLY H 77 26.29 15.57 27.04
C GLY H 77 25.69 16.23 28.25
N ILE H 78 24.79 15.52 28.94
CA ILE H 78 24.18 16.06 30.16
C ILE H 78 25.26 16.22 31.22
N TRP H 79 26.21 15.29 31.27
CA TRP H 79 27.33 15.34 32.19
C TRP H 79 28.37 16.31 31.64
N GLY H 80 29.56 16.34 32.25
CA GLY H 80 30.61 17.21 31.78
C GLY H 80 31.50 16.57 30.73
N CYS H 81 30.93 15.68 29.93
CA CYS H 81 31.64 14.96 28.88
C CYS H 81 30.86 15.02 27.58
N SER H 82 30.47 16.23 27.18
CA SER H 82 29.69 16.41 25.96
C SER H 82 30.50 16.02 24.72
N GLY H 83 31.76 16.41 24.66
CA GLY H 83 32.59 16.07 23.53
C GLY H 83 33.86 15.36 23.94
N LYS H 84 33.76 14.53 24.98
CA LYS H 84 34.89 13.78 25.50
C LYS H 84 34.48 12.31 25.60
N LEU H 85 35.01 11.49 24.70
CA LEU H 85 34.69 10.07 24.73
C LEU H 85 35.45 9.34 25.83
N ILE H 86 36.50 9.96 26.37
CA ILE H 86 37.30 9.41 27.47
C ILE H 86 37.35 10.49 28.52
N CYS H 87 36.53 10.35 29.56
CA CYS H 87 36.51 11.36 30.62
C CYS H 87 36.35 10.66 31.96
N CYS H 88 36.85 11.32 33.01
CA CYS H 88 36.74 10.79 34.36
C CYS H 88 36.20 11.88 35.28
N THR H 89 35.01 11.63 35.83
CA THR H 89 34.33 12.58 36.70
C THR H 89 34.78 12.44 38.16
N ASN H 90 34.09 13.17 39.03
CA ASN H 90 34.39 13.21 40.45
C ASN H 90 33.33 12.53 41.33
N VAL H 91 32.62 11.54 40.82
CA VAL H 91 31.61 10.85 41.62
C VAL H 91 32.30 9.71 42.38
N PRO H 92 32.02 9.53 43.68
CA PRO H 92 32.67 8.44 44.42
C PRO H 92 32.23 7.07 43.94
N TRP H 93 33.25 6.24 43.67
CA TRP H 93 32.96 4.85 43.22
C TRP H 93 32.53 4.02 44.42
N ASN H 94 31.24 3.77 44.54
CA ASN H 94 30.74 2.91 45.64
C ASN H 94 31.38 1.53 45.49
N SER H 95 32.08 1.07 46.53
CA SER H 95 32.70 -0.29 46.48
C SER H 95 31.60 -1.32 46.29
N SER H 96 30.44 -1.10 46.92
CA SER H 96 29.30 -2.06 46.82
C SER H 96 29.06 -2.41 45.35
N TRP H 97 29.25 -1.44 44.45
CA TRP H 97 28.99 -1.68 43.01
C TRP H 97 29.79 -2.88 42.51
N SER H 98 31.10 -2.93 42.82
CA SER H 98 31.96 -4.01 42.28
C SER H 98 32.65 -4.79 43.41
N ASN H 99 33.14 -4.08 44.43
CA ASN H 99 33.90 -4.76 45.52
C ASN H 99 35.05 -5.54 44.90
N ARG H 100 35.71 -4.96 43.90
CA ARG H 100 36.79 -5.69 43.19
C ARG H 100 38.02 -4.78 43.07
N ASN H 101 39.20 -5.30 43.43
CA ASN H 101 40.44 -4.54 43.31
C ASN H 101 40.59 -3.97 41.89
N LEU H 102 41.32 -2.86 41.79
CA LEU H 102 41.53 -2.13 40.54
C LEU H 102 42.58 -2.71 39.60
N SER H 103 43.66 -3.30 40.11
CA SER H 103 44.72 -3.82 39.24
C SER H 103 44.25 -4.98 38.37
N GLU H 104 43.45 -5.88 38.91
CA GLU H 104 42.99 -7.02 38.12
C GLU H 104 41.81 -6.66 37.21
N ILE H 105 41.15 -5.53 37.46
CA ILE H 105 40.01 -5.12 36.64
C ILE H 105 40.47 -4.74 35.24
N TRP H 106 41.53 -3.92 35.14
CA TRP H 106 42.01 -3.47 33.84
C TRP H 106 42.76 -4.55 33.08
N ASP H 107 43.53 -5.40 33.75
CA ASP H 107 44.27 -6.45 33.08
C ASP H 107 44.57 -7.60 34.03
N MET H 109 39.88 -8.39 33.40
CA MET H 109 38.85 -8.99 32.56
C MET H 109 38.58 -8.17 31.32
N THR H 110 37.51 -8.52 30.61
CA THR H 110 37.09 -7.83 29.41
C THR H 110 35.82 -7.04 29.68
N TRP H 111 35.45 -6.18 28.72
CA TRP H 111 34.24 -5.39 28.88
C TRP H 111 32.99 -6.26 28.86
N LEU H 112 33.02 -7.35 28.08
CA LEU H 112 31.89 -8.27 28.03
C LEU H 112 31.72 -8.97 29.36
N GLN H 113 32.84 -9.36 29.99
CA GLN H 113 32.79 -10.04 31.28
C GLN H 113 32.52 -9.07 32.42
N TRP H 114 32.71 -7.77 32.20
CA TRP H 114 32.49 -6.77 33.23
C TRP H 114 31.11 -6.13 33.18
N ASP H 115 30.47 -6.09 32.00
CA ASP H 115 29.15 -5.47 31.89
C ASP H 115 28.04 -6.27 32.58
N LYS H 116 28.13 -7.60 32.59
CA LYS H 116 27.09 -8.42 33.21
C LYS H 116 27.00 -8.27 34.73
N GLU H 117 28.07 -7.77 35.35
CA GLU H 117 28.09 -7.64 36.83
C GLU H 117 27.66 -6.22 37.25
N ILE H 118 28.10 -5.19 36.53
CA ILE H 118 27.77 -3.79 36.92
C ILE H 118 26.38 -3.44 36.40
N SER H 119 25.73 -4.38 35.72
CA SER H 119 24.40 -4.11 35.11
C SER H 119 23.40 -3.61 36.17
N ASN H 120 23.36 -4.23 37.35
CA ASN H 120 22.31 -3.85 38.36
C ASN H 120 22.62 -2.45 38.91
N TYR H 121 23.89 -2.10 39.12
CA TYR H 121 24.31 -0.77 39.64
C TYR H 121 24.35 0.34 38.56
N THR H 122 24.19 -0.01 37.29
CA THR H 122 24.35 0.98 36.18
C THR H 122 23.43 2.17 36.34
N GLN H 123 22.13 1.94 36.58
CA GLN H 123 21.18 3.09 36.63
C GLN H 123 21.54 4.00 37.82
N ILE H 124 21.90 3.39 38.95
CA ILE H 124 22.32 4.19 40.15
C ILE H 124 23.49 5.07 39.74
N ILE H 125 24.50 4.46 39.12
CA ILE H 125 25.70 5.24 38.71
C ILE H 125 25.26 6.40 37.81
N TYR H 126 24.40 6.14 36.83
CA TYR H 126 23.97 7.20 35.88
C TYR H 126 23.33 8.35 36.66
N GLY H 127 22.40 8.03 37.56
CA GLY H 127 21.73 9.07 38.35
C GLY H 127 22.73 9.88 39.15
N LEU H 128 23.66 9.22 39.83
CA LEU H 128 24.70 9.93 40.61
C LEU H 128 25.45 10.90 39.68
N LEU H 129 25.90 10.43 38.51
CA LEU H 129 26.66 11.29 37.58
C LEU H 129 25.81 12.52 37.23
N GLU H 130 24.55 12.30 36.86
CA GLU H 130 23.68 13.44 36.46
C GLU H 130 23.61 14.45 37.61
N GLU H 131 23.33 13.97 38.82
CA GLU H 131 23.20 14.90 39.99
C GLU H 131 24.50 15.70 40.15
N SER H 132 25.64 15.01 40.13
CA SER H 132 26.93 15.71 40.35
C SER H 132 27.10 16.79 39.28
N GLN H 133 26.86 16.46 38.01
CA GLN H 133 27.10 17.50 36.97
C GLN H 133 26.15 18.68 37.23
N ASN H 134 24.87 18.40 37.50
CA ASN H 134 23.90 19.51 37.70
C ASN H 134 24.37 20.40 38.85
N GLN H 135 24.91 19.81 39.92
CA GLN H 135 25.44 20.63 41.04
C GLN H 135 26.68 21.41 40.58
N GLN H 136 27.69 20.71 40.06
CA GLN H 136 28.93 21.33 39.59
C GLN H 136 28.63 22.58 38.77
N GLU H 137 27.58 22.54 37.96
CA GLU H 137 27.19 23.70 37.16
C GLU H 137 26.72 24.83 38.07
N LYS H 138 25.96 24.49 39.12
CA LYS H 138 25.51 25.53 40.04
C LYS H 138 26.69 26.10 40.83
N ASN H 139 27.67 25.26 41.16
CA ASN H 139 28.85 25.71 41.88
C ASN H 139 29.70 26.65 41.02
N GLU H 140 29.84 26.34 39.72
CA GLU H 140 30.61 27.23 38.86
C GLU H 140 29.86 28.53 38.61
N GLN H 141 28.52 28.47 38.59
CA GLN H 141 27.73 29.68 38.42
C GLN H 141 27.88 30.59 39.63
N ASP H 142 27.91 29.98 40.83
CA ASP H 142 28.09 30.78 42.04
C ASP H 142 29.53 31.26 42.15
N LEU H 143 30.48 30.51 41.59
CA LEU H 143 31.88 30.90 41.64
C LEU H 143 32.15 32.10 40.73
N LEU H 144 31.46 32.16 39.58
CA LEU H 144 31.67 33.29 38.68
C LEU H 144 30.98 34.54 39.17
N ALA H 145 30.14 34.45 40.20
CA ALA H 145 29.44 35.61 40.74
C ALA H 145 30.24 36.35 41.80
N LEU H 146 31.38 35.80 42.24
CA LEU H 146 32.18 36.47 43.26
C LEU H 146 32.94 37.67 42.70
N ASP H 147 33.27 37.66 41.42
CA ASP H 147 34.00 38.77 40.80
C ASP H 147 33.05 39.75 40.14
C1 NAG I . -9.51 -39.99 -18.67
C2 NAG I . -9.74 -41.50 -18.78
C3 NAG I . -10.52 -41.98 -17.56
C4 NAG I . -9.76 -41.62 -16.28
C5 NAG I . -9.52 -40.10 -16.27
C6 NAG I . -8.75 -39.59 -15.07
C7 NAG I . -9.77 -42.37 -21.07
C8 NAG I . -10.63 -42.64 -22.28
N2 NAG I . -10.41 -41.83 -20.01
O3 NAG I . -10.72 -43.37 -17.71
O4 NAG I . -10.50 -42.06 -15.17
O5 NAG I . -8.83 -39.72 -17.45
O6 NAG I . -8.57 -38.20 -15.18
O7 NAG I . -8.58 -42.63 -21.07
C1 NAG I . -9.80 -43.16 -14.54
C2 NAG I . -10.34 -43.32 -13.10
C3 NAG I . -9.72 -44.58 -12.46
C4 NAG I . -9.86 -45.81 -13.35
C5 NAG I . -9.32 -45.49 -14.76
C6 NAG I . -9.44 -46.63 -15.74
C7 NAG I . -11.00 -41.41 -11.70
C8 NAG I . -10.46 -40.23 -10.93
N2 NAG I . -10.06 -42.16 -12.30
O3 NAG I . -10.32 -44.76 -11.21
O4 NAG I . -9.15 -46.86 -12.74
O5 NAG I . -10.01 -44.36 -15.26
O6 NAG I . -10.80 -47.01 -15.85
O7 NAG I . -12.19 -41.65 -11.76
C1 NAG J . -19.32 -18.67 -26.16
C2 NAG J . -20.74 -19.07 -25.76
C3 NAG J . -21.63 -19.10 -27.00
C4 NAG J . -21.58 -17.73 -27.67
C5 NAG J . -20.14 -17.38 -28.01
C6 NAG J . -20.00 -15.99 -28.58
C7 NAG J . -20.31 -21.51 -25.48
C8 NAG J . -20.06 -22.56 -24.44
N2 NAG J . -20.71 -20.32 -25.01
O3 NAG J . -22.94 -19.45 -26.61
O4 NAG J . -22.33 -17.72 -28.88
O5 NAG J . -19.34 -17.41 -26.81
O6 NAG J . -20.45 -15.01 -27.65
O7 NAG J . -20.18 -21.74 -26.67
C1 NAG J . -23.69 -17.41 -28.83
C2 NAG J . -24.10 -16.94 -30.21
C3 NAG J . -25.59 -16.60 -30.19
C4 NAG J . -26.39 -17.80 -29.71
C5 NAG J . -25.88 -18.23 -28.33
C6 NAG J . -26.54 -19.48 -27.81
C7 NAG J . -22.39 -15.90 -31.59
C8 NAG J . -21.68 -14.62 -31.94
N2 NAG J . -23.32 -15.81 -30.64
O3 NAG J . -26.01 -16.21 -31.49
O4 NAG J . -27.76 -17.40 -29.62
O5 NAG J . -24.47 -18.52 -28.40
O6 NAG J . -27.84 -19.23 -27.29
O7 NAG J . -22.14 -16.96 -32.15
C1 BMA J . -28.70 -18.31 -30.07
C2 BMA J . -30.08 -17.74 -29.91
C3 BMA J . -31.11 -18.72 -30.40
C4 BMA J . -30.80 -19.10 -31.85
C5 BMA J . -29.38 -19.64 -31.95
C6 BMA J . -28.97 -19.90 -33.38
O2 BMA J . -30.17 -16.51 -30.61
O3 BMA J . -32.40 -18.11 -30.30
O4 BMA J . -31.69 -20.10 -32.31
O5 BMA J . -28.46 -18.68 -31.43
O6 BMA J . -28.98 -18.69 -34.11
C1 MAN J . -33.46 -19.01 -30.22
C2 MAN J . -34.76 -18.25 -30.28
C3 MAN J . -34.92 -17.38 -29.06
C4 MAN J . -34.80 -18.22 -27.80
C5 MAN J . -33.48 -18.99 -27.80
C6 MAN J . -33.37 -19.96 -26.65
O2 MAN J . -35.85 -19.16 -30.40
O3 MAN J . -36.18 -16.72 -29.10
O4 MAN J . -34.84 -17.38 -26.65
O5 MAN J . -33.38 -19.78 -29.01
O6 MAN J . -34.47 -20.87 -26.63
C1 MAN J . -36.10 -19.77 -31.63
C2 MAN J . -37.47 -20.41 -31.58
C3 MAN J . -37.46 -21.64 -30.70
C4 MAN J . -36.39 -22.61 -31.16
C5 MAN J . -35.04 -21.92 -31.23
C6 MAN J . -33.95 -22.79 -31.81
O2 MAN J . -37.90 -20.73 -32.90
O3 MAN J . -38.74 -22.27 -30.74
O4 MAN J . -36.31 -23.71 -30.27
O5 MAN J . -35.12 -20.73 -32.04
O6 MAN J . -33.74 -23.96 -31.03
C1 MAN J . -29.06 -18.86 -35.50
C2 MAN J . -28.94 -17.49 -36.15
C3 MAN J . -30.09 -16.60 -35.70
C4 MAN J . -31.41 -17.26 -36.03
C5 MAN J . -31.47 -18.65 -35.39
C6 MAN J . -32.71 -19.42 -35.77
O2 MAN J . -28.90 -17.62 -37.56
O3 MAN J . -29.99 -15.34 -36.36
O4 MAN J . -32.49 -16.48 -35.53
O5 MAN J . -30.33 -19.43 -35.82
O6 MAN J . -33.88 -18.81 -35.24
C1 NAG K . 3.53 27.97 44.36
C2 NAG K . 2.42 27.86 45.43
C3 NAG K . 3.09 27.93 46.80
C4 NAG K . 4.23 26.90 46.96
C5 NAG K . 5.17 26.94 45.75
C6 NAG K . 6.17 25.80 45.70
C7 NAG K . 0.10 28.67 45.31
C8 NAG K . -0.75 29.91 45.18
N2 NAG K . 1.44 28.89 45.31
O3 NAG K . 2.11 27.78 47.77
O4 NAG K . 4.88 27.09 48.21
O5 NAG K . 4.42 26.90 44.55
O6 NAG K . 5.48 24.58 45.60
O7 NAG K . -0.40 27.56 45.40
C1 NAG K . 5.58 28.36 48.32
C2 NAG K . 5.35 28.93 49.74
C3 NAG K . 6.13 30.23 49.92
C4 NAG K . 7.60 30.07 49.54
C5 NAG K . 7.69 29.45 48.14
C6 NAG K . 9.11 29.18 47.67
C7 NAG K . 3.25 28.46 50.94
C8 NAG K . 1.80 28.84 51.04
N2 NAG K . 3.95 29.13 50.00
O3 NAG K . 5.97 30.64 51.25
O4 NAG K . 8.19 31.35 49.59
O5 NAG K . 6.98 28.23 48.14
O6 NAG K . 9.75 28.30 48.56
O7 NAG K . 3.75 27.62 51.66
C1 NAG L . -38.81 -15.45 1.15
C2 NAG L . -39.52 -16.30 2.20
C3 NAG L . -38.97 -17.72 2.12
C4 NAG L . -39.12 -18.26 0.70
C5 NAG L . -38.42 -17.33 -0.28
C6 NAG L . -38.62 -17.72 -1.72
C7 NAG L . -40.27 -15.19 4.25
C8 NAG L . -39.92 -14.90 5.67
N2 NAG L . -39.30 -15.77 3.53
O3 NAG L . -39.66 -18.54 3.06
O4 NAG L . -38.54 -19.56 0.66
O5 NAG L . -38.96 -16.00 -0.15
O6 NAG L . -40.00 -17.71 -2.07
O7 NAG L . -41.36 -14.92 3.77
C1 NAG L . -39.34 -20.54 0.09
C2 NAG L . -38.63 -21.89 0.14
C3 NAG L . -39.51 -22.95 -0.50
C4 NAG L . -40.87 -22.97 0.21
C5 NAG L . -41.50 -21.58 0.15
C6 NAG L . -42.79 -21.48 0.92
C7 NAG L . -37.04 -21.63 -1.78
C8 NAG L . -35.64 -21.96 -2.19
N2 NAG L . -37.32 -21.82 -0.48
O3 NAG L . -38.88 -24.22 -0.41
O4 NAG L . -41.74 -23.88 -0.47
O5 NAG L . -40.61 -20.61 0.73
O6 NAG L . -42.58 -21.78 2.29
O7 NAG L . -37.86 -21.20 -2.58
C1 BMA L . -42.14 -25.03 0.21
C2 BMA L . -42.97 -25.86 -0.74
C3 BMA L . -43.36 -27.18 -0.10
C4 BMA L . -42.11 -27.90 0.35
C5 BMA L . -41.29 -27.03 1.28
C6 BMA L . -39.97 -27.63 1.66
O2 BMA L . -42.26 -26.07 -1.96
O3 BMA L . -44.06 -27.96 -1.08
O4 BMA L . -42.46 -29.10 1.05
O5 BMA L . -40.99 -25.77 0.64
O6 BMA L . -40.15 -28.87 2.35
C1 MAN L . -45.19 -28.67 -0.67
C2 MAN L . -46.56 -28.09 -0.90
C3 MAN L . -47.18 -27.64 0.41
C4 MAN L . -47.13 -28.76 1.44
C5 MAN L . -45.71 -29.33 1.59
C6 MAN L . -45.65 -30.56 2.46
O2 MAN L . -47.39 -29.04 -1.56
O3 MAN L . -48.51 -27.22 0.19
O4 MAN L . -47.61 -28.31 2.70
O5 MAN L . -45.16 -29.71 0.30
O6 MAN L . -44.32 -31.08 2.53
C1 NAG M . -33.70 -13.96 -13.62
C2 NAG M . -34.82 -12.92 -13.51
C3 NAG M . -36.09 -13.46 -14.17
C4 NAG M . -35.89 -14.07 -15.55
C5 NAG M . -34.67 -15.02 -15.51
C6 NAG M . -34.21 -15.58 -16.84
C7 NAG M . -35.07 -11.38 -11.60
C8 NAG M . -35.38 -11.32 -10.13
N2 NAG M . -35.09 -12.61 -12.14
O3 NAG M . -37.02 -12.40 -14.22
O4 NAG M . -37.09 -14.77 -15.81
O5 NAG M . -33.56 -14.33 -14.97
O6 NAG M . -33.85 -14.52 -17.70
O7 NAG M . -34.82 -10.38 -12.25
C1 NAG M . -37.66 -14.41 -17.09
C2 NAG M . -38.80 -15.42 -17.37
C3 NAG M . -39.41 -15.13 -18.74
C4 NAG M . -39.85 -13.68 -18.86
C5 NAG M . -38.70 -12.74 -18.43
C6 NAG M . -39.06 -11.27 -18.41
C7 NAG M . -37.46 -17.50 -17.86
C8 NAG M . -37.34 -18.93 -17.38
N2 NAG M . -38.40 -16.79 -17.20
O3 NAG M . -40.43 -16.07 -18.91
O4 NAG M . -40.20 -13.42 -20.21
O5 NAG M . -38.22 -13.12 -17.14
O6 NAG M . -40.16 -11.07 -17.54
O7 NAG M . -36.75 -17.08 -18.77
C1 BMA M . -41.64 -13.42 -20.36
C2 BMA M . -42.13 -11.99 -20.61
C3 BMA M . -43.67 -11.98 -20.81
C4 BMA M . -44.31 -13.28 -21.36
C5 BMA M . -43.33 -14.27 -22.00
C6 BMA M . -43.23 -14.14 -23.52
O2 BMA M . -41.43 -11.48 -21.71
O3 BMA M . -43.94 -10.87 -21.63
O4 BMA M . -44.96 -13.89 -20.24
O5 BMA M . -42.02 -14.27 -21.44
O6 BMA M . -42.67 -12.88 -23.84
C1 NAG N . -30.96 8.18 -6.09
C2 NAG N . -31.13 9.69 -6.31
C3 NAG N . -31.88 10.30 -5.12
C4 NAG N . -33.17 9.56 -4.82
C5 NAG N . -32.89 8.06 -4.69
C6 NAG N . -34.11 7.19 -4.51
C7 NAG N . -29.38 10.79 -7.67
C8 NAG N . -28.01 11.41 -7.61
N2 NAG N . -29.84 10.32 -6.49
O3 NAG N . -32.10 11.66 -5.42
O4 NAG N . -33.66 10.10 -3.61
O5 NAG N . -32.22 7.61 -5.86
O6 NAG N . -35.00 7.39 -5.58
O7 NAG N . -30.01 10.72 -8.70
C1 NAG N . -34.95 10.72 -3.82
C2 NAG N . -35.70 10.71 -2.48
C3 NAG N . -37.03 11.45 -2.62
C4 NAG N . -36.85 12.84 -3.23
C5 NAG N . -36.05 12.71 -4.53
C6 NAG N . -35.77 14.03 -5.22
C7 NAG N . -35.23 8.79 -1.01
C8 NAG N . -35.62 7.36 -0.72
N2 NAG N . -35.91 9.36 -2.02
O3 NAG N . -37.62 11.51 -1.35
O4 NAG N . -38.12 13.38 -3.44
O5 NAG N . -34.82 12.06 -4.27
O6 NAG N . -35.01 13.81 -6.38
O7 NAG N . -34.37 9.36 -0.37
C1 NAG O . -17.44 29.70 31.04
C2 NAG O . -16.51 30.40 32.04
C3 NAG O . -16.71 31.92 31.92
C4 NAG O . -16.66 32.42 30.46
C5 NAG O . -17.48 31.49 29.55
C6 NAG O . -17.42 31.82 28.08
C7 NAG O . -15.79 29.35 34.14
C8 NAG O . -16.24 28.95 35.53
N2 NAG O . -16.73 29.95 33.38
O3 NAG O . -15.74 32.49 32.76
O4 NAG O . -17.22 33.72 30.37
O5 NAG O . -17.09 30.15 29.74
O6 NAG O . -18.31 30.97 27.38
O7 NAG O . -14.65 29.14 33.75
C1 NAG O . -16.30 34.81 30.57
C2 NAG O . -15.90 35.45 29.23
C3 NAG O . -15.15 36.76 29.46
C4 NAG O . -15.88 37.69 30.42
C5 NAG O . -16.15 36.91 31.73
C6 NAG O . -16.90 37.72 32.76
C7 NAG O . -15.24 34.38 27.11
C8 NAG O . -14.25 33.44 26.48
N2 NAG O . -15.08 34.59 28.43
O3 NAG O . -14.94 37.36 28.21
O4 NAG O . -15.06 38.81 30.64
O5 NAG O . -16.90 35.76 31.42
O6 NAG O . -16.19 38.90 33.07
O7 NAG O . -16.11 34.93 26.44
C1 NAG P . -20.75 0.36 25.44
C2 NAG P . -21.08 -0.18 24.04
C3 NAG P . -21.71 -1.58 24.14
C4 NAG P . -20.89 -2.53 25.01
C5 NAG P . -20.62 -1.84 26.37
C6 NAG P . -19.77 -2.65 27.32
C7 NAG P . -21.76 1.23 22.13
C8 NAG P . -22.84 2.14 21.63
N2 NAG P . -21.98 0.72 23.36
O3 NAG P . -21.86 -2.07 22.84
O4 NAG P . -21.65 -3.71 25.14
O5 NAG P . -19.98 -0.60 26.14
O6 NAG P . -18.54 -2.97 26.71
O7 NAG P . -20.76 0.98 21.47
C1 NAG P . -20.92 -4.83 24.60
C2 NAG P . -21.42 -6.10 25.30
C3 NAG P . -20.67 -7.31 24.73
C4 NAG P . -20.77 -7.37 23.20
C5 NAG P . -20.37 -6.01 22.60
C6 NAG P . -20.53 -5.89 21.10
C7 NAG P . -22.25 -5.96 27.60
C8 NAG P . -21.82 -5.87 29.06
N2 NAG P . -21.24 -6.01 26.72
O3 NAG P . -21.19 -8.47 25.32
O4 NAG P . -19.92 -8.41 22.78
O5 NAG P . -21.14 -4.98 23.21
O6 NAG P . -20.29 -4.56 20.70
O7 NAG P . -23.43 -5.97 27.28
C1 BMA P . -20.70 -9.42 22.11
C2 BMA P . -19.76 -10.25 21.25
C3 BMA P . -20.57 -11.34 20.47
C4 BMA P . -21.87 -11.84 21.14
C5 BMA P . -22.01 -11.48 22.63
C6 BMA P . -21.59 -12.63 23.54
O2 BMA P . -18.76 -10.79 22.06
O3 BMA P . -19.65 -12.37 20.20
O4 BMA P . -22.92 -11.25 20.39
O5 BMA P . -21.37 -10.28 23.04
O6 BMA P . -20.70 -12.12 24.53
C1 MAN P . -19.60 -12.57 18.77
C2 MAN P . -18.97 -13.95 18.50
C3 MAN P . -17.47 -13.91 18.79
C4 MAN P . -16.77 -12.78 18.04
C5 MAN P . -17.46 -11.45 18.40
C6 MAN P . -16.92 -10.31 17.58
O2 MAN P . -19.22 -14.25 17.15
O3 MAN P . -16.94 -15.17 18.44
O4 MAN P . -15.42 -12.80 18.43
O5 MAN P . -18.86 -11.55 18.14
O6 MAN P . -17.49 -10.35 16.30
C1 MAN P . -21.12 -12.59 25.82
C2 MAN P . -20.39 -11.74 26.87
C3 MAN P . -18.91 -12.07 26.87
C4 MAN P . -18.67 -13.57 27.06
C5 MAN P . -19.46 -14.35 26.01
C6 MAN P . -19.43 -15.84 26.28
O2 MAN P . -20.98 -12.03 28.12
O3 MAN P . -18.29 -11.31 27.89
O4 MAN P . -17.28 -13.78 26.95
O5 MAN P . -20.82 -13.95 26.00
O6 MAN P . -20.60 -16.20 26.99
C1 NAG Q . -31.32 -3.28 31.33
C2 NAG Q . -32.39 -2.97 32.39
C3 NAG Q . -31.81 -3.18 33.79
C4 NAG Q . -31.12 -4.54 33.93
C5 NAG Q . -30.10 -4.71 32.78
C6 NAG Q . -29.35 -6.01 32.75
C7 NAG Q . -33.97 -1.27 31.55
C8 NAG Q . -34.26 0.21 31.50
N2 NAG Q . -32.85 -1.61 32.21
O3 NAG Q . -32.86 -3.04 34.71
O4 NAG Q . -30.49 -4.56 35.19
O5 NAG Q . -30.80 -4.56 31.55
O6 NAG Q . -30.25 -7.07 32.53
O7 NAG Q . -34.71 -2.08 31.02
C1 NAG Q . -31.08 -5.61 36.00
C2 NAG Q . -30.10 -5.95 37.13
C3 NAG Q . -30.71 -7.00 38.05
C4 NAG Q . -32.10 -6.59 38.52
C5 NAG Q . -32.96 -6.22 37.31
C6 NAG Q . -34.36 -5.74 37.67
C7 NAG Q . -27.71 -5.68 36.56
C8 NAG Q . -26.52 -6.36 35.94
N2 NAG Q . -28.84 -6.40 36.59
O3 NAG Q . -29.82 -7.20 39.12
O4 NAG Q . -32.64 -7.69 39.23
O5 NAG Q . -32.31 -5.21 36.57
O6 NAG Q . -34.27 -4.66 38.57
O7 NAG Q . -27.63 -4.54 37.01
C1 NAG R . -41.49 9.10 16.47
C2 NAG R . -41.95 9.33 15.02
C3 NAG R . -43.08 10.36 15.00
C4 NAG R . -44.23 9.97 15.94
C5 NAG R . -43.63 9.71 17.33
C6 NAG R . -44.63 9.25 18.36
C7 NAG R . -40.40 9.06 13.12
C8 NAG R . -39.23 9.70 12.40
N2 NAG R . -40.85 9.75 14.19
O3 NAG R . -43.46 10.47 13.64
O4 NAG R . -45.15 11.04 16.03
O5 NAG R . -42.62 8.73 17.23
O6 NAG R . -45.26 8.08 17.92
O7 NAG R . -40.88 8.01 12.76
C1 NAG R . -46.29 10.81 15.17
C2 NAG R . -47.59 11.09 15.94
C3 NAG R . -48.79 11.11 14.98
C4 NAG R . -48.54 12.00 13.76
C5 NAG R . -47.23 11.56 13.09
C6 NAG R . -46.86 12.38 11.88
C7 NAG R . -48.01 10.40 18.27
C8 NAG R . -48.25 9.20 19.15
N2 NAG R . -47.84 10.12 16.96
O3 NAG R . -49.92 11.53 15.71
O4 NAG R . -49.65 11.85 12.90
O5 NAG R . -46.20 11.66 14.05
O6 NAG R . -45.56 12.03 11.46
O7 NAG R . -47.98 11.54 18.72
C1 NAG S . -21.74 2.57 33.32
C2 NAG S . -20.47 1.83 32.89
C3 NAG S . -19.90 1.01 34.05
C4 NAG S . -19.71 1.86 35.28
C5 NAG S . -21.04 2.53 35.63
C6 NAG S . -21.01 3.45 36.83
C7 NAG S . -20.26 1.25 30.52
C8 NAG S . -20.67 0.26 29.46
N2 NAG S . -20.73 1.01 31.75
O3 NAG S . -18.70 0.44 33.60
O4 NAG S . -19.24 1.01 36.31
O5 NAG S . -21.50 3.28 34.52
O6 NAG S . -22.29 4.01 37.05
O7 NAG S . -19.54 2.21 30.25
C1 NAG S . -17.93 1.42 36.74
C2 NAG S . -17.76 0.96 38.19
C3 NAG S . -16.35 1.30 38.68
C4 NAG S . -15.29 0.77 37.73
C5 NAG S . -15.59 1.24 36.30
C6 NAG S . -14.62 0.74 35.26
C7 NAG S . -19.88 0.93 39.45
C8 NAG S . -20.79 1.75 40.32
N2 NAG S . -18.76 1.56 39.04
O3 NAG S . -16.20 0.77 39.98
O4 NAG S . -14.04 1.24 38.18
O5 NAG S . -16.90 0.84 35.95
O6 NAG S . -14.54 -0.66 35.33
O7 NAG S . -20.14 -0.22 39.15
C1 NAG T . -26.00 10.92 -34.28
C2 NAG T . -26.85 12.12 -34.71
C3 NAG T . -28.04 12.27 -33.75
C4 NAG T . -28.82 10.97 -33.60
C5 NAG T . -27.86 9.79 -33.33
C6 NAG T . -28.52 8.42 -33.33
C7 NAG T . -25.45 13.77 -35.87
C8 NAG T . -24.67 15.06 -35.72
N2 NAG T . -26.06 13.33 -34.76
O3 NAG T . -28.85 13.31 -34.22
O4 NAG T . -29.71 11.17 -32.52
O5 NAG T . -26.83 9.78 -34.29
O6 NAG T . -29.10 8.18 -34.59
O7 NAG T . -25.51 13.20 -36.94
C1 NAG T . -31.08 11.07 -32.98
C2 NAG T . -31.98 10.99 -31.74
C3 NAG T . -33.46 10.98 -32.16
C4 NAG T . -33.77 12.14 -33.12
C5 NAG T . -32.76 12.13 -34.28
C6 NAG T . -32.96 13.27 -35.27
C7 NAG T . -31.68 8.54 -31.15
C8 NAG T . -31.26 7.67 -30.00
N2 NAG T . -31.65 9.87 -30.89
O3 NAG T . -34.24 11.05 -31.00
O4 NAG T . -35.09 11.97 -33.58
O5 NAG T . -31.45 12.19 -33.75
O6 NAG T . -34.21 13.13 -35.90
O7 NAG T . -32.01 8.03 -32.22
C1 NAG U . -27.08 -3.00 -29.39
C2 NAG U . -26.40 -3.25 -30.74
C3 NAG U . -27.47 -3.43 -31.82
C4 NAG U . -28.47 -4.53 -31.44
C5 NAG U . -28.99 -4.25 -30.01
C6 NAG U . -29.91 -5.31 -29.45
C7 NAG U . -24.16 -2.31 -31.10
C8 NAG U . -23.41 -1.06 -31.49
N2 NAG U . -25.50 -2.17 -31.08
O3 NAG U . -26.73 -3.68 -33.00
O4 NAG U . -29.59 -4.54 -32.32
O5 NAG U . -27.91 -4.09 -29.12
O6 NAG U . -29.17 -6.41 -29.02
O7 NAG U . -23.58 -3.35 -30.83
C1 NAG U . -29.37 -5.39 -33.47
C2 NAG U . -30.42 -6.52 -33.55
C3 NAG U . -30.16 -7.34 -34.82
C4 NAG U . -30.03 -6.49 -36.08
C5 NAG U . -29.08 -5.30 -35.83
C6 NAG U . -29.04 -4.29 -36.95
C7 NAG U . -31.45 -7.74 -31.67
C8 NAG U . -31.16 -8.67 -30.51
N2 NAG U . -30.38 -7.38 -32.40
O3 NAG U . -31.18 -8.29 -34.93
O4 NAG U . -29.52 -7.34 -37.08
O5 NAG U . -29.48 -4.63 -34.65
O6 NAG U . -30.34 -3.81 -37.22
O7 NAG U . -32.58 -7.36 -31.92
C1 BMA U . -30.47 -7.48 -38.16
C2 BMA U . -29.81 -8.36 -39.22
C3 BMA U . -30.78 -8.64 -40.40
C4 BMA U . -32.29 -8.52 -40.10
C5 BMA U . -32.64 -8.62 -38.60
C6 BMA U . -32.95 -10.06 -38.16
O2 BMA U . -29.36 -9.53 -38.60
O3 BMA U . -30.42 -9.90 -40.90
O4 BMA U . -32.70 -7.28 -40.62
O5 BMA U . -31.68 -8.06 -37.71
O6 BMA U . -34.15 -10.45 -38.81
C1 NAG V . -0.70 29.90 -21.30
C2 NAG V . -1.67 28.77 -20.90
C3 NAG V . -3.10 29.15 -21.31
C4 NAG V . -3.48 30.50 -20.68
C5 NAG V . -2.42 31.55 -21.09
C6 NAG V . -2.66 32.93 -20.52
C7 NAG V . -1.14 27.06 -22.70
C8 NAG V . -0.71 25.62 -22.81
N2 NAG V . -1.28 27.48 -21.42
O3 NAG V . -3.95 28.12 -20.89
O4 NAG V . -4.76 30.84 -21.16
O5 NAG V . -1.13 31.10 -20.70
O6 NAG V . -2.05 33.88 -21.35
O7 NAG V . -1.33 27.74 -23.68
C1 NAG V . -5.71 30.81 -20.06
C2 NAG V . -6.88 31.73 -20.41
C3 NAG V . -7.96 31.64 -19.33
C4 NAG V . -8.36 30.19 -19.04
C5 NAG V . -7.09 29.37 -18.76
C6 NAG V . -7.33 27.90 -18.51
C7 NAG V . -6.55 33.81 -21.70
C8 NAG V . -6.02 35.22 -21.61
N2 NAG V . -6.45 33.09 -20.56
O3 NAG V . -9.05 32.42 -19.75
O4 NAG V . -9.23 30.18 -17.95
O5 NAG V . -6.19 29.51 -19.85
O6 NAG V . -7.98 27.34 -19.62
O7 NAG V . -7.03 33.36 -22.73
C1 BMA V . -10.56 29.81 -18.40
C2 BMA V . -11.18 28.90 -17.33
C3 BMA V . -12.62 28.48 -17.76
C4 BMA V . -13.38 29.47 -18.68
C5 BMA V . -12.78 30.89 -18.74
C6 BMA V . -13.44 31.85 -17.75
O2 BMA V . -11.15 29.57 -16.11
O3 BMA V . -13.32 28.21 -16.57
O4 BMA V . -13.36 28.87 -19.97
O5 BMA V . -11.37 30.96 -18.60
O6 BMA V . -12.46 32.72 -17.24
C1 MAN V . -13.14 26.81 -16.26
C2 MAN V . -14.24 26.02 -16.98
C3 MAN V . -15.59 26.31 -16.33
C4 MAN V . -15.56 26.06 -14.83
C5 MAN V . -14.42 26.88 -14.21
C6 MAN V . -14.22 26.55 -12.75
O2 MAN V . -13.90 24.66 -16.88
O3 MAN V . -16.56 25.51 -16.97
O4 MAN V . -16.82 26.44 -14.30
O5 MAN V . -13.20 26.58 -14.87
O6 MAN V . -12.84 26.42 -12.48
C1 MAN V . -12.56 34.01 -17.90
C2 MAN V . -11.27 34.77 -17.62
C3 MAN V . -11.19 35.15 -16.14
C4 MAN V . -12.43 35.94 -15.71
C5 MAN V . -13.68 35.13 -16.05
C6 MAN V . -14.95 35.94 -15.83
O2 MAN V . -11.27 35.91 -18.45
O3 MAN V . -10.01 35.89 -15.95
O4 MAN V . -12.31 36.16 -14.32
O5 MAN V . -13.67 34.74 -17.42
O6 MAN V . -16.02 35.32 -16.51
C1 NAG W . -6.58 -30.69 -28.28
C2 NAG W . -5.72 -31.47 -29.28
C3 NAG W . -5.57 -30.64 -30.56
C4 NAG W . -6.90 -30.17 -31.14
C5 NAG W . -7.81 -29.59 -30.02
C6 NAG W . -9.26 -29.42 -30.37
C7 NAG W . -3.43 -31.14 -28.25
C8 NAG W . -2.27 -31.95 -27.73
N2 NAG W . -4.45 -31.89 -28.72
O3 NAG W . -4.85 -31.42 -31.49
O4 NAG W . -6.55 -29.21 -32.12
O5 NAG W . -7.81 -30.45 -28.90
O6 NAG W . -9.81 -30.66 -30.75
O7 NAG W . -3.39 -29.92 -28.21
C1 NAG W . -7.26 -29.42 -33.36
C2 NAG W . -6.98 -28.23 -34.30
C3 NAG W . -7.81 -28.40 -35.58
C4 NAG W . -7.63 -29.79 -36.22
C5 NAG W . -7.71 -30.90 -35.15
C6 NAG W . -7.37 -32.28 -35.67
C7 NAG W . -8.35 -26.44 -33.14
C8 NAG W . -8.18 -25.05 -32.56
N2 NAG W . -7.21 -26.95 -33.66
O3 NAG W . -7.44 -27.36 -36.46
O4 NAG W . -8.66 -29.92 -37.17
O5 NAG W . -6.86 -30.60 -34.06
O6 NAG W . -7.46 -33.20 -34.62
O7 NAG W . -9.44 -26.98 -33.12
C1 BMA W . -8.13 -29.91 -38.51
C2 BMA W . -9.19 -30.51 -39.42
C3 BMA W . -8.75 -30.45 -40.91
C4 BMA W . -7.73 -29.34 -41.28
C5 BMA W . -7.62 -28.20 -40.27
C6 BMA W . -8.50 -26.99 -40.59
O2 BMA W . -10.40 -29.84 -39.19
O3 BMA W . -9.93 -30.36 -41.66
O4 BMA W . -6.49 -30.00 -41.42
O5 BMA W . -7.82 -28.58 -38.90
O6 BMA W . -9.85 -27.35 -40.40
C1 NAG X . 20.54 -24.06 -8.51
C2 NAG X . 19.19 -23.77 -9.19
C3 NAG X . 19.29 -24.12 -10.68
C4 NAG X . 20.46 -23.39 -11.34
C5 NAG X . 21.74 -23.69 -10.55
C6 NAG X . 22.96 -22.93 -11.05
C7 NAG X . 17.05 -23.89 -8.02
C8 NAG X . 16.02 -24.82 -7.41
N2 NAG X . 18.12 -24.48 -8.56
O3 NAG X . 18.06 -23.79 -11.27
O4 NAG X . 20.52 -23.85 -12.66
O5 NAG X . 21.55 -23.35 -9.19
O6 NAG X . 22.70 -21.55 -11.04
O7 NAG X . 16.89 -22.68 -8.00
C1 NAG X . 20.30 -22.75 -13.58
C2 NAG X . 20.89 -23.13 -14.94
C3 NAG X . 20.65 -21.98 -15.92
C4 NAG X . 19.18 -21.57 -15.98
C5 NAG X . 18.66 -21.33 -14.54
C6 NAG X . 17.19 -21.02 -14.46
C7 NAG X . 22.78 -24.70 -14.91
C8 NAG X . 24.29 -24.80 -14.75
N2 NAG X . 22.28 -23.45 -14.82
O3 NAG X . 21.14 -22.38 -17.17
O4 NAG X . 19.10 -20.40 -16.76
O5 NAG X . 18.92 -22.46 -13.74
O6 NAG X . 16.45 -22.09 -15.00
O7 NAG X . 22.10 -25.68 -15.09
C1 BMA X . 18.41 -20.70 -17.99
C2 BMA X . 17.85 -19.37 -18.53
C3 BMA X . 17.15 -19.59 -19.90
C4 BMA X . 17.64 -20.80 -20.75
C5 BMA X . 19.00 -21.37 -20.32
C6 BMA X . 20.18 -20.83 -21.12
O2 BMA X . 18.90 -18.45 -18.60
O3 BMA X . 17.28 -18.37 -20.59
O4 BMA X . 16.62 -21.77 -20.62
O5 BMA X . 19.29 -21.29 -18.93
O6 BMA X . 20.37 -19.47 -20.77
C1 NAG Y . 12.03 -32.96 24.90
C2 NAG Y . 12.55 -32.41 26.24
C3 NAG Y . 11.89 -33.14 27.41
C4 NAG Y . 10.37 -33.03 27.30
C5 NAG Y . 9.91 -33.57 25.94
C6 NAG Y . 8.44 -33.34 25.63
C7 NAG Y . 14.80 -31.41 26.37
C8 NAG Y . 16.27 -31.73 26.46
N2 NAG Y . 13.99 -32.48 26.32
O3 NAG Y . 12.38 -32.59 28.59
O4 NAG Y . 9.77 -33.62 28.46
O5 NAG Y . 10.62 -32.92 24.91
O6 NAG Y . 8.15 -31.97 25.72
O7 NAG Y . 14.39 -30.26 26.36
C1 NAG Y . 9.82 -35.06 28.54
C2 NAG Y . 10.07 -35.48 29.99
C3 NAG Y . 9.88 -37.00 30.18
C4 NAG Y . 8.59 -37.50 29.55
C5 NAG Y . 8.53 -37.03 28.10
C6 NAG Y . 7.28 -37.45 27.35
C7 NAG Y . 12.60 -35.38 30.09
C8 NAG Y . 13.70 -34.72 30.88
N2 NAG Y . 11.35 -35.05 30.51
O3 NAG Y . 9.93 -37.27 31.56
O4 NAG Y . 8.59 -38.91 29.64
O5 NAG Y . 8.60 -35.62 28.10
O6 NAG Y . 6.14 -36.91 28.00
O7 NAG Y . 12.87 -36.14 29.18
C1 NAG Z . 23.64 -34.53 -14.73
C2 NAG Z . 24.30 -35.90 -14.50
C3 NAG Z . 25.81 -35.79 -14.62
C4 NAG Z . 26.23 -35.07 -15.90
C5 NAG Z . 25.50 -33.73 -15.97
C6 NAG Z . 25.80 -32.90 -17.21
C7 NAG Z . 23.03 -37.43 -13.03
C8 NAG Z . 22.80 -37.80 -11.59
N2 NAG Z . 23.92 -36.43 -13.22
O3 NAG Z . 26.34 -37.09 -14.54
O4 NAG Z . 27.64 -34.91 -15.84
O5 NAG Z . 24.11 -33.97 -15.94
O6 NAG Z . 25.46 -33.62 -18.36
O7 NAG Z . 22.45 -38.00 -13.94
C1 NAG Z . 28.25 -35.69 -16.88
C2 NAG Z . 29.70 -35.19 -17.06
C3 NAG Z . 30.43 -36.09 -18.08
C4 NAG Z . 30.30 -37.57 -17.72
C5 NAG Z . 28.82 -37.91 -17.53
C6 NAG Z . 28.56 -39.35 -17.13
C7 NAG Z . 30.05 -32.79 -16.70
C8 NAG Z . 29.99 -31.43 -17.37
N2 NAG Z . 29.72 -33.82 -17.48
O3 NAG Z . 31.77 -35.67 -18.11
O4 NAG Z . 30.88 -38.31 -18.76
O5 NAG Z . 28.27 -37.06 -16.54
O6 NAG Z . 29.25 -39.64 -15.93
O7 NAG Z . 30.38 -32.90 -15.53
C1 NAG AA . 27.54 -27.85 -6.31
C2 NAG AA . 27.73 -26.47 -6.95
C3 NAG AA . 29.12 -26.32 -7.56
C4 NAG AA . 30.23 -26.75 -6.59
C5 NAG AA . 29.90 -28.16 -6.08
C6 NAG AA . 30.88 -28.75 -5.09
C7 NAG AA . 25.61 -25.51 -7.76
C8 NAG AA . 24.69 -25.45 -8.95
N2 NAG AA . 26.71 -26.26 -7.95
O3 NAG AA . 29.27 -24.97 -7.96
O4 NAG AA . 31.44 -26.68 -7.31
O5 NAG AA . 28.63 -28.12 -5.47
O6 NAG AA . 30.95 -27.92 -3.96
O7 NAG AA . 25.36 -24.91 -6.73
C1 NAG AA . 32.37 -25.79 -6.66
C2 NAG AA . 33.78 -26.17 -7.10
C3 NAG AA . 34.80 -25.22 -6.46
C4 NAG AA . 34.43 -23.76 -6.69
C5 NAG AA . 32.97 -23.53 -6.27
C6 NAG AA . 32.48 -22.12 -6.52
C7 NAG AA . 34.01 -28.57 -7.63
C8 NAG AA . 34.36 -29.91 -7.05
N2 NAG AA . 34.07 -27.54 -6.77
O3 NAG AA . 36.06 -25.53 -6.97
O4 NAG AA . 35.32 -22.97 -5.94
O5 NAG AA . 32.13 -24.44 -6.97
O6 NAG AA . 32.68 -21.76 -7.87
O7 NAG AA . 33.69 -28.44 -8.81
C1 NAG BA . -46.55 -3.96 1.34
C2 NAG BA . -47.88 -3.83 0.57
C3 NAG BA . -48.11 -2.37 0.18
C4 NAG BA . -48.01 -1.45 1.41
C5 NAG BA . -46.68 -1.70 2.11
C6 NAG BA . -46.49 -0.89 3.37
C7 NAG BA . -48.50 -5.86 -0.68
C8 NAG BA . -48.35 -6.58 -1.99
N2 NAG BA . -47.87 -4.68 -0.60
O3 NAG BA . -49.37 -2.28 -0.43
O4 NAG BA . -48.13 -0.13 0.95
O5 NAG BA . -46.58 -3.08 2.44
O6 NAG BA . -47.54 -1.15 4.27
O7 NAG BA . -49.16 -6.33 0.24
C1 NAG CA . -21.28 35.43 20.92
C2 NAG CA . -19.86 35.73 20.37
C3 NAG CA . -19.66 37.24 20.19
C4 NAG CA . -20.81 37.88 19.43
C5 NAG CA . -22.13 37.52 20.11
C6 NAG CA . -23.36 38.07 19.42
C7 NAG CA . -17.68 34.65 20.82
C8 NAG CA . -16.78 34.16 21.93
N2 NAG CA . -18.84 35.20 21.24
O3 NAG CA . -18.43 37.43 19.54
O4 NAG CA . -20.59 39.28 19.43
O5 NAG CA . -22.23 36.10 20.13
O6 NAG CA . -24.51 37.49 19.98
O7 NAG CA . -17.37 34.54 19.65
C1 NAG DA . -32.07 -18.66 17.51
C2 NAG DA . -32.63 -19.63 18.57
C3 NAG DA . -31.63 -20.75 18.85
C4 NAG DA . -31.14 -21.41 17.55
C5 NAG DA . -30.60 -20.32 16.62
C6 NAG DA . -30.09 -20.85 15.30
C7 NAG DA . -34.21 -18.70 20.21
C8 NAG DA . -34.31 -17.94 21.51
N2 NAG DA . -32.95 -18.93 19.78
O3 NAG DA . -32.25 -21.68 19.70
O4 NAG DA . -30.14 -22.34 17.91
O5 NAG DA . -31.64 -19.39 16.37
O6 NAG DA . -29.71 -19.77 14.48
O7 NAG DA . -35.20 -19.08 19.62
C1 NAG EA . -38.47 -3.18 27.18
C2 NAG EA . -38.23 -4.68 27.35
C3 NAG EA . -39.45 -5.45 26.84
C4 NAG EA . -40.73 -4.97 27.51
C5 NAG EA . -40.84 -3.44 27.36
C6 NAG EA . -42.03 -2.85 28.08
C7 NAG EA . -35.85 -5.28 27.35
C8 NAG EA . -34.70 -5.72 26.49
N2 NAG EA . -37.01 -5.09 26.71
O3 NAG EA . -39.22 -6.83 27.07
O4 NAG EA . -41.80 -5.63 26.89
O5 NAG EA . -39.66 -2.83 27.86
O6 NAG EA . -41.95 -1.44 28.03
O7 NAG EA . -35.73 -5.12 28.55
C1 NAG FA . -40.34 14.25 36.62
C2 NAG FA . -41.82 13.85 36.50
C3 NAG FA . -42.71 15.06 36.77
C4 NAG FA . -42.36 15.72 38.10
C5 NAG FA . -40.86 16.03 38.14
C6 NAG FA . -40.38 16.61 39.44
C7 NAG FA . -42.42 12.00 34.99
C8 NAG FA . -42.69 11.64 33.54
N2 NAG FA . -42.10 13.29 35.20
O3 NAG FA . -44.05 14.62 36.73
O4 NAG FA . -43.14 16.89 38.20
O5 NAG FA . -40.13 14.84 37.88
O6 NAG FA . -38.97 16.66 39.46
O7 NAG FA . -42.48 11.16 35.87
C1 NAG GA . -31.12 32.26 40.45
C2 NAG GA . -30.55 33.58 41.00
C3 NAG GA . -29.20 33.32 41.68
C4 NAG GA . -29.31 32.21 42.73
C5 NAG GA . -29.94 30.96 42.06
C6 NAG GA . -30.14 29.80 43.01
C7 NAG GA . -31.26 35.57 39.74
C8 NAG GA . -30.92 36.47 38.57
N2 NAG GA . -30.40 34.55 39.95
O3 NAG GA . -28.77 34.53 42.26
O4 NAG GA . -28.02 31.94 43.20
O5 NAG GA . -31.19 31.32 41.49
O6 NAG GA . -30.80 28.76 42.35
O7 NAG GA . -32.25 35.78 40.43
C1 NAG HA . -41.53 14.94 16.25
C2 NAG HA . -41.50 14.13 14.95
C3 NAG HA . -42.74 14.43 14.12
C4 NAG HA . -44.02 14.25 14.94
C5 NAG HA . -43.92 15.08 16.21
C6 NAG HA . -45.10 14.93 17.14
C7 NAG HA . -39.26 13.58 14.10
C8 NAG HA . -38.12 14.11 13.26
N2 NAG HA . -40.30 14.41 14.21
O3 NAG HA . -42.71 13.58 13.00
O4 NAG HA . -45.09 14.67 14.13
O5 NAG HA . -42.75 14.70 16.93
O6 NAG HA . -44.86 15.62 18.35
O7 NAG HA . -39.21 12.47 14.61
C1 NAG IA . -45.25 12.98 24.74
C2 NAG IA . -46.27 13.99 25.31
C3 NAG IA . -47.66 13.36 25.27
C4 NAG IA . -48.01 12.81 23.89
C5 NAG IA . -46.87 11.91 23.39
C6 NAG IA . -47.07 11.37 21.99
C7 NAG IA . -45.76 15.68 27.03
C8 NAG IA . -45.40 15.88 28.48
N2 NAG IA . -45.92 14.40 26.64
O3 NAG IA . -48.58 14.33 25.69
O4 NAG IA . -49.22 12.09 24.01
O5 NAG IA . -45.66 12.64 23.43
O6 NAG IA . -45.91 10.66 21.59
O7 NAG IA . -45.90 16.62 26.27
C1 NAG JA . 19.03 48.66 24.42
C2 NAG JA . 20.04 49.01 23.32
C3 NAG JA . 19.53 50.16 22.42
C4 NAG JA . 18.09 49.95 21.98
C5 NAG JA . 17.23 49.70 23.22
C6 NAG JA . 15.76 49.48 22.92
C7 NAG JA . 21.74 50.29 24.70
C8 NAG JA . 23.21 50.26 25.03
N2 NAG JA . 21.36 49.30 23.86
O3 NAG JA . 20.41 50.27 21.33
O4 NAG JA . 17.69 51.10 21.27
O5 NAG JA . 17.73 48.55 23.89
O6 NAG JA . 15.61 48.33 22.11
O7 NAG JA . 21.01 51.15 25.18
C1 NAG KA . 6.72 43.45 22.63
C2 NAG KA . 5.49 44.21 22.10
C3 NAG KA . 5.05 45.25 23.14
C4 NAG KA . 4.84 44.60 24.51
C5 NAG KA . 6.09 43.80 24.89
C6 NAG KA . 5.96 43.07 26.21
C7 NAG KA . 5.31 44.37 19.65
C8 NAG KA . 5.74 45.17 18.45
N2 NAG KA . 5.78 44.82 20.84
O3 NAG KA . 3.88 45.86 22.66
O4 NAG KA . 4.59 45.65 25.43
O5 NAG KA . 6.38 42.86 23.87
O6 NAG KA . 7.16 42.38 26.50
O7 NAG KA . 4.59 43.39 19.54
C1 NAG LA . 36.23 40.94 -4.65
C2 NAG LA . 35.84 41.36 -3.23
C3 NAG LA . 36.27 42.81 -2.96
C4 NAG LA . 37.73 43.04 -3.32
C5 NAG LA . 37.96 42.59 -4.77
C6 NAG LA . 39.39 42.74 -5.24
C7 NAG LA . 33.89 40.35 -2.13
C8 NAG LA . 32.38 40.36 -2.08
N2 NAG LA . 34.43 41.20 -3.01
O3 NAG LA . 36.01 43.09 -1.62
O4 NAG LA . 37.99 44.42 -3.16
O5 NAG LA . 37.60 41.22 -4.88
O6 NAG LA . 40.25 42.02 -4.40
O7 NAG LA . 34.54 39.62 -1.40
C1 NAG MA . -17.95 8.67 -44.58
C2 NAG MA . -18.42 8.21 -45.96
C3 NAG MA . -17.42 7.21 -46.53
C4 NAG MA . -15.99 7.75 -46.49
C5 NAG MA . -15.66 8.24 -45.08
C6 NAG MA . -14.29 8.86 -44.94
C7 NAG MA . -20.87 8.28 -46.23
C8 NAG MA . -22.13 7.48 -46.06
N2 NAG MA . -19.74 7.64 -45.88
O3 NAG MA . -17.83 6.89 -47.84
O4 NAG MA . -15.14 6.71 -46.90
O5 NAG MA . -16.64 9.19 -44.68
O6 NAG MA . -14.09 9.29 -43.63
O7 NAG MA . -20.87 9.43 -46.65
C1 NAG NA . -3.18 -1.92 -31.27
C2 NAG NA . -1.83 -2.53 -31.67
C3 NAG NA . -1.03 -1.57 -32.55
C4 NAG NA . -1.86 -1.05 -33.71
C5 NAG NA . -3.16 -0.44 -33.15
C6 NAG NA . -4.09 0.10 -34.21
C7 NAG NA . -0.88 -4.18 -30.10
C8 NAG NA . -0.05 -4.32 -28.84
N2 NAG NA . -1.08 -2.90 -30.50
O3 NAG NA . 0.12 -2.24 -33.00
O4 NAG NA . -1.09 -0.09 -34.40
O5 NAG NA . -3.84 -1.43 -32.42
O6 NAG NA . -4.44 -0.92 -35.11
O7 NAG NA . -1.32 -5.14 -30.69
C1 NAG OA . 30.14 28.12 -25.81
C2 NAG OA . 31.59 28.62 -25.67
C3 NAG OA . 32.45 28.11 -26.81
C4 NAG OA . 32.34 26.59 -26.94
C5 NAG OA . 30.86 26.21 -27.07
C6 NAG OA . 30.62 24.72 -27.15
C7 NAG OA . 31.75 30.74 -24.42
C8 NAG OA . 31.77 32.24 -24.54
N2 NAG OA . 31.62 30.06 -25.57
O3 NAG OA . 33.77 28.52 -26.56
O4 NAG OA . 33.09 26.20 -28.06
O5 NAG OA . 30.14 26.72 -25.95
O6 NAG OA . 31.24 24.08 -26.05
O7 NAG OA . 31.85 30.19 -23.32
C1 NAG PA . 30.55 16.33 -31.65
C2 NAG PA . 31.51 15.42 -30.85
C3 NAG PA . 32.76 15.09 -31.68
C4 NAG PA . 32.40 14.60 -33.08
C5 NAG PA . 31.44 15.60 -33.74
C6 NAG PA . 30.98 15.19 -35.12
C7 NAG PA . 32.47 17.11 -29.23
C8 NAG PA . 32.63 17.33 -27.76
N2 NAG PA . 31.84 15.96 -29.55
O3 NAG PA . 33.52 14.14 -30.97
O4 NAG PA . 33.60 14.47 -33.81
O5 NAG PA . 30.30 15.75 -32.92
O6 NAG PA . 29.95 16.06 -35.55
O7 NAG PA . 32.90 17.93 -30.03
C1 NAG QA . -5.37 37.15 -30.83
C2 NAG QA . -4.79 38.13 -31.85
C3 NAG QA . -4.56 39.49 -31.19
C4 NAG QA . -5.78 39.98 -30.42
C5 NAG QA . -6.24 38.87 -29.46
C6 NAG QA . -7.46 39.22 -28.65
C7 NAG QA . -3.42 37.11 -33.63
C8 NAG QA . -2.03 36.63 -33.98
N2 NAG QA . -3.56 37.62 -32.40
O3 NAG QA . -4.18 40.40 -32.20
O4 NAG QA . -5.40 41.15 -29.73
O5 NAG QA . -6.50 37.71 -30.22
O6 NAG QA . -7.14 40.26 -27.74
O7 NAG QA . -4.34 37.02 -34.44
C1 NAG RA . -23.43 27.22 -27.89
C2 NAG RA . -23.62 28.75 -27.78
C3 NAG RA . -24.57 29.08 -26.64
C4 NAG RA . -25.88 28.29 -26.73
C5 NAG RA . -25.55 26.80 -26.84
C6 NAG RA . -26.76 25.91 -26.99
C7 NAG RA . -21.82 30.28 -28.46
C8 NAG RA . -20.49 30.87 -28.03
N2 NAG RA . -22.36 29.41 -27.58
O3 NAG RA . -24.80 30.47 -26.66
O4 NAG RA . -26.63 28.58 -25.58
O5 NAG RA . -24.70 26.61 -27.96
O6 NAG RA . -27.58 26.02 -25.84
O7 NAG RA . -22.34 30.58 -29.52
C1 NAG SA . -7.51 33.37 -38.33
C2 NAG SA . -8.88 33.98 -38.04
C3 NAG SA . -9.81 33.77 -39.24
C4 NAG SA . -9.17 34.26 -40.53
C5 NAG SA . -7.79 33.62 -40.69
C6 NAG SA . -7.03 34.09 -41.91
C7 NAG SA . -9.40 34.03 -35.63
C8 NAG SA . -10.07 33.27 -34.52
N2 NAG SA . -9.45 33.43 -36.84
O3 NAG SA . -11.02 34.43 -38.96
O4 NAG SA . -10.04 33.90 -41.59
O5 NAG SA . -7.01 33.89 -39.53
O6 NAG SA . -7.77 33.80 -43.07
O7 NAG SA . -8.85 35.10 -35.44
C1 NAG TA . 10.45 38.44 -44.20
C2 NAG TA . 9.64 38.62 -45.49
C3 NAG TA . 10.58 38.80 -46.69
C4 NAG TA . 11.63 39.87 -46.44
C5 NAG TA . 12.35 39.56 -45.12
C6 NAG TA . 13.40 40.58 -44.74
C7 NAG TA . 7.41 37.56 -45.54
C8 NAG TA . 6.70 36.27 -45.81
N2 NAG TA . 8.75 37.51 -45.69
O3 NAG TA . 9.78 39.09 -47.82
O4 NAG TA . 12.51 39.88 -47.54
O5 NAG TA . 11.40 39.48 -44.08
O6 NAG TA . 13.93 40.27 -43.48
O7 NAG TA . 6.82 38.58 -45.21
C1 NAG UA . 30.19 36.80 -39.83
C2 NAG UA . 31.72 36.72 -39.82
C3 NAG UA . 32.26 37.28 -38.51
C4 NAG UA . 31.70 38.66 -38.21
C5 NAG UA . 30.16 38.62 -38.28
C6 NAG UA . 29.50 39.96 -38.06
C7 NAG UA . 32.79 34.92 -41.12
C8 NAG UA . 33.15 33.45 -41.11
N2 NAG UA . 32.16 35.36 -40.03
O3 NAG UA . 33.66 37.28 -38.59
O4 NAG UA . 32.16 39.04 -36.93
O5 NAG UA . 29.78 38.13 -39.56
O6 NAG UA . 29.95 40.88 -39.01
O7 NAG UA . 33.08 35.63 -42.07
C1 NAG VA . 5.30 17.56 -44.15
C2 NAG VA . 5.33 17.75 -45.68
C3 NAG VA . 4.76 16.47 -46.32
C4 NAG VA . 5.49 15.22 -45.84
C5 NAG VA . 5.53 15.21 -44.30
C6 NAG VA . 6.31 14.05 -43.72
C7 NAG VA . 4.97 19.75 -47.05
C8 NAG VA . 4.05 20.90 -47.32
N2 NAG VA . 4.58 18.90 -46.09
O3 NAG VA . 4.84 16.63 -47.72
O4 NAG VA . 4.81 14.11 -46.35
O5 NAG VA . 6.09 16.43 -43.82
O6 NAG VA . 5.67 12.84 -44.02
O7 NAG VA . 6.01 19.60 -47.68
C1 NAG WA . 0.29 19.59 -43.15
C2 NAG WA . -0.18 18.18 -43.57
C3 NAG WA . 0.37 17.84 -44.95
C4 NAG WA . 0.02 18.93 -45.96
C5 NAG WA . 0.53 20.28 -45.43
C6 NAG WA . 0.19 21.45 -46.32
C7 NAG WA . -0.62 16.31 -42.03
C8 NAG WA . 0.01 15.35 -41.06
N2 NAG WA . 0.22 17.19 -42.61
O3 NAG WA . -0.17 16.60 -45.33
O4 NAG WA . 0.63 18.59 -47.19
O5 NAG WA . -0.03 20.51 -44.16
O6 NAG WA . 0.70 21.23 -47.62
O7 NAG WA . -1.82 16.28 -42.25
C1 NAG XA . 5.75 27.04 -48.56
C2 NAG XA . 4.26 27.29 -48.82
C3 NAG XA . 4.00 27.34 -50.33
C4 NAG XA . 4.92 28.35 -51.00
C5 NAG XA . 6.38 28.07 -50.61
C6 NAG XA . 7.36 29.08 -51.17
C7 NAG XA . 3.34 25.00 -48.25
C8 NAG XA . 2.33 24.35 -47.34
N2 NAG XA . 3.42 26.34 -48.12
O3 NAG XA . 2.64 27.64 -50.52
O4 NAG XA . 4.72 28.23 -52.39
O5 NAG XA . 6.50 28.06 -49.20
O6 NAG XA . 8.65 28.83 -50.64
O7 NAG XA . 4.01 24.32 -49.01
C1 NAG YA . 3.17 37.23 -23.07
C2 NAG YA . 2.96 37.20 -21.55
C3 NAG YA . 2.56 38.59 -21.04
C4 NAG YA . 3.55 39.65 -21.50
C5 NAG YA . 3.69 39.58 -23.03
C6 NAG YA . 4.70 40.55 -23.59
C7 NAG YA . 2.28 35.05 -20.57
C8 NAG YA . 1.10 34.15 -20.28
N2 NAG YA . 1.98 36.22 -21.19
O3 NAG YA . 2.48 38.53 -19.64
O4 NAG YA . 3.06 40.91 -21.08
O5 NAG YA . 4.08 38.27 -23.40
O6 NAG YA . 5.96 40.30 -23.02
O7 NAG YA . 3.42 34.73 -20.28
C1 NAG ZA . 44.02 -13.57 24.59
C2 NAG ZA . 44.95 -12.37 24.45
C3 NAG ZA . 46.38 -12.75 24.85
C4 NAG ZA . 46.41 -13.44 26.21
C5 NAG ZA . 45.43 -14.61 26.21
C6 NAG ZA . 45.34 -15.36 27.52
C7 NAG ZA . 44.20 -10.78 22.71
C8 NAG ZA . 44.32 -10.42 21.26
N2 NAG ZA . 44.92 -11.85 23.10
O3 NAG ZA . 47.17 -11.59 24.82
O4 NAG ZA . 47.74 -13.86 26.44
O5 NAG ZA . 44.14 -14.13 25.88
O6 NAG ZA . 44.93 -14.47 28.54
O7 NAG ZA . 43.48 -10.15 23.47
C1 NAG AB . -13.38 -26.01 -3.06
C2 NAG AB . -13.67 -26.16 -1.55
C3 NAG AB . -12.90 -27.34 -0.97
C4 NAG AB . -13.11 -28.61 -1.79
C5 NAG AB . -12.78 -28.32 -3.26
C6 NAG AB . -12.96 -29.49 -4.18
C7 NAG AB . -14.24 -24.09 -0.34
C8 NAG AB . -13.65 -22.89 0.36
N2 NAG AB . -13.33 -24.94 -0.86
O3 NAG AB . -13.31 -27.50 0.36
O4 NAG AB . -12.28 -29.61 -1.25
O5 NAG AB . -13.60 -27.25 -3.71
O6 NAG AB . -12.05 -30.52 -3.84
O7 NAG AB . -15.45 -24.27 -0.39
C1 NAG BB . 23.96 -28.90 21.12
C2 NAG BB . 23.73 -30.42 21.19
C3 NAG BB . 22.95 -30.83 22.45
C4 NAG BB . 23.47 -30.17 23.71
C5 NAG BB . 23.49 -28.66 23.47
C6 NAG BB . 23.97 -27.86 24.66
C7 NAG BB . 21.85 -30.67 19.50
C8 NAG BB . 21.53 -31.41 18.24
N2 NAG BB . 23.08 -30.94 20.00
O3 NAG BB . 22.99 -32.23 22.54
O4 NAG BB . 22.62 -30.52 24.77
O5 NAG BB . 24.35 -28.40 22.38
O6 NAG BB . 25.27 -28.27 25.00
O7 NAG BB . 21.03 -29.89 19.98
C1 NAG CB . 10.62 -28.03 -29.94
C2 NAG CB . 12.12 -28.28 -30.15
C3 NAG CB . 12.70 -27.24 -31.11
C4 NAG CB . 11.89 -27.15 -32.40
C5 NAG CB . 10.42 -26.90 -32.06
C6 NAG CB . 9.52 -26.82 -33.27
C7 NAG CB . 13.77 -29.15 -28.57
C8 NAG CB . 14.43 -28.90 -27.23
N2 NAG CB . 12.86 -28.24 -28.93
O3 NAG CB . 14.04 -27.58 -31.35
O4 NAG CB . 12.43 -26.11 -33.18
O5 NAG CB . 9.97 -27.93 -31.20
O6 NAG CB . 8.65 -25.73 -33.14
O7 NAG CB . 14.06 -30.11 -29.25
C1 NAG DB . 17.62 -40.67 -15.90
C2 NAG DB . 17.90 -40.08 -17.29
C3 NAG DB . 17.21 -40.92 -18.36
C4 NAG DB . 17.57 -42.40 -18.23
C5 NAG DB . 17.29 -42.86 -16.79
C6 NAG DB . 17.65 -44.30 -16.52
C7 NAG DB . 18.31 -37.66 -17.21
C8 NAG DB . 17.65 -36.30 -17.31
N2 NAG DB . 17.48 -38.71 -17.35
O3 NAG DB . 17.58 -40.41 -19.62
O4 NAG DB . 16.80 -43.11 -19.17
O5 NAG DB . 17.99 -42.04 -15.89
O6 NAG DB . 17.45 -44.60 -15.16
O7 NAG DB . 19.51 -37.77 -17.01
C1 NAG EB . 25.70 -48.11 0.83
C2 NAG EB . 25.52 -49.53 0.25
C3 NAG EB . 25.99 -50.58 1.26
C4 NAG EB . 27.38 -50.27 1.81
C5 NAG EB . 27.39 -48.85 2.36
C6 NAG EB . 28.73 -48.41 2.92
C7 NAG EB . 23.67 -49.90 -1.35
C8 NAG EB . 22.19 -50.17 -1.44
N2 NAG EB . 24.14 -49.78 -0.10
O3 NAG EB . 25.94 -51.83 0.63
O4 NAG EB . 27.64 -51.22 2.82
O5 NAG EB . 27.03 -47.97 1.31
O6 NAG EB . 29.03 -49.16 4.07
O7 NAG EB . 24.37 -49.81 -2.34
C1 NAG FB . 29.08 -48.30 19.61
C2 NAG FB . 29.45 -47.57 20.92
C3 NAG FB . 30.47 -48.43 21.69
C4 NAG FB . 30.00 -49.87 21.86
C5 NAG FB . 29.59 -50.43 20.49
C6 NAG FB . 29.05 -51.85 20.55
C7 NAG FB . 29.53 -45.13 21.19
C8 NAG FB . 30.25 -43.88 20.76
N2 NAG FB . 29.99 -46.27 20.65
O3 NAG FB . 30.70 -47.80 22.93
O4 NAG FB . 31.07 -50.59 22.42
O5 NAG FB . 28.61 -49.59 19.92
O6 NAG FB . 30.09 -52.73 20.91
O7 NAG FB . 28.60 -45.08 21.98
C1 NAG GB . 4.52 -44.20 0.77
C2 NAG GB . 3.48 -43.68 -0.23
C3 NAG GB . 2.23 -44.55 -0.17
C4 NAG GB . 2.57 -46.03 -0.35
C5 NAG GB . 3.66 -46.43 0.64
C6 NAG GB . 4.14 -47.85 0.49
C7 NAG GB . 3.68 -41.27 -0.65
C8 NAG GB . 3.21 -39.91 -0.20
N2 NAG GB . 3.16 -42.30 0.03
O3 NAG GB . 1.34 -44.10 -1.16
O4 NAG GB . 1.39 -46.77 -0.16
O5 NAG GB . 4.78 -45.56 0.50
O6 NAG GB . 4.64 -48.05 -0.82
O7 NAG GB . 4.49 -41.40 -1.56
C1 NAG HB . 5.24 -42.54 -4.85
C2 NAG HB . 3.71 -42.61 -5.00
C3 NAG HB . 3.18 -43.89 -4.36
C4 NAG HB . 3.91 -45.12 -4.88
C5 NAG HB . 5.42 -44.94 -4.69
C6 NAG HB . 6.24 -46.07 -5.23
C7 NAG HB . 2.25 -40.65 -5.12
C8 NAG HB . 1.69 -39.48 -4.33
N2 NAG HB . 3.07 -41.45 -4.44
O3 NAG HB . 1.80 -43.95 -4.60
O4 NAG HB . 3.43 -46.24 -4.17
O5 NAG HB . 5.82 -43.74 -5.33
O6 NAG HB . 5.91 -47.27 -4.55
O7 NAG HB . 1.96 -40.81 -6.29
C1 NAG IB . 11.85 -50.30 -1.67
C2 NAG IB . 11.36 -50.41 -3.12
C3 NAG IB . 10.72 -51.78 -3.34
C4 NAG IB . 11.67 -52.90 -2.92
C5 NAG IB . 12.15 -52.66 -1.48
C6 NAG IB . 13.17 -53.68 -0.99
C7 NAG IB . 10.78 -48.25 -4.12
C8 NAG IB . 9.67 -47.25 -4.33
N2 NAG IB . 10.45 -49.34 -3.41
O3 NAG IB . 10.37 -51.88 -4.69
O4 NAG IB . 10.97 -54.12 -3.05
O5 NAG IB . 12.73 -51.37 -1.39
O6 NAG IB . 14.28 -53.67 -1.85
O7 NAG IB . 11.90 -48.06 -4.58
C1 NAG JB . 54.45 14.75 4.13
C2 NAG JB . 54.76 13.59 5.08
C3 NAG JB . 55.63 12.53 4.38
C4 NAG JB . 55.04 12.13 3.03
C5 NAG JB . 54.77 13.39 2.19
C6 NAG JB . 54.13 13.11 0.85
C7 NAG JB . 56.52 14.68 6.55
C8 NAG JB . 56.79 14.97 8.01
N2 NAG JB . 55.35 14.02 6.33
O3 NAG JB . 55.75 11.43 5.24
O4 NAG JB . 55.97 11.27 2.40
O5 NAG JB . 53.92 14.26 2.92
O6 NAG JB . 53.70 14.32 0.27
O7 NAG JB . 57.32 15.01 5.69
C1 NAG KB . 57.38 33.16 0.04
C2 NAG KB . 57.82 32.61 -1.32
C3 NAG KB . 59.29 32.95 -1.57
C4 NAG KB . 59.56 34.45 -1.36
C5 NAG KB . 59.05 34.87 0.02
C6 NAG KB . 59.22 36.34 0.31
C7 NAG KB . 57.02 30.57 -2.44
C8 NAG KB . 56.92 29.07 -2.32
N2 NAG KB . 57.62 31.19 -1.41
O3 NAG KB . 59.62 32.54 -2.87
O4 NAG KB . 60.96 34.64 -1.48
O5 NAG KB . 57.68 34.54 0.12
O6 NAG KB . 58.59 36.67 1.52
O7 NAG KB . 56.57 31.16 -3.42
C1 NAG LB . 26.55 2.44 48.19
C2 NAG LB . 25.76 3.73 48.51
C3 NAG LB . 24.87 3.51 49.74
C4 NAG LB . 24.02 2.27 49.57
C5 NAG LB . 24.89 1.06 49.21
C6 NAG LB . 24.12 -0.21 48.96
C7 NAG LB . 27.61 5.14 49.50
C8 NAG LB . 28.28 6.48 49.31
N2 NAG LB . 26.62 4.89 48.62
O3 NAG LB . 24.09 4.66 49.91
O4 NAG LB . 23.33 2.07 50.79
O5 NAG LB . 25.66 1.37 48.05
O6 NAG LB . 24.96 -1.16 48.35
O7 NAG LB . 27.98 4.39 50.40
C1 NAG MB . 42.88 -7.96 44.96
C2 NAG MB . 44.05 -7.34 45.74
C3 NAG MB . 44.08 -7.86 47.18
C4 NAG MB . 42.72 -7.71 47.86
C5 NAG MB . 41.67 -8.46 47.03
C6 NAG MB . 40.26 -8.32 47.58
C7 NAG MB . 46.09 -6.81 44.46
C8 NAG MB . 47.30 -7.44 43.82
N2 NAG MB . 45.27 -7.68 45.07
O3 NAG MB . 45.07 -7.16 47.87
O4 NAG MB . 42.83 -8.24 49.16
O5 NAG MB . 41.66 -7.96 45.71
O6 NAG MB . 39.95 -6.97 47.74
O7 NAG MB . 45.88 -5.60 44.42
C1 NAG NB . 20.90 -8.60 39.37
C2 NAG NB . 21.71 -9.62 40.19
C3 NAG NB . 21.15 -11.04 39.99
C4 NAG NB . 19.64 -11.08 40.21
C5 NAG NB . 18.98 -10.01 39.33
C6 NAG NB . 17.47 -9.93 39.49
C7 NAG NB . 24.11 -9.37 40.72
C8 NAG NB . 25.49 -9.38 40.12
N2 NAG NB . 23.10 -9.59 39.85
O3 NAG NB . 21.82 -11.90 40.86
O4 NAG NB . 19.20 -12.38 39.87
O5 NAG NB . 19.54 -8.74 39.66
O6 NAG NB . 17.15 -9.76 40.85
O7 NAG NB . 23.92 -9.16 41.91
#